data_1UUC
#
_entry.id   1UUC
#
_cell.length_a   1.000
_cell.length_b   1.000
_cell.length_c   1.000
_cell.angle_alpha   90.00
_cell.angle_beta   90.00
_cell.angle_gamma   90.00
#
_symmetry.space_group_name_H-M   'P 1'
#
_entity_poly.entity_id   1
_entity_poly.type   'polypeptide(L)'
_entity_poly.pdbx_seq_one_letter_code
;KNEDQEMCHEFQAFMKNGKLFCPQDKKPIQSLDGIMFINKCATCKMILEKEAKSQ
;
_entity_poly.pdbx_strand_id   A
#
# COMPACT_ATOMS: atom_id res chain seq x y z
N LYS A 1 7.22 -9.74 2.01
CA LYS A 1 7.71 -10.53 0.85
C LYS A 1 7.23 -9.89 -0.45
N ASN A 2 7.59 -10.45 -1.57
CA ASN A 2 7.14 -9.88 -2.87
C ASN A 2 5.60 -9.81 -2.90
N GLU A 3 4.95 -10.73 -2.26
CA GLU A 3 3.46 -10.72 -2.24
C GLU A 3 2.97 -9.44 -1.57
N ASP A 4 3.70 -8.95 -0.61
CA ASP A 4 3.28 -7.71 0.10
C ASP A 4 3.22 -6.55 -0.91
N GLN A 5 4.03 -6.60 -1.93
CA GLN A 5 4.02 -5.52 -2.95
C GLN A 5 2.71 -5.57 -3.72
N GLU A 6 2.16 -6.74 -3.91
CA GLU A 6 0.88 -6.84 -4.67
C GLU A 6 -0.20 -6.00 -3.99
N MET A 7 -0.25 -6.04 -2.68
CA MET A 7 -1.27 -5.25 -1.94
C MET A 7 -1.06 -3.76 -2.24
N CYS A 8 0.16 -3.37 -2.49
CA CYS A 8 0.43 -1.93 -2.78
C CYS A 8 -0.03 -1.61 -4.20
N HIS A 9 -0.18 -2.62 -5.03
CA HIS A 9 -0.62 -2.36 -6.44
C HIS A 9 -1.95 -1.61 -6.41
N GLU A 10 -2.95 -2.16 -5.79
CA GLU A 10 -4.27 -1.48 -5.74
C GLU A 10 -4.11 -0.15 -4.99
N PHE A 11 -3.28 -0.12 -3.98
CA PHE A 11 -3.07 1.14 -3.22
C PHE A 11 -2.12 2.04 -4.01
N GLN A 12 -1.54 1.53 -5.05
CA GLN A 12 -0.61 2.35 -5.88
C GLN A 12 -1.44 3.27 -6.78
N ALA A 13 -2.53 2.79 -7.29
CA ALA A 13 -3.39 3.64 -8.16
C ALA A 13 -4.05 4.70 -7.30
N PHE A 14 -4.37 4.38 -6.07
CA PHE A 14 -5.00 5.37 -5.18
C PHE A 14 -3.94 6.35 -4.66
N MET A 15 -2.70 6.14 -5.03
CA MET A 15 -1.63 7.05 -4.57
C MET A 15 -1.62 8.31 -5.42
N LYS A 16 -1.52 9.46 -4.81
CA LYS A 16 -1.52 10.72 -5.60
C LYS A 16 -0.61 11.75 -4.92
N ASN A 17 0.01 12.61 -5.68
CA ASN A 17 0.91 13.64 -5.08
C ASN A 17 1.88 12.96 -4.11
N GLY A 18 2.24 11.74 -4.37
CA GLY A 18 3.19 11.03 -3.46
C GLY A 18 2.45 10.64 -2.19
N LYS A 19 1.15 10.69 -2.22
CA LYS A 19 0.36 10.33 -1.00
C LYS A 19 -0.46 9.07 -1.28
N LEU A 20 -0.72 8.28 -0.28
CA LEU A 20 -1.52 7.04 -0.50
C LEU A 20 -2.96 7.25 -0.05
N PHE A 21 -3.85 7.47 -0.98
CA PHE A 21 -5.28 7.68 -0.59
C PHE A 21 -5.96 6.32 -0.40
N CYS A 22 -5.45 5.53 0.51
CA CYS A 22 -6.05 4.19 0.75
C CYS A 22 -7.52 4.32 1.15
N PRO A 23 -8.43 3.91 0.27
CA PRO A 23 -9.87 3.97 0.52
C PRO A 23 -10.33 2.80 1.41
N GLN A 24 -11.56 2.84 1.87
CA GLN A 24 -12.05 1.73 2.73
C GLN A 24 -12.52 0.57 1.84
N ASP A 25 -11.84 -0.55 1.91
CA ASP A 25 -12.24 -1.71 1.07
C ASP A 25 -13.30 -2.54 1.81
N LYS A 26 -14.40 -2.80 1.18
CA LYS A 26 -15.48 -3.60 1.85
C LYS A 26 -14.90 -4.95 2.29
N LYS A 27 -13.94 -5.46 1.57
CA LYS A 27 -13.34 -6.77 1.96
C LYS A 27 -12.05 -6.53 2.75
N PRO A 28 -12.08 -6.81 4.06
CA PRO A 28 -10.93 -6.63 4.94
C PRO A 28 -9.82 -7.64 4.65
N ILE A 29 -8.59 -7.20 4.64
CA ILE A 29 -7.46 -8.13 4.37
C ILE A 29 -6.59 -8.25 5.63
N GLN A 30 -5.87 -9.34 5.76
CA GLN A 30 -5.00 -9.50 6.96
C GLN A 30 -3.56 -9.15 6.59
N SER A 31 -3.04 -8.07 7.10
CA SER A 31 -1.65 -7.67 6.79
C SER A 31 -0.67 -8.46 7.66
N LEU A 32 0.57 -8.52 7.27
CA LEU A 32 1.57 -9.27 8.07
C LEU A 32 2.40 -8.27 8.89
N ASP A 33 2.27 -7.01 8.61
CA ASP A 33 3.04 -5.98 9.37
C ASP A 33 2.48 -5.86 10.80
N GLY A 34 1.42 -6.56 11.09
CA GLY A 34 0.83 -6.49 12.46
C GLY A 34 -0.42 -5.60 12.43
N ILE A 35 -0.86 -5.22 11.27
CA ILE A 35 -2.07 -4.36 11.17
C ILE A 35 -3.17 -5.09 10.40
N MET A 36 -4.38 -4.64 10.50
CA MET A 36 -5.50 -5.30 9.77
C MET A 36 -5.89 -4.48 8.54
N PHE A 37 -5.48 -4.90 7.38
CA PHE A 37 -5.83 -4.15 6.13
C PHE A 37 -5.15 -2.78 6.13
N ILE A 38 -5.43 -1.97 7.12
CA ILE A 38 -4.81 -0.62 7.19
C ILE A 38 -3.34 -0.71 6.78
N ASN A 39 -2.72 -1.84 6.98
CA ASN A 39 -1.28 -1.99 6.60
C ASN A 39 -1.09 -1.56 5.14
N LYS A 40 -1.99 -1.94 4.28
CA LYS A 40 -1.84 -1.57 2.84
C LYS A 40 -1.42 -0.11 2.74
N CYS A 41 -1.98 0.75 3.55
CA CYS A 41 -1.61 2.19 3.50
C CYS A 41 -0.22 2.38 4.12
N ALA A 42 0.07 1.69 5.18
CA ALA A 42 1.41 1.84 5.84
C ALA A 42 2.46 1.04 5.07
N THR A 43 2.06 0.03 4.35
CA THR A 43 3.04 -0.78 3.58
C THR A 43 3.15 -0.24 2.16
N CYS A 44 2.05 -0.14 1.48
CA CYS A 44 2.07 0.38 0.09
C CYS A 44 2.73 1.76 0.07
N LYS A 45 2.44 2.59 1.04
CA LYS A 45 3.05 3.94 1.07
C LYS A 45 4.58 3.81 0.99
N MET A 46 5.15 2.98 1.83
CA MET A 46 6.62 2.81 1.80
C MET A 46 7.03 2.10 0.50
N ILE A 47 6.13 1.35 -0.08
CA ILE A 47 6.46 0.64 -1.34
C ILE A 47 6.26 1.59 -2.52
N LEU A 48 5.37 2.54 -2.39
CA LEU A 48 5.14 3.50 -3.50
C LEU A 48 6.27 4.53 -3.51
N GLU A 49 6.86 4.78 -2.37
CA GLU A 49 7.97 5.77 -2.30
C GLU A 49 9.24 5.16 -2.91
N LYS A 50 9.44 3.89 -2.72
CA LYS A 50 10.65 3.23 -3.29
C LYS A 50 10.72 3.52 -4.79
N GLU A 51 9.60 3.51 -5.46
CA GLU A 51 9.61 3.79 -6.92
C GLU A 51 10.13 5.20 -7.18
N ALA A 52 9.89 6.11 -6.26
CA ALA A 52 10.35 7.51 -6.45
C ALA A 52 11.89 7.52 -6.47
N LYS A 53 12.51 6.57 -5.84
CA LYS A 53 14.00 6.53 -5.83
C LYS A 53 14.52 6.38 -7.26
N SER A 54 13.78 5.71 -8.10
CA SER A 54 14.23 5.53 -9.51
C SER A 54 14.37 6.90 -10.18
N GLN A 55 13.63 7.87 -9.73
CA GLN A 55 13.72 9.23 -10.35
C GLN A 55 15.11 9.81 -10.08
N LYS A 1 7.80 -11.72 2.43
CA LYS A 1 7.85 -10.23 2.43
C LYS A 1 7.75 -9.72 1.00
N ASN A 2 8.37 -10.38 0.07
CA ASN A 2 8.32 -9.92 -1.35
C ASN A 2 6.86 -9.86 -1.80
N GLU A 3 6.04 -10.75 -1.31
CA GLU A 3 4.60 -10.75 -1.72
C GLU A 3 3.93 -9.47 -1.19
N ASP A 4 4.38 -8.97 -0.07
CA ASP A 4 3.78 -7.74 0.49
C ASP A 4 3.97 -6.58 -0.49
N GLN A 5 4.99 -6.64 -1.30
CA GLN A 5 5.24 -5.54 -2.27
C GLN A 5 4.11 -5.54 -3.33
N GLU A 6 3.45 -6.64 -3.50
CA GLU A 6 2.35 -6.70 -4.50
C GLU A 6 1.12 -5.99 -3.94
N MET A 7 0.95 -6.01 -2.65
CA MET A 7 -0.23 -5.33 -2.05
C MET A 7 -0.15 -3.82 -2.29
N CYS A 8 1.04 -3.30 -2.38
CA CYS A 8 1.19 -1.83 -2.62
C CYS A 8 0.69 -1.49 -4.03
N HIS A 9 0.98 -2.32 -4.99
CA HIS A 9 0.52 -2.03 -6.37
C HIS A 9 -0.95 -1.58 -6.32
N GLU A 10 -1.75 -2.25 -5.54
CA GLU A 10 -3.19 -1.86 -5.43
C GLU A 10 -3.31 -0.46 -4.83
N PHE A 11 -2.40 -0.08 -3.96
CA PHE A 11 -2.49 1.27 -3.36
C PHE A 11 -1.76 2.27 -4.27
N GLN A 12 -0.94 1.80 -5.16
CA GLN A 12 -0.21 2.72 -6.08
C GLN A 12 -1.22 3.47 -6.94
N ALA A 13 -2.33 2.86 -7.27
CA ALA A 13 -3.35 3.55 -8.10
C ALA A 13 -4.09 4.58 -7.24
N PHE A 14 -4.17 4.35 -5.96
CA PHE A 14 -4.87 5.32 -5.07
C PHE A 14 -3.89 6.42 -4.65
N MET A 15 -2.66 6.35 -5.10
CA MET A 15 -1.68 7.40 -4.74
C MET A 15 -1.89 8.63 -5.62
N LYS A 16 -1.97 9.79 -5.01
CA LYS A 16 -2.19 11.03 -5.82
C LYS A 16 -1.32 12.16 -5.26
N ASN A 17 -0.91 13.08 -6.10
CA ASN A 17 -0.07 14.21 -5.62
C ASN A 17 1.05 13.67 -4.72
N GLY A 18 1.51 12.48 -4.97
CA GLY A 18 2.60 11.90 -4.13
C GLY A 18 2.03 11.54 -2.76
N LYS A 19 0.74 11.34 -2.69
CA LYS A 19 0.11 10.98 -1.39
C LYS A 19 -0.66 9.67 -1.54
N LEU A 20 -0.65 8.83 -0.54
CA LEU A 20 -1.37 7.54 -0.64
C LEU A 20 -2.78 7.70 -0.05
N PHE A 21 -3.79 7.47 -0.84
CA PHE A 21 -5.17 7.61 -0.32
C PHE A 21 -5.61 6.28 0.29
N CYS A 22 -5.90 6.27 1.56
CA CYS A 22 -6.32 5.00 2.23
C CYS A 22 -7.83 5.02 2.46
N PRO A 23 -8.63 4.88 1.38
CA PRO A 23 -10.10 4.88 1.47
C PRO A 23 -10.63 3.62 2.15
N GLN A 24 -11.86 3.63 2.58
CA GLN A 24 -12.42 2.43 3.25
C GLN A 24 -12.73 1.36 2.20
N ASP A 25 -12.15 0.20 2.32
CA ASP A 25 -12.42 -0.87 1.32
C ASP A 25 -13.56 -1.76 1.82
N LYS A 26 -14.61 -1.89 1.06
CA LYS A 26 -15.76 -2.72 1.49
C LYS A 26 -15.25 -4.13 1.86
N LYS A 27 -14.27 -4.61 1.16
CA LYS A 27 -13.73 -5.96 1.47
C LYS A 27 -12.39 -5.82 2.18
N PRO A 28 -12.38 -6.01 3.52
CA PRO A 28 -11.17 -5.91 4.34
C PRO A 28 -10.20 -7.06 4.08
N ILE A 29 -8.93 -6.79 4.05
CA ILE A 29 -7.93 -7.88 3.81
C ILE A 29 -7.12 -8.12 5.08
N GLN A 30 -6.56 -9.30 5.22
CA GLN A 30 -5.76 -9.61 6.44
C GLN A 30 -4.28 -9.39 6.13
N SER A 31 -3.67 -8.41 6.71
CA SER A 31 -2.23 -8.15 6.44
C SER A 31 -1.36 -9.11 7.26
N LEU A 32 -0.07 -9.08 7.04
CA LEU A 32 0.82 -10.00 7.80
C LEU A 32 1.66 -9.17 8.78
N ASP A 33 1.57 -7.88 8.72
CA ASP A 33 2.36 -7.03 9.65
C ASP A 33 1.66 -6.95 11.01
N GLY A 34 0.61 -7.70 11.19
CA GLY A 34 -0.13 -7.67 12.49
C GLY A 34 -1.26 -6.64 12.40
N ILE A 35 -1.49 -6.07 11.25
CA ILE A 35 -2.57 -5.07 11.11
C ILE A 35 -3.69 -5.65 10.23
N MET A 36 -4.81 -4.98 10.15
CA MET A 36 -5.92 -5.50 9.31
C MET A 36 -6.14 -4.56 8.12
N PHE A 37 -5.71 -4.97 6.94
CA PHE A 37 -5.90 -4.11 5.74
C PHE A 37 -5.06 -2.84 5.86
N ILE A 38 -5.27 -2.06 6.88
CA ILE A 38 -4.49 -0.80 7.05
C ILE A 38 -3.02 -1.06 6.70
N ASN A 39 -2.56 -2.27 6.85
CA ASN A 39 -1.14 -2.57 6.53
C ASN A 39 -0.84 -2.20 5.08
N LYS A 40 -1.73 -2.53 4.17
CA LYS A 40 -1.49 -2.18 2.74
C LYS A 40 -0.96 -0.75 2.65
N CYS A 41 -1.52 0.13 3.42
CA CYS A 41 -1.05 1.54 3.41
C CYS A 41 0.28 1.62 4.15
N ALA A 42 0.36 0.98 5.28
CA ALA A 42 1.63 1.00 6.07
C ALA A 42 2.73 0.26 5.31
N THR A 43 2.35 -0.62 4.42
CA THR A 43 3.38 -1.37 3.64
C THR A 43 3.50 -0.75 2.25
N CYS A 44 2.43 -0.27 1.71
CA CYS A 44 2.49 0.34 0.35
C CYS A 44 3.11 1.73 0.43
N LYS A 45 2.87 2.44 1.50
CA LYS A 45 3.45 3.81 1.62
C LYS A 45 4.98 3.71 1.64
N MET A 46 5.51 2.73 2.31
CA MET A 46 6.99 2.59 2.37
C MET A 46 7.48 1.87 1.10
N ILE A 47 6.64 1.08 0.50
CA ILE A 47 7.04 0.35 -0.72
C ILE A 47 6.65 1.17 -1.96
N LEU A 48 5.81 2.15 -1.78
CA LEU A 48 5.38 2.98 -2.93
C LEU A 48 6.40 4.10 -3.14
N GLU A 49 7.21 4.36 -2.16
CA GLU A 49 8.23 5.43 -2.30
C GLU A 49 9.36 4.93 -3.21
N LYS A 50 9.60 3.65 -3.21
CA LYS A 50 10.68 3.09 -4.06
C LYS A 50 10.37 3.40 -5.53
N GLU A 51 9.12 3.37 -5.90
CA GLU A 51 8.76 3.67 -7.32
C GLU A 51 9.18 5.11 -7.65
N ALA A 52 9.10 5.99 -6.71
CA ALA A 52 9.49 7.41 -6.97
C ALA A 52 10.99 7.46 -7.29
N LYS A 53 11.74 6.54 -6.77
CA LYS A 53 13.21 6.54 -7.05
C LYS A 53 13.45 6.39 -8.55
N SER A 54 12.57 5.71 -9.24
CA SER A 54 12.75 5.53 -10.71
C SER A 54 12.78 6.91 -11.38
N GLN A 55 12.12 7.88 -10.81
CA GLN A 55 12.11 9.24 -11.42
C GLN A 55 12.58 10.26 -10.39
N LYS A 1 7.52 -11.45 1.45
CA LYS A 1 7.21 -9.99 1.50
C LYS A 1 7.09 -9.44 0.08
N ASN A 2 7.87 -9.95 -0.83
CA ASN A 2 7.80 -9.46 -2.24
C ASN A 2 6.37 -9.58 -2.75
N GLU A 3 5.65 -10.57 -2.29
CA GLU A 3 4.24 -10.74 -2.75
C GLU A 3 3.40 -9.55 -2.27
N ASP A 4 3.63 -9.10 -1.08
CA ASP A 4 2.84 -7.94 -0.56
C ASP A 4 3.04 -6.73 -1.49
N GLN A 5 4.19 -6.65 -2.12
CA GLN A 5 4.46 -5.51 -3.04
C GLN A 5 3.42 -5.50 -4.15
N GLU A 6 3.03 -6.66 -4.62
CA GLU A 6 2.01 -6.72 -5.71
C GLU A 6 0.74 -6.01 -5.26
N MET A 7 0.33 -6.21 -4.03
CA MET A 7 -0.90 -5.53 -3.55
C MET A 7 -0.69 -4.01 -3.58
N CYS A 8 0.52 -3.58 -3.40
CA CYS A 8 0.80 -2.11 -3.42
C CYS A 8 0.50 -1.56 -4.82
N HIS A 9 0.72 -2.35 -5.84
CA HIS A 9 0.44 -1.86 -7.22
C HIS A 9 -0.95 -1.25 -7.28
N GLU A 10 -1.94 -1.97 -6.82
CA GLU A 10 -3.33 -1.43 -6.85
C GLU A 10 -3.39 -0.09 -6.12
N PHE A 11 -2.69 0.02 -5.02
CA PHE A 11 -2.72 1.31 -4.26
C PHE A 11 -1.89 2.36 -4.99
N GLN A 12 -1.23 1.99 -6.07
CA GLN A 12 -0.42 2.98 -6.82
C GLN A 12 -1.35 3.90 -7.61
N ALA A 13 -2.47 3.39 -8.04
CA ALA A 13 -3.42 4.24 -8.82
C ALA A 13 -4.13 5.20 -7.87
N PHE A 14 -4.25 4.84 -6.63
CA PHE A 14 -4.93 5.73 -5.64
C PHE A 14 -3.93 6.76 -5.11
N MET A 15 -2.70 6.68 -5.54
CA MET A 15 -1.69 7.66 -5.06
C MET A 15 -1.83 8.97 -5.82
N LYS A 16 -1.86 10.08 -5.12
CA LYS A 16 -2.01 11.39 -5.81
C LYS A 16 -1.14 12.44 -5.12
N ASN A 17 -0.65 13.40 -5.85
CA ASN A 17 0.20 14.46 -5.24
C ASN A 17 1.27 13.80 -4.36
N GLY A 18 1.67 12.60 -4.70
CA GLY A 18 2.70 11.92 -3.87
C GLY A 18 2.07 11.44 -2.56
N LYS A 19 0.77 11.26 -2.56
CA LYS A 19 0.08 10.80 -1.34
C LYS A 19 -0.73 9.54 -1.65
N LEU A 20 -0.80 8.62 -0.73
CA LEU A 20 -1.57 7.38 -0.97
C LEU A 20 -2.96 7.49 -0.34
N PHE A 21 -3.98 7.67 -1.12
CA PHE A 21 -5.36 7.78 -0.55
C PHE A 21 -5.92 6.38 -0.31
N CYS A 22 -6.17 6.03 0.92
CA CYS A 22 -6.72 4.68 1.21
C CYS A 22 -8.14 4.82 1.77
N PRO A 23 -9.15 4.69 0.88
CA PRO A 23 -10.56 4.79 1.26
C PRO A 23 -11.02 3.59 2.10
N GLN A 24 -12.30 3.40 2.22
CA GLN A 24 -12.80 2.25 3.02
C GLN A 24 -12.89 1.01 2.12
N ASP A 25 -12.12 -0.01 2.41
CA ASP A 25 -12.16 -1.24 1.58
C ASP A 25 -13.25 -2.18 2.11
N LYS A 26 -14.21 -2.50 1.29
CA LYS A 26 -15.30 -3.41 1.76
C LYS A 26 -14.70 -4.77 2.13
N LYS A 27 -13.67 -5.17 1.45
CA LYS A 27 -13.03 -6.48 1.76
C LYS A 27 -12.13 -6.33 2.99
N PRO A 28 -12.15 -7.34 3.88
CA PRO A 28 -11.34 -7.33 5.10
C PRO A 28 -9.85 -7.49 4.80
N ILE A 29 -9.02 -6.67 5.41
CA ILE A 29 -7.55 -6.78 5.15
C ILE A 29 -6.83 -7.16 6.44
N GLN A 30 -5.59 -7.52 6.33
CA GLN A 30 -4.80 -7.91 7.54
C GLN A 30 -3.34 -7.53 7.31
N SER A 31 -2.76 -6.76 8.19
CA SER A 31 -1.34 -6.34 7.99
C SER A 31 -0.40 -7.47 8.40
N LEU A 32 0.66 -7.64 7.67
CA LEU A 32 1.64 -8.72 7.98
C LEU A 32 2.70 -8.17 8.93
N ASP A 33 2.80 -6.87 9.03
CA ASP A 33 3.82 -6.27 9.94
C ASP A 33 3.36 -6.42 11.39
N GLY A 34 2.20 -7.00 11.60
CA GLY A 34 1.70 -7.16 12.99
C GLY A 34 0.63 -6.11 13.27
N ILE A 35 -0.04 -5.66 12.24
CA ILE A 35 -1.10 -4.63 12.44
C ILE A 35 -2.43 -5.13 11.86
N MET A 36 -3.53 -4.75 12.47
CA MET A 36 -4.85 -5.19 11.94
C MET A 36 -5.45 -4.08 11.09
N PHE A 37 -4.60 -3.32 10.43
CA PHE A 37 -5.10 -2.21 9.58
C PHE A 37 -4.95 -2.58 8.11
N ILE A 38 -5.55 -1.83 7.23
CA ILE A 38 -5.43 -2.14 5.77
C ILE A 38 -3.96 -2.43 5.43
N ASN A 39 -3.63 -3.67 5.26
CA ASN A 39 -2.21 -4.02 4.93
C ASN A 39 -1.78 -3.29 3.68
N LYS A 40 -2.51 -3.43 2.61
CA LYS A 40 -2.12 -2.74 1.35
C LYS A 40 -1.69 -1.32 1.64
N CYS A 41 -2.51 -0.55 2.29
CA CYS A 41 -2.14 0.85 2.62
C CYS A 41 -0.97 0.84 3.59
N ALA A 42 -1.04 0.03 4.61
CA ALA A 42 0.04 -0.03 5.62
C ALA A 42 1.35 -0.54 5.00
N THR A 43 1.28 -1.35 3.98
CA THR A 43 2.54 -1.86 3.37
C THR A 43 2.82 -1.13 2.05
N CYS A 44 1.81 -0.94 1.25
CA CYS A 44 2.01 -0.24 -0.05
C CYS A 44 2.61 1.14 0.21
N LYS A 45 2.31 1.73 1.34
CA LYS A 45 2.88 3.08 1.64
C LYS A 45 4.40 3.02 1.52
N MET A 46 5.02 2.11 2.22
CA MET A 46 6.50 2.00 2.14
C MET A 46 6.90 1.50 0.76
N ILE A 47 6.11 0.63 0.19
CA ILE A 47 6.43 0.09 -1.16
C ILE A 47 6.17 1.18 -2.21
N LEU A 48 5.33 2.12 -1.90
CA LEU A 48 5.02 3.22 -2.87
C LEU A 48 6.23 4.16 -2.95
N GLU A 49 6.83 4.46 -1.82
CA GLU A 49 8.01 5.36 -1.84
C GLU A 49 9.15 4.71 -2.63
N LYS A 50 9.22 3.41 -2.60
CA LYS A 50 10.30 2.71 -3.36
C LYS A 50 10.33 3.24 -4.80
N GLU A 51 9.18 3.47 -5.38
CA GLU A 51 9.14 3.98 -6.77
C GLU A 51 9.90 5.30 -6.85
N ALA A 52 9.87 6.08 -5.80
CA ALA A 52 10.61 7.37 -5.81
C ALA A 52 12.11 7.11 -5.95
N LYS A 53 12.56 5.98 -5.48
CA LYS A 53 14.01 5.66 -5.60
C LYS A 53 14.43 5.69 -7.07
N SER A 54 13.56 5.26 -7.95
CA SER A 54 13.90 5.26 -9.40
C SER A 54 14.08 6.71 -9.86
N GLN A 55 13.45 7.64 -9.22
CA GLN A 55 13.59 9.06 -9.62
C GLN A 55 14.75 9.70 -8.86
N LYS A 1 7.78 -12.32 0.94
CA LYS A 1 8.34 -10.94 1.08
C LYS A 1 7.98 -10.12 -0.17
N ASN A 2 8.56 -10.46 -1.29
CA ASN A 2 8.25 -9.70 -2.54
C ASN A 2 6.75 -9.73 -2.80
N GLU A 3 6.11 -10.81 -2.46
CA GLU A 3 4.63 -10.91 -2.69
C GLU A 3 3.93 -9.78 -1.95
N ASP A 4 4.42 -9.41 -0.80
CA ASP A 4 3.78 -8.31 -0.03
C ASP A 4 3.79 -7.03 -0.86
N GLN A 5 4.81 -6.85 -1.67
CA GLN A 5 4.89 -5.62 -2.51
C GLN A 5 3.72 -5.61 -3.49
N GLU A 6 3.21 -6.76 -3.84
CA GLU A 6 2.07 -6.82 -4.80
C GLU A 6 0.86 -6.12 -4.18
N MET A 7 0.61 -6.34 -2.92
CA MET A 7 -0.57 -5.69 -2.27
C MET A 7 -0.49 -4.19 -2.47
N CYS A 8 0.69 -3.65 -2.52
CA CYS A 8 0.85 -2.18 -2.72
C CYS A 8 0.24 -1.77 -4.06
N HIS A 9 0.34 -2.62 -5.05
CA HIS A 9 -0.24 -2.27 -6.38
C HIS A 9 -1.69 -1.82 -6.19
N GLU A 10 -2.47 -2.60 -5.49
CA GLU A 10 -3.90 -2.22 -5.28
C GLU A 10 -3.99 -0.80 -4.69
N PHE A 11 -3.08 -0.45 -3.83
CA PHE A 11 -3.11 0.91 -3.22
C PHE A 11 -2.53 1.93 -4.21
N GLN A 12 -2.00 1.46 -5.31
CA GLN A 12 -1.43 2.41 -6.32
C GLN A 12 -2.57 3.14 -7.02
N ALA A 13 -3.68 2.49 -7.20
CA ALA A 13 -4.83 3.16 -7.88
C ALA A 13 -5.35 4.30 -7.00
N PHE A 14 -5.21 4.17 -5.70
CA PHE A 14 -5.69 5.24 -4.79
C PHE A 14 -4.61 6.33 -4.68
N MET A 15 -3.47 6.11 -5.26
CA MET A 15 -2.39 7.13 -5.19
C MET A 15 -2.64 8.23 -6.23
N LYS A 16 -2.52 9.46 -5.84
CA LYS A 16 -2.76 10.58 -6.80
C LYS A 16 -1.79 11.72 -6.50
N ASN A 17 -1.37 12.45 -7.51
CA ASN A 17 -0.44 13.58 -7.28
C ASN A 17 0.73 13.10 -6.42
N GLY A 18 1.09 11.85 -6.50
CA GLY A 18 2.21 11.34 -5.68
C GLY A 18 1.75 11.19 -4.23
N LYS A 19 0.47 11.12 -4.02
CA LYS A 19 -0.06 10.99 -2.63
C LYS A 19 -0.90 9.72 -2.53
N LEU A 20 -0.68 8.92 -1.53
CA LEU A 20 -1.49 7.68 -1.39
C LEU A 20 -2.77 7.98 -0.61
N PHE A 21 -3.91 7.82 -1.25
CA PHE A 21 -5.19 8.08 -0.53
C PHE A 21 -5.59 6.81 0.22
N CYS A 22 -5.80 6.91 1.51
CA CYS A 22 -6.19 5.71 2.30
C CYS A 22 -7.68 5.74 2.61
N PRO A 23 -8.53 5.51 1.59
CA PRO A 23 -9.99 5.50 1.76
C PRO A 23 -10.46 4.26 2.54
N GLN A 24 -11.69 4.22 2.95
CA GLN A 24 -12.19 3.03 3.70
C GLN A 24 -12.44 1.89 2.72
N ASP A 25 -11.77 0.78 2.90
CA ASP A 25 -11.97 -0.37 1.96
C ASP A 25 -13.20 -1.16 2.39
N LYS A 26 -14.15 -1.30 1.51
CA LYS A 26 -15.38 -2.07 1.85
C LYS A 26 -15.01 -3.51 2.17
N LYS A 27 -14.02 -4.04 1.52
CA LYS A 27 -13.59 -5.44 1.78
C LYS A 27 -12.31 -5.43 2.62
N PRO A 28 -12.38 -5.98 3.83
CA PRO A 28 -11.21 -6.04 4.74
C PRO A 28 -10.14 -7.01 4.23
N ILE A 29 -8.92 -6.78 4.59
CA ILE A 29 -7.82 -7.68 4.14
C ILE A 29 -6.82 -7.89 5.28
N GLN A 30 -6.50 -9.11 5.60
CA GLN A 30 -5.54 -9.36 6.72
C GLN A 30 -4.11 -9.18 6.22
N SER A 31 -3.29 -8.51 6.98
CA SER A 31 -1.87 -8.29 6.55
C SER A 31 -0.96 -9.23 7.34
N LEU A 32 0.32 -9.12 7.13
CA LEU A 32 1.26 -10.02 7.87
C LEU A 32 2.22 -9.16 8.70
N ASP A 33 2.11 -7.86 8.62
CA ASP A 33 3.02 -6.98 9.41
C ASP A 33 2.45 -6.81 10.82
N GLY A 34 1.43 -7.54 11.15
CA GLY A 34 0.83 -7.43 12.51
C GLY A 34 -0.26 -6.34 12.50
N ILE A 35 -0.60 -5.84 11.34
CA ILE A 35 -1.65 -4.79 11.26
C ILE A 35 -2.92 -5.38 10.65
N MET A 36 -4.03 -4.71 10.78
CA MET A 36 -5.30 -5.23 10.21
C MET A 36 -5.63 -4.47 8.93
N PHE A 37 -5.27 -5.02 7.80
CA PHE A 37 -5.55 -4.35 6.49
C PHE A 37 -4.74 -3.06 6.36
N ILE A 38 -4.86 -2.17 7.30
CA ILE A 38 -4.09 -0.89 7.22
C ILE A 38 -2.67 -1.17 6.72
N ASN A 39 -2.16 -2.34 6.95
CA ASN A 39 -0.79 -2.66 6.49
C ASN A 39 -0.63 -2.24 5.02
N LYS A 40 -1.48 -2.72 4.15
CA LYS A 40 -1.37 -2.35 2.72
C LYS A 40 -1.15 -0.84 2.61
N CYS A 41 -1.76 -0.08 3.47
CA CYS A 41 -1.59 1.40 3.42
C CYS A 41 -0.26 1.78 4.06
N ALA A 42 0.09 1.14 5.14
CA ALA A 42 1.38 1.46 5.82
C ALA A 42 2.55 0.78 5.11
N THR A 43 2.27 -0.23 4.30
CA THR A 43 3.37 -0.92 3.58
C THR A 43 3.43 -0.43 2.13
N CYS A 44 2.30 -0.22 1.52
CA CYS A 44 2.29 0.25 0.11
C CYS A 44 2.87 1.66 0.04
N LYS A 45 2.78 2.41 1.11
CA LYS A 45 3.33 3.80 1.08
C LYS A 45 4.85 3.74 0.91
N MET A 46 5.50 2.88 1.64
CA MET A 46 6.98 2.78 1.51
C MET A 46 7.32 1.96 0.26
N ILE A 47 6.45 1.08 -0.15
CA ILE A 47 6.72 0.26 -1.36
C ILE A 47 6.23 1.02 -2.60
N LEU A 48 5.33 1.95 -2.42
CA LEU A 48 4.81 2.71 -3.59
C LEU A 48 5.77 3.86 -3.90
N GLU A 49 6.60 4.21 -2.96
CA GLU A 49 7.58 5.32 -3.19
C GLU A 49 8.82 4.76 -3.87
N LYS A 50 9.12 3.50 -3.64
CA LYS A 50 10.31 2.89 -4.27
C LYS A 50 10.17 2.97 -5.80
N GLU A 51 8.98 2.78 -6.31
CA GLU A 51 8.77 2.83 -7.77
C GLU A 51 9.19 4.21 -8.29
N ALA A 52 8.96 5.23 -7.50
CA ALA A 52 9.34 6.61 -7.94
C ALA A 52 10.87 6.71 -8.00
N LYS A 53 11.56 5.95 -7.20
CA LYS A 53 13.05 6.00 -7.22
C LYS A 53 13.51 7.44 -6.96
N SER A 54 12.95 8.08 -5.96
CA SER A 54 13.36 9.48 -5.66
C SER A 54 14.85 9.50 -5.30
N GLN A 55 15.35 8.44 -4.74
CA GLN A 55 16.79 8.40 -4.36
C GLN A 55 17.07 9.49 -3.33
N LYS A 1 8.66 -13.40 -4.65
CA LYS A 1 9.16 -12.93 -3.33
C LYS A 1 8.65 -11.51 -3.07
N ASN A 2 8.79 -11.03 -1.86
CA ASN A 2 8.32 -9.65 -1.54
C ASN A 2 6.82 -9.55 -1.85
N GLU A 3 6.04 -10.51 -1.43
CA GLU A 3 4.58 -10.45 -1.70
C GLU A 3 3.99 -9.20 -1.04
N ASP A 4 4.50 -8.82 0.09
CA ASP A 4 3.97 -7.61 0.77
C ASP A 4 4.10 -6.40 -0.15
N GLN A 5 5.12 -6.38 -0.97
CA GLN A 5 5.31 -5.23 -1.90
C GLN A 5 4.17 -5.22 -2.92
N GLU A 6 3.67 -6.37 -3.30
CA GLU A 6 2.56 -6.41 -4.29
C GLU A 6 1.34 -5.70 -3.71
N MET A 7 1.12 -5.82 -2.43
CA MET A 7 -0.05 -5.15 -1.81
C MET A 7 0.06 -3.64 -2.00
N CYS A 8 1.26 -3.13 -2.10
CA CYS A 8 1.44 -1.68 -2.28
C CYS A 8 1.07 -1.29 -3.72
N HIS A 9 1.32 -2.15 -4.65
CA HIS A 9 0.97 -1.84 -6.07
C HIS A 9 -0.48 -1.36 -6.13
N GLU A 10 -1.37 -2.08 -5.52
CA GLU A 10 -2.81 -1.67 -5.53
C GLU A 10 -2.96 -0.28 -4.92
N PHE A 11 -2.20 0.02 -3.90
CA PHE A 11 -2.33 1.37 -3.27
C PHE A 11 -1.59 2.40 -4.12
N GLN A 12 -0.70 1.97 -4.97
CA GLN A 12 0.03 2.94 -5.83
C GLN A 12 -0.96 3.64 -6.76
N ALA A 13 -1.97 2.94 -7.18
CA ALA A 13 -2.97 3.57 -8.09
C ALA A 13 -3.77 4.61 -7.31
N PHE A 14 -4.02 4.36 -6.06
CA PHE A 14 -4.79 5.34 -5.23
C PHE A 14 -3.88 6.52 -4.87
N MET A 15 -2.64 6.47 -5.27
CA MET A 15 -1.72 7.59 -4.95
C MET A 15 -1.95 8.75 -5.92
N LYS A 16 -2.07 9.95 -5.42
CA LYS A 16 -2.31 11.11 -6.32
C LYS A 16 -1.52 12.33 -5.79
N ASN A 17 -0.78 12.97 -6.66
CA ASN A 17 0.01 14.16 -6.23
C ASN A 17 0.84 13.80 -4.99
N GLY A 18 1.42 12.64 -4.97
CA GLY A 18 2.26 12.24 -3.79
C GLY A 18 1.35 12.01 -2.58
N LYS A 19 0.11 11.67 -2.80
CA LYS A 19 -0.81 11.43 -1.66
C LYS A 19 -1.46 10.05 -1.81
N LEU A 20 -1.42 9.25 -0.78
CA LEU A 20 -2.02 7.89 -0.87
C LEU A 20 -3.35 7.87 -0.12
N PHE A 21 -4.44 7.77 -0.83
CA PHE A 21 -5.77 7.73 -0.16
C PHE A 21 -6.05 6.29 0.30
N CYS A 22 -6.04 6.06 1.59
CA CYS A 22 -6.28 4.68 2.09
C CYS A 22 -7.66 4.59 2.78
N PRO A 23 -8.74 4.72 1.98
CA PRO A 23 -10.10 4.65 2.51
C PRO A 23 -10.48 3.21 2.87
N GLN A 24 -11.62 3.01 3.47
CA GLN A 24 -12.03 1.62 3.85
C GLN A 24 -12.71 0.95 2.64
N ASP A 25 -12.37 -0.27 2.36
CA ASP A 25 -12.98 -0.97 1.19
C ASP A 25 -14.06 -1.94 1.68
N LYS A 26 -14.89 -2.40 0.79
CA LYS A 26 -15.98 -3.35 1.20
C LYS A 26 -15.35 -4.70 1.57
N LYS A 27 -14.27 -5.06 0.93
CA LYS A 27 -13.61 -6.36 1.26
C LYS A 27 -12.25 -6.11 1.89
N PRO A 28 -12.20 -6.10 3.23
CA PRO A 28 -10.94 -5.87 3.97
C PRO A 28 -9.98 -7.04 3.83
N ILE A 29 -8.70 -6.77 3.74
CA ILE A 29 -7.71 -7.87 3.61
C ILE A 29 -6.98 -8.07 4.94
N GLN A 30 -6.41 -9.22 5.15
CA GLN A 30 -5.68 -9.47 6.42
C GLN A 30 -4.18 -9.24 6.20
N SER A 31 -3.63 -8.23 6.81
CA SER A 31 -2.17 -7.96 6.64
C SER A 31 -1.35 -8.90 7.52
N LEU A 32 -0.05 -8.83 7.43
CA LEU A 32 0.80 -9.72 8.26
C LEU A 32 1.59 -8.88 9.27
N ASP A 33 1.55 -7.58 9.14
CA ASP A 33 2.30 -6.72 10.09
C ASP A 33 1.54 -6.64 11.42
N GLY A 34 0.42 -7.31 11.51
CA GLY A 34 -0.37 -7.27 12.78
C GLY A 34 -1.54 -6.30 12.61
N ILE A 35 -1.73 -5.77 11.43
CA ILE A 35 -2.86 -4.82 11.21
C ILE A 35 -3.89 -5.47 10.28
N MET A 36 -5.02 -4.85 10.09
CA MET A 36 -6.06 -5.44 9.20
C MET A 36 -6.26 -4.53 7.98
N PHE A 37 -5.73 -4.90 6.85
CA PHE A 37 -5.88 -4.05 5.62
C PHE A 37 -5.13 -2.74 5.80
N ILE A 38 -5.44 -1.98 6.81
CA ILE A 38 -4.73 -0.69 7.04
C ILE A 38 -3.24 -0.89 6.77
N ASN A 39 -2.75 -2.08 6.98
CA ASN A 39 -1.31 -2.35 6.73
C ASN A 39 -0.95 -1.97 5.30
N LYS A 40 -1.73 -2.37 4.34
CA LYS A 40 -1.42 -2.01 2.93
C LYS A 40 -1.01 -0.55 2.86
N CYS A 41 -1.72 0.30 3.54
CA CYS A 41 -1.37 1.75 3.54
C CYS A 41 -0.10 1.95 4.35
N ALA A 42 -0.07 1.42 5.54
CA ALA A 42 1.13 1.57 6.41
C ALA A 42 2.33 0.86 5.76
N THR A 43 2.10 -0.08 4.89
CA THR A 43 3.23 -0.80 4.26
C THR A 43 3.45 -0.26 2.84
N CYS A 44 2.38 0.04 2.15
CA CYS A 44 2.53 0.57 0.78
C CYS A 44 3.15 1.97 0.82
N LYS A 45 2.83 2.74 1.83
CA LYS A 45 3.41 4.11 1.91
C LYS A 45 4.93 4.03 1.84
N MET A 46 5.52 3.07 2.52
CA MET A 46 7.00 2.94 2.49
C MET A 46 7.41 2.29 1.17
N ILE A 47 6.67 1.33 0.71
CA ILE A 47 7.01 0.66 -0.57
C ILE A 47 6.51 1.52 -1.74
N LEU A 48 5.80 2.58 -1.44
CA LEU A 48 5.28 3.46 -2.53
C LEU A 48 6.31 4.55 -2.83
N GLU A 49 7.18 4.83 -1.89
CA GLU A 49 8.22 5.86 -2.12
C GLU A 49 9.36 5.25 -2.94
N LYS A 50 9.60 3.98 -2.79
CA LYS A 50 10.69 3.33 -3.55
C LYS A 50 10.39 3.46 -5.05
N GLU A 51 9.15 3.43 -5.42
CA GLU A 51 8.79 3.57 -6.86
C GLU A 51 9.35 4.89 -7.39
N ALA A 52 9.40 5.90 -6.56
CA ALA A 52 9.95 7.21 -7.02
C ALA A 52 11.42 7.04 -7.39
N LYS A 53 12.09 6.12 -6.75
CA LYS A 53 13.53 5.89 -7.06
C LYS A 53 13.64 5.29 -8.46
N SER A 54 12.69 4.49 -8.86
CA SER A 54 12.75 3.89 -10.22
C SER A 54 12.65 4.98 -11.27
N GLN A 55 12.03 6.09 -10.95
CA GLN A 55 11.90 7.20 -11.93
C GLN A 55 13.16 8.07 -11.89
N LYS A 1 7.26 -13.98 -1.51
CA LYS A 1 8.39 -13.05 -1.79
C LYS A 1 7.85 -11.62 -1.87
N ASN A 2 7.61 -10.99 -0.75
CA ASN A 2 7.08 -9.60 -0.77
C ASN A 2 5.74 -9.57 -1.49
N GLU A 3 4.86 -10.48 -1.17
CA GLU A 3 3.53 -10.49 -1.84
C GLU A 3 2.84 -9.14 -1.66
N ASP A 4 3.02 -8.53 -0.52
CA ASP A 4 2.37 -7.21 -0.28
C ASP A 4 2.81 -6.22 -1.36
N GLN A 5 3.99 -6.39 -1.89
CA GLN A 5 4.46 -5.47 -2.96
C GLN A 5 3.52 -5.53 -4.16
N GLU A 6 3.06 -6.70 -4.50
CA GLU A 6 2.14 -6.82 -5.66
C GLU A 6 0.81 -6.14 -5.32
N MET A 7 0.36 -6.25 -4.10
CA MET A 7 -0.93 -5.60 -3.71
C MET A 7 -0.78 -4.08 -3.80
N CYS A 8 0.39 -3.58 -3.48
CA CYS A 8 0.61 -2.11 -3.53
C CYS A 8 0.28 -1.60 -4.94
N HIS A 9 0.71 -2.33 -5.95
CA HIS A 9 0.42 -1.88 -7.35
C HIS A 9 -1.03 -1.42 -7.44
N GLU A 10 -1.95 -2.20 -6.94
CA GLU A 10 -3.39 -1.81 -7.00
C GLU A 10 -3.56 -0.43 -6.34
N PHE A 11 -2.92 -0.20 -5.22
CA PHE A 11 -3.08 1.12 -4.55
C PHE A 11 -2.24 2.16 -5.29
N GLN A 12 -1.31 1.73 -6.11
CA GLN A 12 -0.47 2.69 -6.86
C GLN A 12 -1.37 3.60 -7.71
N ALA A 13 -2.37 3.03 -8.31
CA ALA A 13 -3.30 3.86 -9.14
C ALA A 13 -3.99 4.89 -8.25
N PHE A 14 -4.27 4.53 -7.03
CA PHE A 14 -4.95 5.48 -6.10
C PHE A 14 -3.90 6.41 -5.49
N MET A 15 -2.65 6.19 -5.78
CA MET A 15 -1.59 7.07 -5.21
C MET A 15 -1.52 8.37 -6.01
N LYS A 16 -1.62 9.50 -5.36
CA LYS A 16 -1.57 10.79 -6.09
C LYS A 16 -0.65 11.77 -5.35
N ASN A 17 -0.03 12.66 -6.06
CA ASN A 17 0.88 13.64 -5.40
C ASN A 17 1.82 12.90 -4.45
N GLY A 18 2.11 11.67 -4.74
CA GLY A 18 3.02 10.88 -3.84
C GLY A 18 2.26 10.50 -2.57
N LYS A 19 0.95 10.48 -2.64
CA LYS A 19 0.14 10.12 -1.45
C LYS A 19 -0.78 8.96 -1.80
N LEU A 20 -1.00 8.06 -0.87
CA LEU A 20 -1.89 6.91 -1.15
C LEU A 20 -3.28 7.17 -0.57
N PHE A 21 -4.26 7.36 -1.42
CA PHE A 21 -5.65 7.60 -0.92
C PHE A 21 -6.34 6.27 -0.66
N CYS A 22 -6.69 5.99 0.56
CA CYS A 22 -7.37 4.70 0.87
C CYS A 22 -8.88 4.91 0.89
N PRO A 23 -9.61 4.15 0.06
CA PRO A 23 -11.07 4.24 -0.03
C PRO A 23 -11.76 3.67 1.22
N GLN A 24 -13.02 3.36 1.13
CA GLN A 24 -13.74 2.80 2.31
C GLN A 24 -13.08 1.49 2.75
N ASP A 25 -12.57 0.74 1.82
CA ASP A 25 -11.92 -0.55 2.18
C ASP A 25 -12.88 -1.39 3.02
N LYS A 26 -14.08 -1.60 2.55
CA LYS A 26 -15.06 -2.41 3.33
C LYS A 26 -14.51 -3.83 3.51
N LYS A 27 -13.78 -4.31 2.54
CA LYS A 27 -13.21 -5.69 2.66
C LYS A 27 -12.22 -5.74 3.82
N PRO A 28 -12.21 -6.87 4.55
CA PRO A 28 -11.31 -7.06 5.70
C PRO A 28 -9.85 -7.20 5.26
N ILE A 29 -8.96 -6.50 5.90
CA ILE A 29 -7.52 -6.60 5.52
C ILE A 29 -6.69 -6.97 6.75
N GLN A 30 -5.48 -7.40 6.53
CA GLN A 30 -4.60 -7.79 7.68
C GLN A 30 -3.17 -7.44 7.31
N SER A 31 -2.48 -6.68 8.15
CA SER A 31 -1.08 -6.30 7.82
C SER A 31 -0.13 -7.44 8.13
N LEU A 32 0.87 -7.61 7.30
CA LEU A 32 1.85 -8.71 7.52
C LEU A 32 2.95 -8.21 8.45
N ASP A 33 3.07 -6.92 8.62
CA ASP A 33 4.11 -6.37 9.51
C ASP A 33 3.69 -6.56 10.98
N GLY A 34 2.57 -7.18 11.22
CA GLY A 34 2.10 -7.39 12.61
C GLY A 34 1.09 -6.31 12.97
N ILE A 35 0.43 -5.75 11.99
CA ILE A 35 -0.57 -4.69 12.27
C ILE A 35 -1.93 -5.13 11.75
N MET A 36 -2.99 -4.75 12.43
CA MET A 36 -4.36 -5.15 11.97
C MET A 36 -4.96 -4.00 11.16
N PHE A 37 -4.13 -3.22 10.52
CA PHE A 37 -4.64 -2.08 9.71
C PHE A 37 -4.64 -2.45 8.23
N ILE A 38 -5.29 -1.67 7.41
CA ILE A 38 -5.30 -1.97 5.95
C ILE A 38 -3.88 -2.30 5.50
N ASN A 39 -3.59 -3.56 5.30
CA ASN A 39 -2.22 -3.95 4.87
C ASN A 39 -1.88 -3.26 3.56
N LYS A 40 -2.67 -3.44 2.54
CA LYS A 40 -2.37 -2.80 1.24
C LYS A 40 -1.95 -1.35 1.47
N CYS A 41 -2.77 -0.58 2.10
CA CYS A 41 -2.42 0.85 2.36
C CYS A 41 -1.28 0.93 3.38
N ALA A 42 -1.18 -0.05 4.24
CA ALA A 42 -0.12 -0.02 5.28
C ALA A 42 1.22 -0.50 4.68
N THR A 43 1.18 -1.35 3.68
CA THR A 43 2.44 -1.84 3.07
C THR A 43 2.66 -1.13 1.74
N CYS A 44 1.61 -0.81 1.04
CA CYS A 44 1.77 -0.12 -0.26
C CYS A 44 2.34 1.28 -0.01
N LYS A 45 1.98 1.89 1.08
CA LYS A 45 2.50 3.25 1.38
C LYS A 45 4.03 3.19 1.47
N MET A 46 4.54 2.24 2.21
CA MET A 46 6.02 2.12 2.35
C MET A 46 6.59 1.55 1.05
N ILE A 47 5.75 0.93 0.25
CA ILE A 47 6.24 0.35 -1.03
C ILE A 47 6.18 1.42 -2.13
N LEU A 48 5.26 2.35 -2.02
CA LEU A 48 5.17 3.42 -3.06
C LEU A 48 6.30 4.43 -2.85
N GLU A 49 6.77 4.55 -1.64
CA GLU A 49 7.88 5.51 -1.36
C GLU A 49 9.16 5.03 -2.04
N LYS A 50 9.38 3.74 -2.05
CA LYS A 50 10.62 3.22 -2.69
C LYS A 50 10.69 3.71 -4.15
N GLU A 51 9.56 3.88 -4.78
CA GLU A 51 9.57 4.35 -6.18
C GLU A 51 10.15 5.78 -6.23
N ALA A 52 9.99 6.52 -5.18
CA ALA A 52 10.53 7.91 -5.17
C ALA A 52 12.05 7.86 -5.29
N LYS A 53 12.66 6.81 -4.83
CA LYS A 53 14.15 6.70 -4.92
C LYS A 53 14.56 6.69 -6.39
N SER A 54 13.76 6.11 -7.24
CA SER A 54 14.10 6.07 -8.69
C SER A 54 14.22 7.49 -9.23
N GLN A 55 13.51 8.42 -8.64
CA GLN A 55 13.58 9.82 -9.13
C GLN A 55 13.67 10.78 -7.94
N LYS A 1 7.26 -14.21 -1.97
CA LYS A 1 8.31 -13.34 -1.36
C LYS A 1 7.87 -11.88 -1.42
N ASN A 2 7.63 -11.28 -0.27
CA ASN A 2 7.19 -9.86 -0.26
C ASN A 2 5.87 -9.72 -1.02
N GLU A 3 4.98 -10.67 -0.85
CA GLU A 3 3.67 -10.58 -1.56
C GLU A 3 3.00 -9.25 -1.23
N ASP A 4 3.27 -8.71 -0.07
CA ASP A 4 2.65 -7.41 0.31
C ASP A 4 3.03 -6.34 -0.72
N GLN A 5 4.21 -6.40 -1.25
CA GLN A 5 4.63 -5.40 -2.26
C GLN A 5 3.61 -5.36 -3.40
N GLU A 6 3.02 -6.48 -3.71
CA GLU A 6 2.01 -6.50 -4.81
C GLU A 6 0.78 -5.71 -4.38
N MET A 7 0.39 -5.82 -3.14
CA MET A 7 -0.80 -5.07 -2.65
C MET A 7 -0.56 -3.57 -2.82
N CYS A 8 0.67 -3.14 -2.75
CA CYS A 8 0.97 -1.69 -2.90
C CYS A 8 0.64 -1.25 -4.33
N HIS A 9 1.05 -2.01 -5.30
CA HIS A 9 0.76 -1.65 -6.72
C HIS A 9 -0.70 -1.20 -6.82
N GLU A 10 -1.61 -1.96 -6.28
CA GLU A 10 -3.05 -1.58 -6.35
C GLU A 10 -3.27 -0.25 -5.65
N PHE A 11 -2.50 0.06 -4.64
CA PHE A 11 -2.67 1.36 -3.93
C PHE A 11 -2.02 2.47 -4.75
N GLN A 12 -1.26 2.11 -5.76
CA GLN A 12 -0.59 3.15 -6.59
C GLN A 12 -1.64 3.87 -7.45
N ALA A 13 -2.67 3.18 -7.84
CA ALA A 13 -3.73 3.83 -8.67
C ALA A 13 -4.49 4.84 -7.81
N PHE A 14 -4.49 4.64 -6.52
CA PHE A 14 -5.22 5.58 -5.62
C PHE A 14 -4.31 6.76 -5.27
N MET A 15 -3.16 6.82 -5.89
CA MET A 15 -2.22 7.95 -5.59
C MET A 15 -2.67 9.18 -6.36
N LYS A 16 -2.78 10.31 -5.71
CA LYS A 16 -3.22 11.55 -6.41
C LYS A 16 -2.34 12.72 -6.00
N ASN A 17 -2.11 13.65 -6.90
CA ASN A 17 -1.27 14.82 -6.56
C ASN A 17 0.02 14.36 -5.87
N GLY A 18 0.47 13.17 -6.18
CA GLY A 18 1.72 12.67 -5.52
C GLY A 18 1.39 12.25 -4.09
N LYS A 19 0.16 11.96 -3.82
CA LYS A 19 -0.24 11.54 -2.44
C LYS A 19 -0.94 10.19 -2.51
N LEU A 20 -0.87 9.41 -1.46
CA LEU A 20 -1.53 8.08 -1.47
C LEU A 20 -2.86 8.15 -0.70
N PHE A 21 -3.95 8.24 -1.40
CA PHE A 21 -5.27 8.30 -0.70
C PHE A 21 -5.68 6.89 -0.27
N CYS A 22 -5.62 6.61 1.01
CA CYS A 22 -5.99 5.25 1.49
C CYS A 22 -7.36 5.28 2.16
N PRO A 23 -8.44 5.20 1.35
CA PRO A 23 -9.81 5.20 1.86
C PRO A 23 -10.13 3.87 2.57
N GLN A 24 -11.33 3.73 3.05
CA GLN A 24 -11.71 2.45 3.74
C GLN A 24 -11.78 1.33 2.70
N ASP A 25 -11.19 0.22 2.98
CA ASP A 25 -11.22 -0.92 2.01
C ASP A 25 -12.64 -1.51 1.97
N LYS A 26 -13.10 -1.89 0.82
CA LYS A 26 -14.47 -2.48 0.71
C LYS A 26 -14.50 -3.82 1.45
N LYS A 27 -13.40 -4.52 1.47
CA LYS A 27 -13.36 -5.83 2.18
C LYS A 27 -12.14 -5.88 3.09
N PRO A 28 -12.19 -6.75 4.12
CA PRO A 28 -11.08 -6.90 5.08
C PRO A 28 -9.87 -7.60 4.46
N ILE A 29 -8.71 -7.00 4.60
CA ILE A 29 -7.48 -7.63 4.03
C ILE A 29 -6.57 -8.08 5.17
N GLN A 30 -5.91 -9.20 5.02
CA GLN A 30 -5.02 -9.69 6.11
C GLN A 30 -3.69 -8.95 6.06
N SER A 31 -3.39 -8.16 7.06
CA SER A 31 -2.12 -7.40 7.07
C SER A 31 -0.97 -8.32 7.52
N LEU A 32 0.25 -7.97 7.19
CA LEU A 32 1.40 -8.81 7.58
C LEU A 32 2.39 -8.01 8.43
N ASP A 33 2.17 -6.72 8.55
CA ASP A 33 3.10 -5.88 9.36
C ASP A 33 2.77 -6.03 10.85
N GLY A 34 1.91 -6.96 11.19
CA GLY A 34 1.54 -7.14 12.61
C GLY A 34 0.05 -6.83 12.76
N ILE A 35 -0.49 -6.06 11.86
CA ILE A 35 -1.94 -5.73 11.94
C ILE A 35 -2.75 -6.89 11.37
N MET A 36 -4.04 -6.89 11.58
CA MET A 36 -4.88 -8.00 11.05
C MET A 36 -6.02 -7.40 10.22
N PHE A 37 -5.72 -6.44 9.40
CA PHE A 37 -6.77 -5.80 8.56
C PHE A 37 -6.14 -4.69 7.71
N ILE A 38 -6.15 -3.49 8.19
CA ILE A 38 -5.57 -2.37 7.40
C ILE A 38 -4.04 -2.52 7.36
N ASN A 39 -3.44 -2.21 6.25
CA ASN A 39 -1.96 -2.34 6.15
C ASN A 39 -1.51 -2.03 4.71
N LYS A 40 -2.35 -2.27 3.74
CA LYS A 40 -1.94 -1.98 2.34
C LYS A 40 -1.32 -0.58 2.31
N CYS A 41 -1.93 0.34 2.98
CA CYS A 41 -1.38 1.73 3.03
C CYS A 41 -0.14 1.72 3.92
N ALA A 42 -0.23 1.07 5.05
CA ALA A 42 0.93 0.99 5.97
C ALA A 42 2.10 0.30 5.28
N THR A 43 1.84 -0.57 4.35
CA THR A 43 2.95 -1.29 3.66
C THR A 43 3.16 -0.69 2.27
N CYS A 44 2.13 -0.16 1.67
CA CYS A 44 2.29 0.43 0.32
C CYS A 44 2.86 1.84 0.43
N LYS A 45 2.60 2.53 1.51
CA LYS A 45 3.14 3.90 1.65
C LYS A 45 4.67 3.83 1.69
N MET A 46 5.21 2.88 2.41
CA MET A 46 6.70 2.74 2.47
C MET A 46 7.19 2.03 1.20
N ILE A 47 6.38 1.19 0.63
CA ILE A 47 6.80 0.46 -0.60
C ILE A 47 6.46 1.32 -1.83
N LEU A 48 5.60 2.28 -1.67
CA LEU A 48 5.22 3.16 -2.82
C LEU A 48 6.20 4.32 -2.90
N GLU A 49 7.01 4.49 -1.88
CA GLU A 49 8.01 5.61 -1.90
C GLU A 49 9.33 5.08 -2.46
N LYS A 50 9.61 3.83 -2.23
CA LYS A 50 10.89 3.25 -2.75
C LYS A 50 10.90 3.34 -4.28
N GLU A 51 9.77 3.16 -4.89
CA GLU A 51 9.71 3.24 -6.38
C GLU A 51 10.16 4.63 -6.83
N ALA A 52 9.86 5.64 -6.05
CA ALA A 52 10.27 7.02 -6.42
C ALA A 52 11.78 7.10 -6.45
N LYS A 53 12.45 6.27 -5.70
CA LYS A 53 13.94 6.30 -5.69
C LYS A 53 14.47 5.90 -7.08
N SER A 54 13.75 5.04 -7.76
CA SER A 54 14.21 4.62 -9.12
C SER A 54 14.30 5.85 -10.03
N GLN A 55 13.51 6.85 -9.77
CA GLN A 55 13.56 8.08 -10.62
C GLN A 55 14.75 8.95 -10.20
N LYS A 1 6.89 -10.05 3.50
CA LYS A 1 7.89 -10.57 2.52
C LYS A 1 7.65 -9.92 1.16
N ASN A 2 8.48 -10.22 0.20
CA ASN A 2 8.29 -9.62 -1.16
C ASN A 2 6.84 -9.76 -1.59
N GLU A 3 6.18 -10.80 -1.17
CA GLU A 3 4.75 -11.00 -1.55
C GLU A 3 3.95 -9.74 -1.22
N ASP A 4 4.45 -8.92 -0.33
CA ASP A 4 3.73 -7.68 0.04
C ASP A 4 3.78 -6.69 -1.13
N GLN A 5 4.76 -6.80 -1.98
CA GLN A 5 4.85 -5.87 -3.13
C GLN A 5 3.65 -6.06 -4.05
N GLU A 6 3.10 -7.25 -4.09
CA GLU A 6 1.92 -7.49 -4.96
C GLU A 6 0.70 -6.77 -4.39
N MET A 7 0.63 -6.66 -3.09
CA MET A 7 -0.54 -5.98 -2.47
C MET A 7 -0.50 -4.48 -2.82
N CYS A 8 0.67 -3.95 -3.07
CA CYS A 8 0.77 -2.51 -3.41
C CYS A 8 0.19 -2.28 -4.81
N HIS A 9 0.22 -3.27 -5.65
CA HIS A 9 -0.32 -3.11 -7.01
C HIS A 9 -1.76 -2.60 -6.92
N GLU A 10 -2.58 -3.26 -6.13
CA GLU A 10 -3.99 -2.82 -5.99
C GLU A 10 -4.05 -1.48 -5.25
N PHE A 11 -3.20 -1.28 -4.28
CA PHE A 11 -3.22 0.01 -3.54
C PHE A 11 -2.52 1.08 -4.36
N GLN A 12 -1.81 0.69 -5.38
CA GLN A 12 -1.11 1.70 -6.22
C GLN A 12 -2.15 2.49 -7.03
N ALA A 13 -3.31 1.93 -7.21
CA ALA A 13 -4.37 2.65 -7.97
C ALA A 13 -4.89 3.81 -7.14
N PHE A 14 -4.84 3.70 -5.84
CA PHE A 14 -5.32 4.79 -4.96
C PHE A 14 -4.20 5.81 -4.76
N MET A 15 -3.14 5.71 -5.52
CA MET A 15 -2.01 6.66 -5.35
C MET A 15 -2.35 7.97 -6.07
N LYS A 16 -1.90 9.08 -5.55
CA LYS A 16 -2.19 10.39 -6.21
C LYS A 16 -0.96 11.30 -6.10
N ASN A 17 -0.52 11.85 -7.20
CA ASN A 17 0.66 12.75 -7.16
C ASN A 17 1.87 11.97 -6.62
N GLY A 18 1.95 10.70 -6.90
CA GLY A 18 3.09 9.90 -6.39
C GLY A 18 2.94 9.69 -4.88
N LYS A 19 1.72 9.62 -4.42
CA LYS A 19 1.48 9.42 -2.96
C LYS A 19 0.35 8.42 -2.77
N LEU A 20 0.36 7.69 -1.68
CA LEU A 20 -0.73 6.70 -1.44
C LEU A 20 -1.79 7.32 -0.53
N PHE A 21 -2.94 7.62 -1.05
CA PHE A 21 -4.02 8.23 -0.20
C PHE A 21 -4.93 7.12 0.33
N CYS A 22 -4.89 6.87 1.61
CA CYS A 22 -5.75 5.80 2.18
C CYS A 22 -7.22 6.12 1.89
N PRO A 23 -7.96 5.12 1.39
CA PRO A 23 -9.39 5.29 1.07
C PRO A 23 -10.25 5.40 2.32
N GLN A 24 -11.41 6.00 2.21
CA GLN A 24 -12.29 6.14 3.40
C GLN A 24 -12.73 4.75 3.87
N ASP A 25 -12.83 3.82 2.97
CA ASP A 25 -13.25 2.44 3.36
C ASP A 25 -12.01 1.55 3.50
N LYS A 26 -12.19 0.34 3.95
CA LYS A 26 -11.02 -0.58 4.10
C LYS A 26 -11.27 -1.86 3.31
N LYS A 27 -10.27 -2.35 2.63
CA LYS A 27 -10.46 -3.60 1.84
C LYS A 27 -10.35 -4.80 2.77
N PRO A 28 -11.28 -5.76 2.64
CA PRO A 28 -11.31 -6.97 3.46
C PRO A 28 -10.15 -7.91 3.12
N ILE A 29 -8.95 -7.57 3.52
CA ILE A 29 -7.79 -8.44 3.22
C ILE A 29 -6.95 -8.65 4.48
N GLN A 30 -6.69 -9.88 4.84
CA GLN A 30 -5.88 -10.14 6.06
C GLN A 30 -4.40 -9.96 5.71
N SER A 31 -3.78 -8.94 6.23
CA SER A 31 -2.34 -8.70 5.92
C SER A 31 -1.46 -9.61 6.76
N LEU A 32 -0.16 -9.42 6.71
CA LEU A 32 0.75 -10.30 7.49
C LEU A 32 1.87 -9.48 8.15
N ASP A 33 1.85 -8.18 7.99
CA ASP A 33 2.91 -7.34 8.60
C ASP A 33 2.54 -7.04 10.06
N GLY A 34 1.55 -7.70 10.57
CA GLY A 34 1.13 -7.46 11.98
C GLY A 34 -0.12 -6.59 11.98
N ILE A 35 -0.45 -6.00 10.86
CA ILE A 35 -1.66 -5.15 10.78
C ILE A 35 -2.75 -5.91 10.03
N MET A 36 -3.99 -5.54 10.20
CA MET A 36 -5.08 -6.28 9.51
C MET A 36 -5.70 -5.39 8.42
N PHE A 37 -5.70 -5.87 7.20
CA PHE A 37 -6.31 -5.10 6.07
C PHE A 37 -5.65 -3.72 5.95
N ILE A 38 -5.97 -2.81 6.82
CA ILE A 38 -5.35 -1.45 6.74
C ILE A 38 -3.85 -1.60 6.46
N ASN A 39 -3.28 -2.70 6.86
CA ASN A 39 -1.82 -2.91 6.63
C ASN A 39 -1.45 -2.45 5.21
N LYS A 40 -1.99 -3.10 4.21
CA LYS A 40 -1.67 -2.72 2.80
C LYS A 40 -1.50 -1.20 2.68
N CYS A 41 -2.38 -0.46 3.28
CA CYS A 41 -2.28 1.03 3.20
C CYS A 41 -1.05 1.49 3.99
N ALA A 42 -0.94 1.09 5.22
CA ALA A 42 0.22 1.51 6.06
C ALA A 42 1.46 0.69 5.70
N THR A 43 1.34 -0.28 4.84
CA THR A 43 2.52 -1.11 4.47
C THR A 43 3.00 -0.72 3.07
N CYS A 44 2.08 -0.41 2.20
CA CYS A 44 2.50 -0.02 0.82
C CYS A 44 2.80 1.47 0.78
N LYS A 45 2.24 2.23 1.69
CA LYS A 45 2.51 3.69 1.71
C LYS A 45 4.02 3.92 1.61
N MET A 46 4.78 3.24 2.42
CA MET A 46 6.26 3.41 2.37
C MET A 46 6.79 2.68 1.12
N ILE A 47 6.07 1.69 0.66
CA ILE A 47 6.53 0.95 -0.55
C ILE A 47 6.22 1.80 -1.79
N LEU A 48 5.21 2.61 -1.73
CA LEU A 48 4.87 3.46 -2.91
C LEU A 48 5.77 4.70 -2.90
N GLU A 49 6.16 5.15 -1.74
CA GLU A 49 7.04 6.35 -1.66
C GLU A 49 8.43 6.01 -2.23
N LYS A 50 8.87 4.79 -2.05
CA LYS A 50 10.20 4.40 -2.58
C LYS A 50 10.21 4.57 -4.10
N GLU A 51 9.10 4.32 -4.73
CA GLU A 51 9.04 4.48 -6.22
C GLU A 51 9.33 5.93 -6.58
N ALA A 52 8.92 6.85 -5.74
CA ALA A 52 9.18 8.29 -6.04
C ALA A 52 10.68 8.55 -6.08
N LYS A 53 11.44 7.78 -5.33
CA LYS A 53 12.92 7.98 -5.33
C LYS A 53 13.47 7.76 -6.73
N SER A 54 12.90 6.84 -7.47
CA SER A 54 13.40 6.58 -8.85
C SER A 54 13.21 7.84 -9.70
N GLN A 55 12.26 8.66 -9.36
CA GLN A 55 12.03 9.91 -10.15
C GLN A 55 12.89 11.04 -9.57
N LYS A 1 9.96 -13.28 -3.33
CA LYS A 1 8.56 -13.16 -3.83
C LYS A 1 8.03 -11.75 -3.57
N ASN A 2 7.84 -11.40 -2.33
CA ASN A 2 7.33 -10.04 -2.01
C ASN A 2 6.00 -9.81 -2.72
N GLU A 3 5.07 -10.71 -2.55
CA GLU A 3 3.74 -10.55 -3.22
C GLU A 3 3.04 -9.31 -2.66
N ASP A 4 3.26 -9.00 -1.41
CA ASP A 4 2.61 -7.81 -0.82
C ASP A 4 2.96 -6.57 -1.64
N GLN A 5 4.11 -6.57 -2.25
CA GLN A 5 4.51 -5.39 -3.07
C GLN A 5 3.52 -5.23 -4.23
N GLU A 6 3.05 -6.31 -4.78
CA GLU A 6 2.08 -6.20 -5.91
C GLU A 6 0.79 -5.56 -5.41
N MET A 7 0.41 -5.85 -4.19
CA MET A 7 -0.84 -5.26 -3.65
C MET A 7 -0.73 -3.74 -3.65
N CYS A 8 0.47 -3.23 -3.52
CA CYS A 8 0.65 -1.75 -3.52
C CYS A 8 0.27 -1.19 -4.89
N HIS A 9 0.60 -1.89 -5.94
CA HIS A 9 0.26 -1.40 -7.31
C HIS A 9 -1.19 -0.92 -7.32
N GLU A 10 -2.11 -1.74 -6.89
CA GLU A 10 -3.55 -1.33 -6.89
C GLU A 10 -3.70 -0.01 -6.12
N PHE A 11 -2.96 0.18 -5.08
CA PHE A 11 -3.09 1.45 -4.29
C PHE A 11 -2.36 2.57 -5.03
N GLN A 12 -1.53 2.24 -5.98
CA GLN A 12 -0.78 3.29 -6.73
C GLN A 12 -1.77 4.14 -7.53
N ALA A 13 -2.86 3.57 -7.94
CA ALA A 13 -3.86 4.35 -8.73
C ALA A 13 -4.62 5.28 -7.79
N PHE A 14 -4.71 4.94 -6.53
CA PHE A 14 -5.45 5.82 -5.58
C PHE A 14 -4.50 6.87 -5.01
N MET A 15 -3.24 6.84 -5.40
CA MET A 15 -2.28 7.84 -4.88
C MET A 15 -2.45 9.15 -5.65
N LYS A 16 -2.56 10.25 -4.96
CA LYS A 16 -2.73 11.55 -5.66
C LYS A 16 -1.93 12.64 -4.94
N ASN A 17 -1.41 13.59 -5.68
CA ASN A 17 -0.62 14.68 -5.04
C ASN A 17 0.44 14.08 -4.12
N GLY A 18 0.91 12.90 -4.43
CA GLY A 18 1.94 12.26 -3.56
C GLY A 18 1.28 11.74 -2.29
N LYS A 19 -0.02 11.65 -2.28
CA LYS A 19 -0.74 11.15 -1.09
C LYS A 19 -1.41 9.81 -1.42
N LEU A 20 -1.60 8.96 -0.45
CA LEU A 20 -2.24 7.65 -0.72
C LEU A 20 -3.67 7.65 -0.17
N PHE A 21 -4.65 7.73 -1.03
CA PHE A 21 -6.06 7.75 -0.55
C PHE A 21 -6.51 6.30 -0.29
N CYS A 22 -6.66 5.94 0.95
CA CYS A 22 -7.09 4.56 1.28
C CYS A 22 -8.56 4.56 1.72
N PRO A 23 -9.46 4.25 0.77
CA PRO A 23 -10.91 4.20 1.05
C PRO A 23 -11.27 3.00 1.91
N GLN A 24 -12.51 2.90 2.33
CA GLN A 24 -12.93 1.75 3.18
C GLN A 24 -12.93 0.48 2.34
N ASP A 25 -12.09 -0.47 2.67
CA ASP A 25 -12.03 -1.73 1.88
C ASP A 25 -13.05 -2.72 2.45
N LYS A 26 -13.95 -3.20 1.63
CA LYS A 26 -14.97 -4.17 2.12
C LYS A 26 -14.27 -5.47 2.51
N LYS A 27 -13.23 -5.83 1.81
CA LYS A 27 -12.52 -7.10 2.13
C LYS A 27 -11.67 -6.89 3.38
N PRO A 28 -11.52 -7.95 4.20
CA PRO A 28 -10.72 -7.89 5.43
C PRO A 28 -9.22 -7.79 5.13
N ILE A 29 -8.54 -6.92 5.81
CA ILE A 29 -7.08 -6.76 5.55
C ILE A 29 -6.29 -7.22 6.79
N GLN A 30 -5.00 -7.28 6.66
CA GLN A 30 -4.15 -7.71 7.80
C GLN A 30 -2.75 -7.13 7.59
N SER A 31 -2.32 -6.25 8.45
CA SER A 31 -0.97 -5.63 8.27
C SER A 31 0.12 -6.58 8.76
N LEU A 32 1.17 -6.71 7.98
CA LEU A 32 2.29 -7.60 8.38
C LEU A 32 3.19 -6.89 9.38
N ASP A 33 3.10 -5.59 9.43
CA ASP A 33 3.95 -4.83 10.39
C ASP A 33 3.47 -5.11 11.82
N GLY A 34 2.37 -5.79 11.96
CA GLY A 34 1.84 -6.10 13.33
C GLY A 34 0.59 -5.25 13.57
N ILE A 35 -0.02 -4.77 12.53
CA ILE A 35 -1.25 -3.93 12.69
C ILE A 35 -2.45 -4.65 12.07
N MET A 36 -3.62 -4.42 12.59
CA MET A 36 -4.83 -5.08 12.02
C MET A 36 -5.57 -4.09 11.14
N PHE A 37 -4.87 -3.33 10.34
CA PHE A 37 -5.54 -2.34 9.46
C PHE A 37 -5.25 -2.67 7.99
N ILE A 38 -5.69 -1.83 7.09
CA ILE A 38 -5.45 -2.08 5.65
C ILE A 38 -3.95 -2.20 5.39
N ASN A 39 -3.46 -3.40 5.34
CA ASN A 39 -2.00 -3.61 5.09
C ASN A 39 -1.60 -2.88 3.81
N LYS A 40 -2.26 -3.16 2.73
CA LYS A 40 -1.91 -2.50 1.44
C LYS A 40 -1.67 -1.01 1.68
N CYS A 41 -2.59 -0.35 2.33
CA CYS A 41 -2.40 1.10 2.59
C CYS A 41 -1.15 1.32 3.43
N ALA A 42 -1.07 0.66 4.55
CA ALA A 42 0.10 0.81 5.46
C ALA A 42 1.40 0.35 4.79
N THR A 43 1.34 -0.64 3.93
CA THR A 43 2.60 -1.12 3.30
C THR A 43 2.77 -0.49 1.90
N CYS A 44 1.73 -0.43 1.14
CA CYS A 44 1.85 0.18 -0.23
C CYS A 44 2.46 1.58 -0.10
N LYS A 45 2.23 2.25 0.99
CA LYS A 45 2.80 3.62 1.15
C LYS A 45 4.32 3.53 1.06
N MET A 46 4.90 2.50 1.61
CA MET A 46 6.37 2.35 1.55
C MET A 46 6.74 1.72 0.21
N ILE A 47 5.87 0.89 -0.31
CA ILE A 47 6.15 0.24 -1.61
C ILE A 47 5.87 1.24 -2.73
N LEU A 48 5.05 2.22 -2.47
CA LEU A 48 4.73 3.24 -3.51
C LEU A 48 5.99 4.07 -3.80
N GLU A 49 6.75 4.39 -2.78
CA GLU A 49 7.98 5.18 -2.99
C GLU A 49 9.02 4.33 -3.71
N LYS A 50 9.02 3.04 -3.47
CA LYS A 50 10.01 2.16 -4.14
C LYS A 50 9.96 2.39 -5.65
N GLU A 51 8.79 2.64 -6.19
CA GLU A 51 8.68 2.88 -7.65
C GLU A 51 9.53 4.09 -8.04
N ALA A 52 9.67 5.03 -7.15
CA ALA A 52 10.50 6.24 -7.47
C ALA A 52 11.96 5.84 -7.61
N LYS A 53 12.37 4.82 -6.91
CA LYS A 53 13.79 4.36 -7.00
C LYS A 53 14.72 5.53 -6.66
N SER A 54 14.48 6.20 -5.56
CA SER A 54 15.34 7.35 -5.17
C SER A 54 16.77 6.86 -4.97
N GLN A 55 16.94 5.62 -4.57
CA GLN A 55 18.31 5.09 -4.36
C GLN A 55 18.49 3.80 -5.16
N LYS A 1 9.90 -13.50 -0.93
CA LYS A 1 8.86 -13.34 -1.99
C LYS A 1 8.38 -11.89 -2.02
N ASN A 2 8.34 -11.25 -0.89
CA ASN A 2 7.89 -9.83 -0.85
C ASN A 2 6.44 -9.75 -1.38
N GLU A 3 5.60 -10.64 -0.96
CA GLU A 3 4.19 -10.61 -1.44
C GLU A 3 3.53 -9.29 -1.03
N ASP A 4 3.88 -8.78 0.13
CA ASP A 4 3.27 -7.50 0.58
C ASP A 4 3.55 -6.42 -0.46
N GLN A 5 4.67 -6.47 -1.12
CA GLN A 5 5.00 -5.44 -2.15
C GLN A 5 3.96 -5.52 -3.27
N GLU A 6 3.59 -6.70 -3.68
CA GLU A 6 2.58 -6.84 -4.76
C GLU A 6 1.28 -6.17 -4.34
N MET A 7 0.90 -6.34 -3.11
CA MET A 7 -0.37 -5.71 -2.63
C MET A 7 -0.24 -4.19 -2.69
N CYS A 8 0.94 -3.68 -2.48
CA CYS A 8 1.15 -2.21 -2.53
C CYS A 8 0.66 -1.69 -3.89
N HIS A 9 0.93 -2.41 -4.94
CA HIS A 9 0.48 -1.97 -6.29
C HIS A 9 -0.98 -1.51 -6.21
N GLU A 10 -1.84 -2.36 -5.70
CA GLU A 10 -3.29 -1.98 -5.61
C GLU A 10 -3.43 -0.64 -4.89
N PHE A 11 -2.53 -0.32 -3.99
CA PHE A 11 -2.63 0.97 -3.27
C PHE A 11 -1.99 2.07 -4.12
N GLN A 12 -1.38 1.71 -5.21
CA GLN A 12 -0.74 2.74 -6.08
C GLN A 12 -1.82 3.52 -6.82
N ALA A 13 -2.93 2.90 -7.09
CA ALA A 13 -4.03 3.61 -7.81
C ALA A 13 -4.61 4.68 -6.90
N PHE A 14 -4.56 4.47 -5.60
CA PHE A 14 -5.10 5.49 -4.66
C PHE A 14 -4.03 6.55 -4.38
N MET A 15 -2.87 6.39 -4.94
CA MET A 15 -1.79 7.40 -4.70
C MET A 15 -2.00 8.61 -5.62
N LYS A 16 -1.87 9.80 -5.09
CA LYS A 16 -2.06 11.01 -5.93
C LYS A 16 -1.07 12.09 -5.49
N ASN A 17 -0.58 12.86 -6.43
CA ASN A 17 0.39 13.93 -6.08
C ASN A 17 1.49 13.34 -5.17
N GLY A 18 1.75 12.07 -5.30
CA GLY A 18 2.80 11.44 -4.45
C GLY A 18 2.23 11.19 -3.05
N LYS A 19 0.93 11.12 -2.93
CA LYS A 19 0.31 10.87 -1.60
C LYS A 19 -0.61 9.65 -1.69
N LEU A 20 -0.40 8.68 -0.84
CA LEU A 20 -1.27 7.47 -0.88
C LEU A 20 -2.58 7.75 -0.14
N PHE A 21 -3.66 7.82 -0.86
CA PHE A 21 -4.98 8.09 -0.21
C PHE A 21 -5.59 6.77 0.27
N CYS A 22 -5.79 6.63 1.55
CA CYS A 22 -6.38 5.36 2.07
C CYS A 22 -7.90 5.43 1.95
N PRO A 23 -8.48 4.56 1.11
CA PRO A 23 -9.93 4.52 0.88
C PRO A 23 -10.67 3.92 2.08
N GLN A 24 -11.92 3.59 1.91
CA GLN A 24 -12.71 3.01 3.03
C GLN A 24 -12.22 1.59 3.31
N ASP A 25 -11.67 0.93 2.33
CA ASP A 25 -11.18 -0.46 2.54
C ASP A 25 -12.37 -1.36 2.86
N LYS A 26 -13.34 -1.43 2.00
CA LYS A 26 -14.52 -2.30 2.26
C LYS A 26 -14.10 -3.76 2.25
N LYS A 27 -13.10 -4.11 1.47
CA LYS A 27 -12.65 -5.52 1.42
C LYS A 27 -11.59 -5.76 2.50
N PRO A 28 -11.87 -6.67 3.44
CA PRO A 28 -10.96 -6.99 4.53
C PRO A 28 -9.71 -7.73 4.04
N ILE A 29 -8.56 -7.38 4.54
CA ILE A 29 -7.30 -8.05 4.08
C ILE A 29 -6.47 -8.40 5.33
N GLN A 30 -6.18 -9.65 5.54
CA GLN A 30 -5.36 -10.01 6.73
C GLN A 30 -3.89 -9.77 6.39
N SER A 31 -3.36 -8.64 6.79
CA SER A 31 -1.94 -8.33 6.48
C SER A 31 -1.01 -9.07 7.44
N LEU A 32 0.24 -8.70 7.46
CA LEU A 32 1.22 -9.39 8.34
C LEU A 32 1.74 -8.43 9.41
N ASP A 33 1.62 -7.15 9.17
CA ASP A 33 2.12 -6.17 10.18
C ASP A 33 1.25 -6.19 11.43
N GLY A 34 0.21 -6.99 11.44
CA GLY A 34 -0.67 -7.05 12.63
C GLY A 34 -1.87 -6.13 12.39
N ILE A 35 -2.07 -5.72 11.17
CA ILE A 35 -3.22 -4.83 10.86
C ILE A 35 -4.11 -5.50 9.82
N MET A 36 -5.36 -5.13 9.76
CA MET A 36 -6.27 -5.75 8.76
C MET A 36 -6.35 -4.85 7.52
N PHE A 37 -5.69 -5.24 6.45
CA PHE A 37 -5.73 -4.42 5.20
C PHE A 37 -4.98 -3.10 5.42
N ILE A 38 -5.39 -2.34 6.39
CA ILE A 38 -4.71 -1.04 6.67
C ILE A 38 -3.20 -1.21 6.49
N ASN A 39 -2.70 -2.40 6.74
CA ASN A 39 -1.23 -2.62 6.56
C ASN A 39 -0.85 -2.25 5.13
N LYS A 40 -1.45 -2.88 4.16
CA LYS A 40 -1.13 -2.54 2.75
C LYS A 40 -1.10 -1.02 2.61
N CYS A 41 -1.90 -0.34 3.40
CA CYS A 41 -1.93 1.15 3.35
C CYS A 41 -0.73 1.69 4.13
N ALA A 42 -0.46 1.11 5.26
CA ALA A 42 0.69 1.59 6.10
C ALA A 42 2.00 1.10 5.50
N THR A 43 1.98 0.07 4.71
CA THR A 43 3.25 -0.45 4.12
C THR A 43 3.39 0.05 2.69
N CYS A 44 2.35 -0.07 1.89
CA CYS A 44 2.43 0.40 0.49
C CYS A 44 2.84 1.87 0.46
N LYS A 45 2.58 2.59 1.51
CA LYS A 45 2.96 4.04 1.54
C LYS A 45 4.48 4.15 1.50
N MET A 46 5.16 3.47 2.37
CA MET A 46 6.65 3.54 2.38
C MET A 46 7.19 2.70 1.22
N ILE A 47 6.44 1.71 0.80
CA ILE A 47 6.90 0.86 -0.34
C ILE A 47 6.54 1.54 -1.65
N LEU A 48 5.53 2.37 -1.64
CA LEU A 48 5.12 3.08 -2.90
C LEU A 48 6.05 4.27 -3.14
N GLU A 49 6.69 4.74 -2.10
CA GLU A 49 7.61 5.90 -2.26
C GLU A 49 8.91 5.41 -2.89
N LYS A 50 9.28 4.18 -2.65
CA LYS A 50 10.54 3.65 -3.25
C LYS A 50 10.45 3.72 -4.78
N GLU A 51 9.28 3.50 -5.33
CA GLU A 51 9.13 3.57 -6.80
C GLU A 51 9.53 4.96 -7.29
N ALA A 52 9.30 5.97 -6.48
CA ALA A 52 9.67 7.35 -6.89
C ALA A 52 11.18 7.42 -7.13
N LYS A 53 11.93 6.60 -6.45
CA LYS A 53 13.41 6.63 -6.63
C LYS A 53 13.75 6.32 -8.10
N SER A 54 12.97 5.47 -8.72
CA SER A 54 13.25 5.13 -10.14
C SER A 54 13.16 6.41 -10.99
N GLN A 55 12.35 7.34 -10.61
CA GLN A 55 12.22 8.60 -11.38
C GLN A 55 11.17 9.50 -10.74
N LYS A 1 7.89 -14.67 -4.06
CA LYS A 1 8.18 -14.07 -2.73
C LYS A 1 7.87 -12.57 -2.76
N ASN A 2 7.80 -11.94 -1.62
CA ASN A 2 7.49 -10.49 -1.58
C ASN A 2 6.16 -10.22 -2.28
N GLU A 3 5.15 -10.98 -1.96
CA GLU A 3 3.83 -10.78 -2.60
C GLU A 3 3.28 -9.40 -2.20
N ASP A 4 3.49 -8.99 -0.99
CA ASP A 4 2.98 -7.67 -0.54
C ASP A 4 3.48 -6.58 -1.49
N GLN A 5 4.68 -6.73 -1.99
CA GLN A 5 5.23 -5.71 -2.92
C GLN A 5 4.33 -5.61 -4.15
N GLU A 6 3.85 -6.72 -4.66
CA GLU A 6 2.96 -6.67 -5.85
C GLU A 6 1.76 -5.79 -5.55
N MET A 7 1.21 -5.91 -4.37
CA MET A 7 0.02 -5.08 -4.01
C MET A 7 0.37 -3.60 -4.15
N CYS A 8 1.63 -3.26 -4.09
CA CYS A 8 2.03 -1.83 -4.23
C CYS A 8 1.67 -1.34 -5.63
N HIS A 9 1.83 -2.17 -6.62
CA HIS A 9 1.50 -1.76 -8.01
C HIS A 9 0.02 -1.35 -8.08
N GLU A 10 -0.86 -2.25 -7.72
CA GLU A 10 -2.31 -1.92 -7.77
C GLU A 10 -2.59 -0.66 -6.94
N PHE A 11 -2.12 -0.63 -5.72
CA PHE A 11 -2.36 0.57 -4.87
C PHE A 11 -1.60 1.77 -5.44
N GLN A 12 -0.74 1.54 -6.40
CA GLN A 12 0.03 2.66 -7.00
C GLN A 12 -0.92 3.56 -7.80
N ALA A 13 -1.89 2.98 -8.46
CA ALA A 13 -2.84 3.80 -9.25
C ALA A 13 -3.73 4.61 -8.31
N PHE A 14 -3.98 4.09 -7.13
CA PHE A 14 -4.84 4.82 -6.17
C PHE A 14 -3.97 5.78 -5.33
N MET A 15 -2.70 5.85 -5.63
CA MET A 15 -1.80 6.77 -4.86
C MET A 15 -1.83 8.16 -5.49
N LYS A 16 -1.89 9.18 -4.68
CA LYS A 16 -1.93 10.56 -5.23
C LYS A 16 -1.13 11.50 -4.31
N ASN A 17 -0.47 12.48 -4.88
CA ASN A 17 0.32 13.42 -4.05
C ASN A 17 1.12 12.63 -3.00
N GLY A 18 1.42 11.40 -3.29
CA GLY A 18 2.20 10.57 -2.31
C GLY A 18 1.26 10.08 -1.22
N LYS A 19 0.01 9.87 -1.55
CA LYS A 19 -0.97 9.39 -0.53
C LYS A 19 -1.92 8.37 -1.18
N LEU A 20 -2.20 7.29 -0.50
CA LEU A 20 -3.13 6.29 -1.07
C LEU A 20 -4.56 6.75 -0.86
N PHE A 21 -5.43 6.45 -1.78
CA PHE A 21 -6.85 6.87 -1.60
C PHE A 21 -7.62 5.73 -0.95
N CYS A 22 -6.95 5.01 -0.09
CA CYS A 22 -7.63 3.87 0.60
C CYS A 22 -9.02 4.30 1.06
N PRO A 23 -10.04 3.49 0.76
CA PRO A 23 -11.42 3.78 1.14
C PRO A 23 -11.64 3.65 2.65
N GLN A 24 -12.50 4.47 3.21
CA GLN A 24 -12.74 4.40 4.68
C GLN A 24 -13.37 3.05 5.02
N ASP A 25 -14.09 2.47 4.11
CA ASP A 25 -14.73 1.15 4.39
C ASP A 25 -13.64 0.09 4.61
N LYS A 26 -13.89 -0.86 5.46
CA LYS A 26 -12.88 -1.92 5.72
C LYS A 26 -12.82 -2.88 4.54
N LYS A 27 -11.64 -3.28 4.14
CA LYS A 27 -11.52 -4.21 2.99
C LYS A 27 -10.86 -5.51 3.46
N PRO A 28 -10.93 -6.56 2.63
CA PRO A 28 -10.35 -7.87 2.96
C PRO A 28 -8.82 -7.83 2.94
N ILE A 29 -8.23 -7.05 3.80
CA ILE A 29 -6.74 -6.98 3.84
C ILE A 29 -6.24 -7.29 5.25
N GLN A 30 -4.97 -7.57 5.38
CA GLN A 30 -4.41 -7.88 6.73
C GLN A 30 -3.01 -7.29 6.82
N SER A 31 -2.75 -6.48 7.80
CA SER A 31 -1.41 -5.86 7.93
C SER A 31 -0.42 -6.85 8.54
N LEU A 32 0.77 -6.88 8.04
CA LEU A 32 1.81 -7.82 8.57
C LEU A 32 2.34 -7.28 9.89
N ASP A 33 2.24 -6.00 10.11
CA ASP A 33 2.74 -5.41 11.37
C ASP A 33 1.85 -5.88 12.54
N GLY A 34 0.78 -6.55 12.24
CA GLY A 34 -0.12 -7.03 13.33
C GLY A 34 -1.36 -6.14 13.38
N ILE A 35 -1.62 -5.40 12.32
CA ILE A 35 -2.81 -4.51 12.31
C ILE A 35 -3.84 -5.05 11.32
N MET A 36 -5.10 -4.84 11.59
CA MET A 36 -6.15 -5.33 10.66
C MET A 36 -6.52 -4.21 9.68
N PHE A 37 -5.61 -3.29 9.46
CA PHE A 37 -5.91 -2.17 8.53
C PHE A 37 -5.40 -2.51 7.12
N ILE A 38 -5.81 -1.76 6.14
CA ILE A 38 -5.33 -2.04 4.75
C ILE A 38 -3.81 -2.17 4.75
N ASN A 39 -3.32 -3.37 4.77
CA ASN A 39 -1.84 -3.57 4.79
C ASN A 39 -1.20 -2.82 3.62
N LYS A 40 -1.87 -2.77 2.49
CA LYS A 40 -1.28 -2.07 1.33
C LYS A 40 -1.03 -0.61 1.70
N CYS A 41 -1.99 0.03 2.29
CA CYS A 41 -1.81 1.45 2.69
C CYS A 41 -0.93 1.51 3.94
N ALA A 42 -0.94 0.45 4.72
CA ALA A 42 -0.13 0.42 5.96
C ALA A 42 1.33 0.08 5.62
N THR A 43 1.55 -0.74 4.62
CA THR A 43 2.95 -1.10 4.26
C THR A 43 3.26 -0.65 2.84
N CYS A 44 2.51 -1.12 1.87
CA CYS A 44 2.79 -0.71 0.47
C CYS A 44 2.88 0.81 0.41
N LYS A 45 2.19 1.50 1.27
CA LYS A 45 2.26 2.99 1.25
C LYS A 45 3.72 3.42 1.27
N MET A 46 4.46 2.99 2.26
CA MET A 46 5.90 3.36 2.32
C MET A 46 6.62 2.71 1.15
N ILE A 47 6.26 1.49 0.83
CA ILE A 47 6.90 0.81 -0.31
C ILE A 47 6.66 1.63 -1.59
N LEU A 48 5.52 2.27 -1.66
CA LEU A 48 5.22 3.10 -2.86
C LEU A 48 6.30 4.18 -3.00
N GLU A 49 6.71 4.76 -1.91
CA GLU A 49 7.76 5.81 -1.98
C GLU A 49 9.02 5.25 -2.65
N LYS A 50 9.31 3.99 -2.41
CA LYS A 50 10.52 3.39 -3.03
C LYS A 50 10.52 3.67 -4.54
N GLU A 51 9.39 3.57 -5.17
CA GLU A 51 9.33 3.84 -6.64
C GLU A 51 9.88 5.23 -6.92
N ALA A 52 9.69 6.15 -6.01
CA ALA A 52 10.20 7.53 -6.24
C ALA A 52 11.73 7.50 -6.31
N LYS A 53 12.35 6.56 -5.65
CA LYS A 53 13.83 6.48 -5.68
C LYS A 53 14.30 6.28 -7.13
N SER A 54 13.53 5.58 -7.92
CA SER A 54 13.93 5.35 -9.34
C SER A 54 14.01 6.70 -10.07
N GLN A 55 13.29 7.67 -9.61
CA GLN A 55 13.32 9.00 -10.28
C GLN A 55 12.85 8.86 -11.73
N LYS A 1 9.60 -13.31 -3.07
CA LYS A 1 9.97 -12.43 -1.93
C LYS A 1 9.25 -11.09 -2.06
N ASN A 2 9.06 -10.40 -0.96
CA ASN A 2 8.36 -9.09 -1.01
C ASN A 2 6.97 -9.27 -1.63
N GLU A 3 6.25 -10.28 -1.20
CA GLU A 3 4.89 -10.51 -1.75
C GLU A 3 3.99 -9.32 -1.41
N ASP A 4 4.20 -8.72 -0.27
CA ASP A 4 3.36 -7.56 0.13
C ASP A 4 3.42 -6.49 -0.97
N GLN A 5 4.52 -6.41 -1.67
CA GLN A 5 4.64 -5.38 -2.75
C GLN A 5 3.50 -5.57 -3.76
N GLU A 6 3.15 -6.78 -4.04
CA GLU A 6 2.04 -7.04 -5.02
C GLU A 6 0.74 -6.43 -4.49
N MET A 7 0.49 -6.57 -3.22
CA MET A 7 -0.76 -5.99 -2.64
C MET A 7 -0.75 -4.47 -2.83
N CYS A 8 0.41 -3.88 -2.89
CA CYS A 8 0.49 -2.40 -3.07
C CYS A 8 0.04 -2.02 -4.48
N HIS A 9 0.17 -2.92 -5.42
CA HIS A 9 -0.27 -2.61 -6.80
C HIS A 9 -1.68 -2.02 -6.76
N GLU A 10 -2.58 -2.66 -6.07
CA GLU A 10 -3.97 -2.14 -6.00
C GLU A 10 -3.99 -0.81 -5.25
N PHE A 11 -3.23 -0.69 -4.20
CA PHE A 11 -3.21 0.59 -3.43
C PHE A 11 -2.45 1.65 -4.24
N GLN A 12 -1.68 1.23 -5.21
CA GLN A 12 -0.91 2.21 -6.02
C GLN A 12 -1.89 3.06 -6.85
N ALA A 13 -2.98 2.49 -7.27
CA ALA A 13 -3.97 3.26 -8.07
C ALA A 13 -4.55 4.38 -7.21
N PHE A 14 -4.55 4.21 -5.91
CA PHE A 14 -5.10 5.26 -5.02
C PHE A 14 -3.99 6.23 -4.62
N MET A 15 -2.80 6.05 -5.12
CA MET A 15 -1.68 6.97 -4.77
C MET A 15 -1.79 8.25 -5.61
N LYS A 16 -1.69 9.39 -4.97
CA LYS A 16 -1.79 10.67 -5.73
C LYS A 16 -0.76 11.66 -5.19
N ASN A 17 -0.25 12.51 -6.03
CA ASN A 17 0.76 13.50 -5.57
C ASN A 17 1.84 12.79 -4.74
N GLY A 18 2.04 11.53 -4.98
CA GLY A 18 3.07 10.78 -4.21
C GLY A 18 2.50 10.42 -2.83
N LYS A 19 1.20 10.43 -2.70
CA LYS A 19 0.58 10.08 -1.39
C LYS A 19 -0.41 8.93 -1.60
N LEU A 20 -0.34 7.93 -0.76
CA LEU A 20 -1.28 6.80 -0.90
C LEU A 20 -2.60 7.14 -0.20
N PHE A 21 -3.67 7.24 -0.95
CA PHE A 21 -4.97 7.58 -0.33
C PHE A 21 -5.75 6.28 -0.06
N CYS A 22 -6.14 6.07 1.17
CA CYS A 22 -6.91 4.82 1.49
C CYS A 22 -8.21 5.19 2.21
N PRO A 23 -9.14 5.84 1.51
CA PRO A 23 -10.43 6.25 2.07
C PRO A 23 -11.49 5.15 1.90
N GLN A 24 -11.52 4.52 0.76
CA GLN A 24 -12.52 3.45 0.52
C GLN A 24 -12.64 2.56 1.75
N ASP A 25 -11.54 2.02 2.20
CA ASP A 25 -11.58 1.14 3.40
C ASP A 25 -12.47 -0.07 3.12
N LYS A 26 -12.42 -0.58 1.92
CA LYS A 26 -13.27 -1.76 1.58
C LYS A 26 -12.37 -2.96 1.25
N LYS A 27 -12.92 -4.15 1.27
CA LYS A 27 -12.09 -5.35 0.95
C LYS A 27 -11.03 -5.52 2.04
N PRO A 28 -11.43 -6.02 3.21
CA PRO A 28 -10.51 -6.25 4.34
C PRO A 28 -9.55 -7.40 4.07
N ILE A 29 -8.27 -7.16 4.21
CA ILE A 29 -7.27 -8.24 3.96
C ILE A 29 -6.46 -8.48 5.23
N GLN A 30 -6.05 -9.69 5.47
CA GLN A 30 -5.24 -9.98 6.68
C GLN A 30 -3.79 -9.56 6.42
N SER A 31 -3.29 -8.60 7.15
CA SER A 31 -1.90 -8.13 6.92
C SER A 31 -0.90 -9.04 7.65
N LEU A 32 0.34 -8.66 7.63
CA LEU A 32 1.39 -9.47 8.31
C LEU A 32 2.04 -8.61 9.41
N ASP A 33 1.90 -7.32 9.32
CA ASP A 33 2.51 -6.43 10.35
C ASP A 33 1.70 -6.52 11.65
N GLY A 34 0.64 -7.29 11.66
CA GLY A 34 -0.18 -7.42 12.89
C GLY A 34 -1.45 -6.58 12.74
N ILE A 35 -1.70 -6.08 11.56
CA ILE A 35 -2.92 -5.26 11.34
C ILE A 35 -4.00 -6.13 10.72
N MET A 36 -5.17 -5.58 10.51
CA MET A 36 -6.28 -6.38 9.90
C MET A 36 -6.49 -5.95 8.45
N PHE A 37 -5.68 -5.04 7.96
CA PHE A 37 -5.86 -4.58 6.55
C PHE A 37 -5.07 -3.28 6.34
N ILE A 38 -5.34 -2.30 7.15
CA ILE A 38 -4.63 -0.99 7.01
C ILE A 38 -3.15 -1.22 6.68
N ASN A 39 -2.60 -2.33 7.10
CA ASN A 39 -1.17 -2.60 6.83
C ASN A 39 -0.85 -2.25 5.37
N LYS A 40 -1.57 -2.80 4.43
CA LYS A 40 -1.28 -2.49 3.00
C LYS A 40 -1.09 -0.98 2.85
N CYS A 41 -2.03 -0.22 3.34
CA CYS A 41 -1.92 1.26 3.24
C CYS A 41 -0.76 1.73 4.12
N ALA A 42 -0.75 1.29 5.34
CA ALA A 42 0.33 1.70 6.28
C ALA A 42 1.70 1.23 5.78
N THR A 43 1.74 0.20 4.99
CA THR A 43 3.06 -0.30 4.49
C THR A 43 3.27 0.15 3.04
N CYS A 44 2.26 0.05 2.24
CA CYS A 44 2.39 0.45 0.81
C CYS A 44 2.78 1.93 0.73
N LYS A 45 2.42 2.70 1.71
CA LYS A 45 2.77 4.15 1.68
C LYS A 45 4.29 4.28 1.47
N MET A 46 5.07 3.56 2.23
CA MET A 46 6.54 3.63 2.07
C MET A 46 6.93 2.86 0.79
N ILE A 47 6.11 1.94 0.39
CA ILE A 47 6.42 1.15 -0.84
C ILE A 47 6.09 1.98 -2.07
N LEU A 48 5.07 2.81 -1.99
CA LEU A 48 4.71 3.65 -3.16
C LEU A 48 5.73 4.77 -3.32
N GLU A 49 6.29 5.24 -2.23
CA GLU A 49 7.29 6.32 -2.32
C GLU A 49 8.59 5.77 -2.91
N LYS A 50 8.88 4.52 -2.64
CA LYS A 50 10.13 3.92 -3.19
C LYS A 50 10.08 3.97 -4.72
N GLU A 51 8.92 3.80 -5.31
CA GLU A 51 8.83 3.86 -6.79
C GLU A 51 9.38 5.18 -7.29
N ALA A 52 9.15 6.25 -6.57
CA ALA A 52 9.68 7.57 -7.02
C ALA A 52 11.21 7.53 -7.04
N LYS A 53 11.81 6.70 -6.24
CA LYS A 53 13.29 6.61 -6.22
C LYS A 53 13.79 6.17 -7.59
N SER A 54 13.04 5.33 -8.25
CA SER A 54 13.47 4.85 -9.60
C SER A 54 13.59 6.05 -10.55
N GLN A 55 12.81 7.08 -10.32
CA GLN A 55 12.88 8.27 -11.21
C GLN A 55 13.84 9.30 -10.61
N LYS A 1 6.33 -14.75 -1.81
CA LYS A 1 7.61 -14.04 -2.08
C LYS A 1 7.34 -12.54 -2.25
N ASN A 2 7.44 -11.79 -1.20
CA ASN A 2 7.19 -10.32 -1.30
C ASN A 2 5.75 -10.08 -1.77
N GLU A 3 4.81 -10.80 -1.23
CA GLU A 3 3.40 -10.62 -1.65
C GLU A 3 2.92 -9.23 -1.26
N ASP A 4 3.46 -8.68 -0.20
CA ASP A 4 3.04 -7.32 0.23
C ASP A 4 3.37 -6.31 -0.87
N GLN A 5 4.37 -6.59 -1.67
CA GLN A 5 4.74 -5.64 -2.76
C GLN A 5 3.63 -5.64 -3.81
N GLU A 6 2.93 -6.72 -3.95
CA GLU A 6 1.83 -6.78 -4.96
C GLU A 6 0.77 -5.74 -4.61
N MET A 7 0.45 -5.61 -3.35
CA MET A 7 -0.60 -4.63 -2.94
C MET A 7 -0.10 -3.21 -3.22
N CYS A 8 1.20 -3.02 -3.23
CA CYS A 8 1.75 -1.66 -3.49
C CYS A 8 1.44 -1.26 -4.94
N HIS A 9 1.25 -2.22 -5.80
CA HIS A 9 0.93 -1.89 -7.21
C HIS A 9 -0.51 -1.40 -7.30
N GLU A 10 -1.43 -2.13 -6.72
CA GLU A 10 -2.85 -1.71 -6.76
C GLU A 10 -3.03 -0.41 -5.96
N PHE A 11 -2.25 -0.22 -4.93
CA PHE A 11 -2.38 1.02 -4.13
C PHE A 11 -1.54 2.13 -4.78
N GLN A 12 -0.71 1.78 -5.72
CA GLN A 12 0.11 2.82 -6.41
C GLN A 12 -0.78 3.60 -7.37
N ALA A 13 -1.74 2.94 -7.97
CA ALA A 13 -2.65 3.65 -8.91
C ALA A 13 -3.65 4.48 -8.11
N PHE A 14 -3.86 4.12 -6.87
CA PHE A 14 -4.82 4.89 -6.03
C PHE A 14 -4.08 6.08 -5.39
N MET A 15 -2.88 6.35 -5.84
CA MET A 15 -2.11 7.48 -5.27
C MET A 15 -2.61 8.80 -5.88
N LYS A 16 -2.95 9.75 -5.05
CA LYS A 16 -3.44 11.06 -5.58
C LYS A 16 -2.48 12.18 -5.20
N ASN A 17 -2.32 13.15 -6.05
CA ASN A 17 -1.39 14.28 -5.73
C ASN A 17 -0.10 13.71 -5.15
N GLY A 18 0.33 12.58 -5.63
CA GLY A 18 1.59 11.98 -5.09
C GLY A 18 1.36 11.54 -3.65
N LYS A 19 0.16 11.17 -3.32
CA LYS A 19 -0.13 10.73 -1.93
C LYS A 19 -0.95 9.44 -1.95
N LEU A 20 -0.60 8.50 -1.11
CA LEU A 20 -1.35 7.22 -1.08
C LEU A 20 -2.59 7.37 -0.20
N PHE A 21 -3.76 7.11 -0.73
CA PHE A 21 -5.00 7.24 0.08
C PHE A 21 -5.44 5.86 0.54
N CYS A 22 -5.76 5.71 1.80
CA CYS A 22 -6.20 4.39 2.32
C CYS A 22 -7.72 4.39 2.50
N PRO A 23 -8.48 4.27 1.40
CA PRO A 23 -9.95 4.25 1.44
C PRO A 23 -10.48 2.97 2.10
N GLN A 24 -11.65 3.02 2.65
CA GLN A 24 -12.22 1.80 3.31
C GLN A 24 -13.24 1.15 2.38
N ASP A 25 -13.32 -0.15 2.38
CA ASP A 25 -14.30 -0.84 1.49
C ASP A 25 -14.90 -2.03 2.24
N LYS A 26 -15.74 -2.79 1.58
CA LYS A 26 -16.37 -3.96 2.25
C LYS A 26 -15.35 -5.11 2.34
N LYS A 27 -14.33 -5.07 1.52
CA LYS A 27 -13.31 -6.16 1.56
C LYS A 27 -11.97 -5.59 2.00
N PRO A 28 -11.79 -5.42 3.32
CA PRO A 28 -10.54 -4.87 3.89
C PRO A 28 -9.39 -5.88 3.77
N ILE A 29 -8.19 -5.45 4.05
CA ILE A 29 -7.02 -6.38 3.95
C ILE A 29 -6.39 -6.53 5.34
N GLN A 30 -6.04 -7.73 5.71
CA GLN A 30 -5.42 -7.96 7.05
C GLN A 30 -3.91 -7.69 6.95
N SER A 31 -3.37 -6.95 7.88
CA SER A 31 -1.90 -6.65 7.83
C SER A 31 -1.10 -7.83 8.37
N LEU A 32 -0.05 -8.18 7.68
CA LEU A 32 0.80 -9.32 8.12
C LEU A 32 1.69 -8.85 9.27
N ASP A 33 1.86 -7.57 9.42
CA ASP A 33 2.72 -7.05 10.52
C ASP A 33 2.05 -7.32 11.87
N GLY A 34 0.84 -7.81 11.86
CA GLY A 34 0.15 -8.10 13.14
C GLY A 34 -1.01 -7.11 13.32
N ILE A 35 -1.30 -6.35 12.30
CA ILE A 35 -2.41 -5.36 12.41
C ILE A 35 -3.56 -5.80 11.48
N MET A 36 -4.77 -5.63 11.91
CA MET A 36 -5.92 -6.04 11.04
C MET A 36 -6.44 -4.80 10.29
N PHE A 37 -5.78 -4.40 9.24
CA PHE A 37 -6.26 -3.20 8.49
C PHE A 37 -5.50 -3.07 7.16
N ILE A 38 -5.70 -1.98 6.47
CA ILE A 38 -5.01 -1.77 5.18
C ILE A 38 -3.50 -1.67 5.40
N ASN A 39 -2.83 -2.77 5.46
CA ASN A 39 -1.36 -2.74 5.68
C ASN A 39 -0.71 -2.02 4.50
N LYS A 40 -1.37 -1.99 3.38
CA LYS A 40 -0.81 -1.31 2.19
C LYS A 40 -0.18 0.02 2.63
N CYS A 41 -0.98 0.93 3.09
CA CYS A 41 -0.44 2.24 3.54
C CYS A 41 0.51 2.00 4.73
N ALA A 42 0.39 0.89 5.39
CA ALA A 42 1.29 0.60 6.54
C ALA A 42 2.65 0.11 6.03
N THR A 43 2.64 -0.62 4.95
CA THR A 43 3.93 -1.13 4.39
C THR A 43 4.12 -0.60 2.96
N CYS A 44 3.14 -0.79 2.11
CA CYS A 44 3.27 -0.29 0.71
C CYS A 44 3.56 1.21 0.72
N LYS A 45 3.17 1.89 1.76
CA LYS A 45 3.45 3.36 1.82
C LYS A 45 4.95 3.57 1.73
N MET A 46 5.72 2.83 2.47
CA MET A 46 7.20 2.99 2.40
C MET A 46 7.71 2.31 1.13
N ILE A 47 7.08 1.22 0.75
CA ILE A 47 7.51 0.51 -0.49
C ILE A 47 7.01 1.28 -1.71
N LEU A 48 6.10 2.18 -1.52
CA LEU A 48 5.57 2.98 -2.66
C LEU A 48 6.45 4.22 -2.86
N GLU A 49 7.19 4.59 -1.86
CA GLU A 49 8.08 5.78 -1.99
C GLU A 49 9.38 5.36 -2.68
N LYS A 50 9.81 4.14 -2.44
CA LYS A 50 11.07 3.67 -3.09
C LYS A 50 10.95 3.80 -4.60
N GLU A 51 9.78 3.54 -5.13
CA GLU A 51 9.59 3.65 -6.61
C GLU A 51 9.87 5.10 -7.04
N ALA A 52 9.58 6.05 -6.18
CA ALA A 52 9.82 7.47 -6.55
C ALA A 52 11.32 7.69 -6.73
N LYS A 53 12.13 6.92 -6.05
CA LYS A 53 13.61 7.09 -6.19
C LYS A 53 14.01 6.86 -7.65
N SER A 54 13.37 5.93 -8.31
CA SER A 54 13.72 5.64 -9.73
C SER A 54 13.43 6.89 -10.57
N GLN A 55 12.51 7.71 -10.14
CA GLN A 55 12.19 8.95 -10.91
C GLN A 55 13.41 9.85 -10.95
N LYS A 1 11.62 -10.43 -3.90
CA LYS A 1 10.22 -10.79 -4.25
C LYS A 1 9.36 -10.81 -2.99
N ASN A 2 8.74 -9.71 -2.65
CA ASN A 2 7.88 -9.66 -1.44
C ASN A 2 6.41 -9.78 -1.84
N GLU A 3 5.70 -10.69 -1.24
CA GLU A 3 4.25 -10.85 -1.58
C GLU A 3 3.49 -9.57 -1.20
N ASP A 4 3.96 -8.86 -0.21
CA ASP A 4 3.27 -7.62 0.21
C ASP A 4 3.24 -6.63 -0.96
N GLN A 5 4.18 -6.74 -1.86
CA GLN A 5 4.21 -5.81 -3.03
C GLN A 5 2.98 -6.07 -3.91
N GLU A 6 2.56 -7.29 -4.02
CA GLU A 6 1.37 -7.61 -4.86
C GLU A 6 0.16 -6.80 -4.37
N MET A 7 -0.02 -6.71 -3.08
CA MET A 7 -1.17 -5.94 -2.55
C MET A 7 -1.00 -4.45 -2.87
N CYS A 8 0.22 -4.03 -3.12
CA CYS A 8 0.45 -2.60 -3.44
C CYS A 8 -0.04 -2.30 -4.86
N HIS A 9 0.13 -3.21 -5.76
CA HIS A 9 -0.35 -2.98 -7.15
C HIS A 9 -1.76 -2.37 -7.09
N GLU A 10 -2.61 -2.92 -6.27
CA GLU A 10 -4.00 -2.39 -6.16
C GLU A 10 -3.96 -1.03 -5.46
N PHE A 11 -3.20 -0.90 -4.40
CA PHE A 11 -3.13 0.41 -3.69
C PHE A 11 -2.37 1.41 -4.54
N GLN A 12 -1.83 0.98 -5.67
CA GLN A 12 -1.08 1.93 -6.54
C GLN A 12 -2.06 2.81 -7.31
N ALA A 13 -3.21 2.29 -7.65
CA ALA A 13 -4.21 3.10 -8.40
C ALA A 13 -4.75 4.20 -7.48
N PHE A 14 -4.71 3.97 -6.19
CA PHE A 14 -5.20 5.02 -5.25
C PHE A 14 -4.09 6.03 -4.98
N MET A 15 -2.92 5.81 -5.52
CA MET A 15 -1.80 6.76 -5.30
C MET A 15 -1.96 7.97 -6.22
N LYS A 16 -1.82 9.16 -5.68
CA LYS A 16 -1.96 10.38 -6.52
C LYS A 16 -0.91 11.42 -6.10
N ASN A 17 -0.40 12.17 -7.03
CA ASN A 17 0.62 13.20 -6.68
C ASN A 17 1.72 12.56 -5.84
N GLY A 18 1.98 11.30 -6.06
CA GLY A 18 3.05 10.61 -5.27
C GLY A 18 2.52 10.35 -3.86
N LYS A 19 1.23 10.45 -3.67
CA LYS A 19 0.66 10.20 -2.33
C LYS A 19 -0.30 9.00 -2.39
N LEU A 20 -0.29 8.18 -1.40
CA LEU A 20 -1.20 6.99 -1.41
C LEU A 20 -2.49 7.34 -0.68
N PHE A 21 -3.61 6.96 -1.23
CA PHE A 21 -4.91 7.27 -0.57
C PHE A 21 -5.34 6.06 0.26
N CYS A 22 -5.58 6.26 1.52
CA CYS A 22 -6.00 5.13 2.41
C CYS A 22 -7.50 5.22 2.69
N PRO A 23 -8.34 4.95 1.67
CA PRO A 23 -9.81 5.00 1.82
C PRO A 23 -10.31 3.84 2.68
N GLN A 24 -11.53 3.93 3.15
CA GLN A 24 -12.07 2.82 3.99
C GLN A 24 -12.99 1.93 3.14
N ASP A 25 -12.61 0.71 2.93
CA ASP A 25 -13.47 -0.20 2.11
C ASP A 25 -14.24 -1.14 3.04
N LYS A 26 -15.22 -1.82 2.52
CA LYS A 26 -16.02 -2.76 3.37
C LYS A 26 -15.38 -4.15 3.32
N LYS A 27 -14.28 -4.31 2.65
CA LYS A 27 -13.63 -5.64 2.58
C LYS A 27 -12.25 -5.58 3.25
N PRO A 28 -12.24 -5.66 4.59
CA PRO A 28 -10.99 -5.61 5.37
C PRO A 28 -10.15 -6.88 5.19
N ILE A 29 -8.88 -6.72 4.90
CA ILE A 29 -8.00 -7.91 4.71
C ILE A 29 -7.11 -8.08 5.93
N GLN A 30 -6.62 -9.28 6.15
CA GLN A 30 -5.72 -9.50 7.32
C GLN A 30 -4.27 -9.43 6.85
N SER A 31 -3.55 -8.43 7.26
CA SER A 31 -2.14 -8.30 6.82
C SER A 31 -1.22 -9.15 7.70
N LEU A 32 0.07 -8.95 7.59
CA LEU A 32 1.02 -9.75 8.41
C LEU A 32 2.01 -8.82 9.11
N ASP A 33 1.88 -7.54 8.91
CA ASP A 33 2.83 -6.58 9.56
C ASP A 33 2.32 -6.23 10.97
N GLY A 34 1.30 -6.89 11.43
CA GLY A 34 0.78 -6.61 12.80
C GLY A 34 -0.42 -5.64 12.69
N ILE A 35 -0.81 -5.30 11.50
CA ILE A 35 -1.97 -4.37 11.35
C ILE A 35 -3.08 -5.08 10.58
N MET A 36 -4.27 -4.52 10.59
CA MET A 36 -5.40 -5.17 9.85
C MET A 36 -5.77 -4.34 8.63
N PHE A 37 -5.45 -4.81 7.45
CA PHE A 37 -5.79 -4.06 6.21
C PHE A 37 -5.02 -2.75 6.15
N ILE A 38 -5.19 -1.90 7.14
CA ILE A 38 -4.45 -0.61 7.14
C ILE A 38 -3.01 -0.87 6.71
N ASN A 39 -2.52 -2.06 6.95
CA ASN A 39 -1.13 -2.39 6.55
C ASN A 39 -0.96 -2.15 5.05
N LYS A 40 -1.80 -2.71 4.23
CA LYS A 40 -1.66 -2.51 2.77
C LYS A 40 -1.34 -1.04 2.48
N CYS A 41 -2.06 -0.15 3.10
CA CYS A 41 -1.80 1.29 2.88
C CYS A 41 -0.62 1.73 3.73
N ALA A 42 -0.44 1.10 4.86
CA ALA A 42 0.69 1.47 5.77
C ALA A 42 2.01 0.83 5.28
N THR A 43 1.94 -0.19 4.47
CA THR A 43 3.21 -0.82 3.99
C THR A 43 3.44 -0.46 2.52
N CYS A 44 2.39 -0.22 1.79
CA CYS A 44 2.56 0.13 0.36
C CYS A 44 2.93 1.61 0.24
N LYS A 45 2.55 2.41 1.20
CA LYS A 45 2.89 3.86 1.15
C LYS A 45 4.40 4.01 0.94
N MET A 46 5.19 3.26 1.67
CA MET A 46 6.66 3.35 1.50
C MET A 46 7.07 2.58 0.24
N ILE A 47 6.24 1.66 -0.17
CA ILE A 47 6.56 0.86 -1.39
C ILE A 47 6.22 1.68 -2.63
N LEU A 48 5.25 2.56 -2.54
CA LEU A 48 4.88 3.39 -3.72
C LEU A 48 5.93 4.50 -3.89
N GLU A 49 6.61 4.83 -2.83
CA GLU A 49 7.65 5.90 -2.92
C GLU A 49 8.86 5.36 -3.69
N LYS A 50 9.18 4.10 -3.50
CA LYS A 50 10.33 3.51 -4.22
C LYS A 50 10.16 3.76 -5.72
N GLU A 51 8.95 3.72 -6.21
CA GLU A 51 8.72 3.96 -7.66
C GLU A 51 9.17 5.38 -8.00
N ALA A 52 9.06 6.29 -7.08
CA ALA A 52 9.49 7.69 -7.35
C ALA A 52 10.99 7.71 -7.63
N LYS A 53 11.72 6.78 -7.08
CA LYS A 53 13.19 6.75 -7.32
C LYS A 53 13.81 8.07 -6.85
N SER A 54 13.49 8.49 -5.66
CA SER A 54 14.06 9.77 -5.13
C SER A 54 15.59 9.65 -5.07
N GLN A 55 16.10 8.45 -4.91
CA GLN A 55 17.57 8.28 -4.85
C GLN A 55 18.02 7.26 -5.91
N LYS A 1 8.33 -11.99 1.86
CA LYS A 1 8.21 -10.55 2.19
C LYS A 1 7.96 -9.75 0.91
N ASN A 2 8.61 -10.12 -0.16
CA ASN A 2 8.41 -9.38 -1.45
C ASN A 2 6.94 -9.44 -1.84
N GLU A 3 6.26 -10.50 -1.49
CA GLU A 3 4.81 -10.61 -1.85
C GLU A 3 4.04 -9.46 -1.18
N ASP A 4 4.50 -9.02 -0.04
CA ASP A 4 3.78 -7.91 0.66
C ASP A 4 3.81 -6.66 -0.22
N GLN A 5 4.82 -6.52 -1.03
CA GLN A 5 4.91 -5.32 -1.91
C GLN A 5 3.75 -5.33 -2.91
N GLU A 6 3.28 -6.50 -3.26
CA GLU A 6 2.14 -6.58 -4.22
C GLU A 6 0.94 -5.83 -3.65
N MET A 7 0.76 -5.90 -2.35
CA MET A 7 -0.39 -5.19 -1.74
C MET A 7 -0.24 -3.69 -1.91
N CYS A 8 0.98 -3.21 -1.96
CA CYS A 8 1.21 -1.75 -2.13
C CYS A 8 0.81 -1.33 -3.54
N HIS A 9 1.11 -2.14 -4.51
CA HIS A 9 0.75 -1.79 -5.92
C HIS A 9 -0.68 -1.25 -5.94
N GLU A 10 -1.61 -1.94 -5.33
CA GLU A 10 -3.01 -1.46 -5.32
C GLU A 10 -3.10 -0.07 -4.70
N PHE A 11 -2.34 0.19 -3.66
CA PHE A 11 -2.40 1.53 -3.02
C PHE A 11 -1.57 2.53 -3.84
N GLN A 12 -1.03 2.10 -4.95
CA GLN A 12 -0.23 3.04 -5.78
C GLN A 12 -1.16 3.86 -6.66
N ALA A 13 -2.27 3.30 -7.04
CA ALA A 13 -3.24 4.06 -7.90
C ALA A 13 -4.03 5.02 -7.01
N PHE A 14 -4.14 4.72 -5.75
CA PHE A 14 -4.90 5.63 -4.83
C PHE A 14 -3.97 6.74 -4.32
N MET A 15 -2.74 6.74 -4.77
CA MET A 15 -1.78 7.79 -4.32
C MET A 15 -2.04 9.09 -5.09
N LYS A 16 -2.11 10.20 -4.41
CA LYS A 16 -2.34 11.49 -5.11
C LYS A 16 -1.46 12.58 -4.50
N ASN A 17 -0.95 13.46 -5.31
CA ASN A 17 -0.07 14.55 -4.78
C ASN A 17 1.02 13.95 -3.89
N GLY A 18 1.44 12.74 -4.18
CA GLY A 18 2.50 12.11 -3.35
C GLY A 18 1.89 11.68 -2.01
N LYS A 19 0.60 11.56 -1.95
CA LYS A 19 -0.06 11.15 -0.68
C LYS A 19 -0.86 9.87 -0.92
N LEU A 20 -0.82 8.95 0.02
CA LEU A 20 -1.58 7.69 -0.17
C LEU A 20 -2.98 7.85 0.43
N PHE A 21 -4.00 7.56 -0.34
CA PHE A 21 -5.39 7.68 0.19
C PHE A 21 -5.86 6.33 0.68
N CYS A 22 -6.27 6.24 1.92
CA CYS A 22 -6.74 4.93 2.46
C CYS A 22 -8.27 4.93 2.58
N PRO A 23 -8.98 4.98 1.45
CA PRO A 23 -10.45 4.98 1.42
C PRO A 23 -11.02 3.62 1.83
N GLN A 24 -10.18 2.65 2.03
CA GLN A 24 -10.67 1.29 2.43
C GLN A 24 -11.24 0.59 1.20
N ASP A 25 -10.48 -0.29 0.60
CA ASP A 25 -10.98 -1.01 -0.60
C ASP A 25 -12.21 -1.84 -0.22
N LYS A 26 -13.12 -2.01 -1.13
CA LYS A 26 -14.35 -2.82 -0.82
C LYS A 26 -13.93 -4.20 -0.33
N LYS A 27 -12.90 -4.75 -0.91
CA LYS A 27 -12.43 -6.10 -0.48
C LYS A 27 -11.19 -5.96 0.38
N PRO A 28 -11.36 -5.85 1.70
CA PRO A 28 -10.24 -5.70 2.64
C PRO A 28 -9.41 -6.97 2.74
N ILE A 29 -8.13 -6.84 2.97
CA ILE A 29 -7.26 -8.05 3.08
C ILE A 29 -6.56 -8.05 4.44
N GLN A 30 -6.41 -9.20 5.04
CA GLN A 30 -5.73 -9.24 6.37
C GLN A 30 -4.23 -9.17 6.16
N SER A 31 -3.61 -8.19 6.74
CA SER A 31 -2.13 -8.01 6.58
C SER A 31 -1.39 -8.98 7.51
N LEU A 32 -0.09 -8.98 7.44
CA LEU A 32 0.71 -9.89 8.30
C LEU A 32 1.53 -9.06 9.30
N ASP A 33 1.46 -7.76 9.20
CA ASP A 33 2.24 -6.91 10.14
C ASP A 33 1.50 -6.79 11.47
N GLY A 34 0.43 -7.53 11.64
CA GLY A 34 -0.33 -7.46 12.91
C GLY A 34 -1.43 -6.40 12.77
N ILE A 35 -1.56 -5.82 11.61
CA ILE A 35 -2.61 -4.78 11.42
C ILE A 35 -3.74 -5.35 10.56
N MET A 36 -4.93 -4.85 10.71
CA MET A 36 -6.07 -5.38 9.91
C MET A 36 -6.24 -4.53 8.64
N PHE A 37 -5.81 -5.06 7.51
CA PHE A 37 -5.94 -4.33 6.21
C PHE A 37 -5.14 -3.03 6.24
N ILE A 38 -5.44 -2.15 7.16
CA ILE A 38 -4.71 -0.84 7.23
C ILE A 38 -3.22 -1.04 6.94
N ASN A 39 -2.69 -2.19 7.22
CA ASN A 39 -1.24 -2.42 6.96
C ASN A 39 -0.91 -1.96 5.53
N LYS A 40 -1.71 -2.35 4.57
CA LYS A 40 -1.44 -1.95 3.17
C LYS A 40 -0.99 -0.49 3.12
N CYS A 41 -1.71 0.38 3.77
CA CYS A 41 -1.33 1.82 3.76
C CYS A 41 -0.05 2.01 4.58
N ALA A 42 0.09 1.30 5.66
CA ALA A 42 1.30 1.44 6.51
C ALA A 42 2.49 0.75 5.84
N THR A 43 2.23 -0.23 5.02
CA THR A 43 3.35 -0.95 4.35
C THR A 43 3.52 -0.42 2.93
N CYS A 44 2.43 -0.11 2.28
CA CYS A 44 2.51 0.41 0.89
C CYS A 44 3.20 1.77 0.90
N LYS A 45 2.97 2.56 1.91
CA LYS A 45 3.61 3.91 1.96
C LYS A 45 5.12 3.77 1.75
N MET A 46 5.75 2.90 2.48
CA MET A 46 7.23 2.73 2.33
C MET A 46 7.51 2.07 0.98
N ILE A 47 6.76 1.05 0.64
CA ILE A 47 6.99 0.36 -0.66
C ILE A 47 6.48 1.27 -1.79
N LEU A 48 5.78 2.32 -1.45
CA LEU A 48 5.27 3.24 -2.50
C LEU A 48 6.40 4.15 -2.97
N GLU A 49 7.30 4.50 -2.08
CA GLU A 49 8.44 5.37 -2.47
C GLU A 49 9.30 4.63 -3.49
N LYS A 50 9.29 3.32 -3.45
CA LYS A 50 10.10 2.54 -4.41
C LYS A 50 9.58 2.80 -5.83
N GLU A 51 8.30 2.91 -5.99
CA GLU A 51 7.72 3.16 -7.34
C GLU A 51 8.35 4.43 -7.92
N ALA A 52 8.65 5.39 -7.08
CA ALA A 52 9.26 6.65 -7.58
C ALA A 52 10.60 6.33 -8.23
N LYS A 53 11.25 5.28 -7.81
CA LYS A 53 12.55 4.91 -8.41
C LYS A 53 12.39 4.75 -9.92
N SER A 54 11.25 4.26 -10.36
CA SER A 54 11.04 4.07 -11.82
C SER A 54 11.23 5.41 -12.53
N GLN A 55 10.86 6.49 -11.89
CA GLN A 55 11.03 7.82 -12.53
C GLN A 55 10.57 7.76 -13.99
N LYS A 1 9.90 -8.31 -5.54
CA LYS A 1 10.85 -8.99 -4.60
C LYS A 1 10.06 -9.71 -3.52
N ASN A 2 9.35 -8.99 -2.70
CA ASN A 2 8.55 -9.64 -1.63
C ASN A 2 7.06 -9.54 -1.98
N GLU A 3 6.37 -10.66 -1.98
CA GLU A 3 4.91 -10.64 -2.31
C GLU A 3 4.25 -9.46 -1.60
N ASP A 4 4.75 -9.11 -0.43
CA ASP A 4 4.15 -7.95 0.30
C ASP A 4 4.21 -6.70 -0.56
N GLN A 5 5.22 -6.57 -1.37
CA GLN A 5 5.34 -5.37 -2.24
C GLN A 5 4.13 -5.33 -3.19
N GLU A 6 3.66 -6.47 -3.61
CA GLU A 6 2.50 -6.50 -4.53
C GLU A 6 1.30 -5.83 -3.85
N MET A 7 1.13 -6.07 -2.58
CA MET A 7 -0.02 -5.45 -1.85
C MET A 7 0.06 -3.93 -1.99
N CYS A 8 1.25 -3.41 -2.13
CA CYS A 8 1.40 -1.93 -2.27
C CYS A 8 0.89 -1.50 -3.65
N HIS A 9 1.03 -2.35 -4.63
CA HIS A 9 0.56 -1.99 -6.00
C HIS A 9 -0.88 -1.45 -5.91
N GLU A 10 -1.76 -2.20 -5.29
CA GLU A 10 -3.16 -1.73 -5.17
C GLU A 10 -3.20 -0.32 -4.59
N PHE A 11 -2.44 -0.07 -3.54
CA PHE A 11 -2.44 1.30 -2.94
C PHE A 11 -1.71 2.25 -3.88
N GLN A 12 -0.84 1.76 -4.71
CA GLN A 12 -0.11 2.65 -5.66
C GLN A 12 -1.10 3.22 -6.67
N ALA A 13 -2.11 2.46 -7.02
CA ALA A 13 -3.11 2.95 -8.00
C ALA A 13 -4.00 4.00 -7.33
N PHE A 14 -4.14 3.92 -6.03
CA PHE A 14 -4.99 4.92 -5.31
C PHE A 14 -4.17 6.18 -5.06
N MET A 15 -2.98 6.26 -5.61
CA MET A 15 -2.15 7.48 -5.40
C MET A 15 -2.62 8.59 -6.35
N LYS A 16 -2.59 9.81 -5.92
CA LYS A 16 -3.03 10.92 -6.80
C LYS A 16 -2.21 12.18 -6.51
N ASN A 17 -1.85 12.92 -7.52
CA ASN A 17 -1.04 14.15 -7.30
C ASN A 17 0.16 13.82 -6.41
N GLY A 18 0.62 12.60 -6.45
CA GLY A 18 1.79 12.22 -5.61
C GLY A 18 1.31 11.97 -4.17
N LYS A 19 0.04 11.76 -3.99
CA LYS A 19 -0.49 11.53 -2.62
C LYS A 19 -1.19 10.16 -2.58
N LEU A 20 -0.98 9.41 -1.54
CA LEU A 20 -1.62 8.06 -1.45
C LEU A 20 -2.99 8.21 -0.77
N PHE A 21 -4.04 7.78 -1.42
CA PHE A 21 -5.38 7.88 -0.80
C PHE A 21 -5.59 6.69 0.12
N CYS A 22 -5.85 6.92 1.37
CA CYS A 22 -6.05 5.78 2.32
C CYS A 22 -7.53 5.67 2.70
N PRO A 23 -8.40 5.36 1.73
CA PRO A 23 -9.85 5.21 1.97
C PRO A 23 -10.15 3.95 2.78
N GLN A 24 -11.36 3.82 3.26
CA GLN A 24 -11.71 2.60 4.06
C GLN A 24 -12.35 1.56 3.14
N ASP A 25 -11.67 0.48 2.89
CA ASP A 25 -12.25 -0.58 2.00
C ASP A 25 -13.29 -1.39 2.78
N LYS A 26 -14.47 -1.51 2.26
CA LYS A 26 -15.52 -2.29 2.97
C LYS A 26 -15.07 -3.75 3.10
N LYS A 27 -14.31 -4.22 2.15
CA LYS A 27 -13.83 -5.63 2.21
C LYS A 27 -12.64 -5.72 3.16
N PRO A 28 -12.73 -6.59 4.18
CA PRO A 28 -11.67 -6.78 5.17
C PRO A 28 -10.43 -7.47 4.57
N ILE A 29 -9.27 -6.98 4.86
CA ILE A 29 -8.03 -7.61 4.33
C ILE A 29 -7.16 -8.09 5.50
N GLN A 30 -6.80 -9.33 5.51
CA GLN A 30 -5.96 -9.84 6.62
C GLN A 30 -4.49 -9.68 6.23
N SER A 31 -3.87 -8.63 6.68
CA SER A 31 -2.45 -8.40 6.33
C SER A 31 -1.55 -9.26 7.22
N LEU A 32 -0.27 -9.30 6.93
CA LEU A 32 0.65 -10.15 7.74
C LEU A 32 1.43 -9.30 8.74
N ASP A 33 1.30 -8.00 8.69
CA ASP A 33 2.06 -7.15 9.64
C ASP A 33 1.30 -7.05 10.97
N GLY A 34 0.29 -7.86 11.14
CA GLY A 34 -0.49 -7.82 12.40
C GLY A 34 -1.62 -6.80 12.26
N ILE A 35 -1.80 -6.25 11.08
CA ILE A 35 -2.88 -5.26 10.89
C ILE A 35 -3.90 -5.82 9.88
N MET A 36 -5.10 -5.32 9.90
CA MET A 36 -6.13 -5.83 8.95
C MET A 36 -6.36 -4.79 7.84
N PHE A 37 -5.94 -5.08 6.64
CA PHE A 37 -6.14 -4.13 5.51
C PHE A 37 -5.33 -2.87 5.74
N ILE A 38 -5.56 -2.18 6.81
CA ILE A 38 -4.80 -0.93 7.08
C ILE A 38 -3.32 -1.18 6.76
N ASN A 39 -2.88 -2.40 6.86
CA ASN A 39 -1.45 -2.71 6.56
C ASN A 39 -1.12 -2.26 5.14
N LYS A 40 -1.82 -2.75 4.17
CA LYS A 40 -1.53 -2.36 2.76
C LYS A 40 -1.28 -0.85 2.70
N CYS A 41 -2.03 -0.10 3.46
CA CYS A 41 -1.84 1.37 3.46
C CYS A 41 -0.63 1.72 4.32
N ALA A 42 -0.48 1.05 5.44
CA ALA A 42 0.66 1.32 6.34
C ALA A 42 1.95 0.75 5.76
N THR A 43 1.85 -0.22 4.88
CA THR A 43 3.08 -0.82 4.29
C THR A 43 3.30 -0.23 2.90
N CYS A 44 2.27 -0.12 2.11
CA CYS A 44 2.44 0.44 0.75
C CYS A 44 3.01 1.85 0.85
N LYS A 45 2.61 2.60 1.83
CA LYS A 45 3.14 3.99 1.97
C LYS A 45 4.67 3.95 2.04
N MET A 46 5.22 2.95 2.68
CA MET A 46 6.70 2.86 2.76
C MET A 46 7.23 2.23 1.48
N ILE A 47 6.50 1.30 0.93
CA ILE A 47 6.96 0.65 -0.34
C ILE A 47 6.65 1.59 -1.51
N LEU A 48 5.80 2.56 -1.30
CA LEU A 48 5.47 3.51 -2.40
C LEU A 48 6.68 4.41 -2.64
N GLU A 49 7.31 4.88 -1.60
CA GLU A 49 8.50 5.76 -1.77
C GLU A 49 9.59 4.99 -2.53
N LYS A 50 9.73 3.72 -2.28
CA LYS A 50 10.77 2.93 -2.98
C LYS A 50 10.60 3.10 -4.48
N GLU A 51 9.38 3.16 -4.96
CA GLU A 51 9.15 3.33 -6.42
C GLU A 51 9.73 4.67 -6.88
N ALA A 52 9.67 5.66 -6.03
CA ALA A 52 10.22 7.00 -6.41
C ALA A 52 11.73 6.88 -6.62
N LYS A 53 12.36 5.96 -5.94
CA LYS A 53 13.84 5.80 -6.10
C LYS A 53 14.14 5.38 -7.54
N SER A 54 13.27 4.62 -8.14
CA SER A 54 13.52 4.18 -9.54
C SER A 54 13.59 5.39 -10.46
N GLN A 55 12.93 6.46 -10.10
CA GLN A 55 12.97 7.69 -10.95
C GLN A 55 14.18 8.54 -10.58
N LYS A 1 5.57 -10.47 2.76
CA LYS A 1 6.92 -10.52 2.14
C LYS A 1 6.84 -9.97 0.71
N ASN A 2 7.68 -10.44 -0.16
CA ASN A 2 7.65 -9.95 -1.57
C ASN A 2 6.20 -9.87 -2.05
N GLU A 3 5.38 -10.80 -1.64
CA GLU A 3 3.95 -10.78 -2.07
C GLU A 3 3.32 -9.44 -1.70
N ASP A 4 3.71 -8.87 -0.59
CA ASP A 4 3.14 -7.56 -0.18
C ASP A 4 3.31 -6.55 -1.31
N GLN A 5 4.37 -6.66 -2.07
CA GLN A 5 4.59 -5.71 -3.18
C GLN A 5 3.45 -5.82 -4.20
N GLU A 6 2.96 -7.01 -4.43
CA GLU A 6 1.85 -7.18 -5.40
C GLU A 6 0.61 -6.44 -4.90
N MET A 7 0.34 -6.51 -3.62
CA MET A 7 -0.86 -5.81 -3.07
C MET A 7 -0.69 -4.30 -3.23
N CYS A 8 0.53 -3.83 -3.35
CA CYS A 8 0.75 -2.38 -3.50
C CYS A 8 0.35 -1.94 -4.90
N HIS A 9 0.52 -2.79 -5.88
CA HIS A 9 0.13 -2.42 -7.27
C HIS A 9 -1.29 -1.84 -7.26
N GLU A 10 -2.21 -2.49 -6.59
CA GLU A 10 -3.60 -1.98 -6.54
C GLU A 10 -3.67 -0.66 -5.75
N PHE A 11 -2.92 -0.56 -4.69
CA PHE A 11 -2.95 0.71 -3.89
C PHE A 11 -2.27 1.83 -4.67
N GLN A 12 -1.54 1.50 -5.70
CA GLN A 12 -0.85 2.56 -6.50
C GLN A 12 -1.90 3.41 -7.20
N ALA A 13 -2.96 2.80 -7.68
CA ALA A 13 -4.02 3.57 -8.37
C ALA A 13 -4.52 4.67 -7.44
N PHE A 14 -4.64 4.38 -6.18
CA PHE A 14 -5.14 5.41 -5.22
C PHE A 14 -3.98 6.33 -4.84
N MET A 15 -2.83 6.12 -5.41
CA MET A 15 -1.65 6.99 -5.07
C MET A 15 -1.75 8.31 -5.84
N LYS A 16 -1.27 9.37 -5.27
CA LYS A 16 -1.34 10.69 -5.96
C LYS A 16 -0.24 11.60 -5.44
N ASN A 17 0.36 12.38 -6.29
CA ASN A 17 1.44 13.30 -5.83
C ASN A 17 2.46 12.50 -5.00
N GLY A 18 2.61 11.24 -5.28
CA GLY A 18 3.58 10.42 -4.50
C GLY A 18 2.97 10.06 -3.15
N LYS A 19 1.69 10.24 -3.00
CA LYS A 19 1.02 9.91 -1.72
C LYS A 19 0.01 8.78 -1.94
N LEU A 20 -0.15 7.93 -0.96
CA LEU A 20 -1.12 6.81 -1.13
C LEU A 20 -2.45 7.19 -0.47
N PHE A 21 -3.53 7.17 -1.21
CA PHE A 21 -4.85 7.53 -0.62
C PHE A 21 -5.48 6.29 0.00
N CYS A 22 -5.56 6.25 1.31
CA CYS A 22 -6.18 5.08 1.99
C CYS A 22 -7.69 5.26 2.05
N PRO A 23 -8.44 4.38 1.35
CA PRO A 23 -9.90 4.44 1.32
C PRO A 23 -10.51 4.03 2.66
N GLN A 24 -11.57 4.68 3.07
CA GLN A 24 -12.21 4.33 4.37
C GLN A 24 -12.73 2.89 4.30
N ASP A 25 -13.09 2.43 3.15
CA ASP A 25 -13.60 1.03 3.02
C ASP A 25 -12.54 0.05 3.51
N LYS A 26 -12.95 -1.04 4.09
CA LYS A 26 -11.96 -2.03 4.60
C LYS A 26 -12.28 -3.41 4.01
N LYS A 27 -11.28 -4.12 3.56
CA LYS A 27 -11.53 -5.47 2.98
C LYS A 27 -10.93 -6.53 3.90
N PRO A 28 -11.47 -7.77 3.83
CA PRO A 28 -10.99 -8.89 4.65
C PRO A 28 -9.59 -9.35 4.24
N ILE A 29 -8.60 -8.55 4.46
CA ILE A 29 -7.21 -8.94 4.08
C ILE A 29 -6.35 -9.02 5.35
N GLN A 30 -5.83 -10.18 5.66
CA GLN A 30 -4.98 -10.29 6.86
C GLN A 30 -3.55 -9.90 6.49
N SER A 31 -3.13 -8.72 6.85
CA SER A 31 -1.76 -8.28 6.49
C SER A 31 -0.73 -8.90 7.43
N LEU A 32 0.48 -8.39 7.41
CA LEU A 32 1.55 -8.94 8.26
C LEU A 32 1.98 -7.90 9.32
N ASP A 33 1.61 -6.67 9.13
CA ASP A 33 2.01 -5.63 10.12
C ASP A 33 1.11 -5.70 11.36
N GLY A 34 0.27 -6.69 11.43
CA GLY A 34 -0.64 -6.81 12.61
C GLY A 34 -1.92 -6.03 12.34
N ILE A 35 -2.15 -5.67 11.10
CA ILE A 35 -3.38 -4.92 10.76
C ILE A 35 -4.21 -5.72 9.76
N MET A 36 -5.45 -5.36 9.57
CA MET A 36 -6.30 -6.10 8.61
C MET A 36 -6.46 -5.27 7.33
N PHE A 37 -5.78 -5.64 6.28
CA PHE A 37 -5.88 -4.88 5.00
C PHE A 37 -5.30 -3.48 5.16
N ILE A 38 -5.82 -2.72 6.08
CA ILE A 38 -5.30 -1.33 6.29
C ILE A 38 -3.77 -1.34 6.16
N ASN A 39 -3.14 -2.44 6.48
CA ASN A 39 -1.66 -2.51 6.37
C ASN A 39 -1.24 -2.20 4.93
N LYS A 40 -1.92 -2.77 3.96
CA LYS A 40 -1.54 -2.52 2.55
C LYS A 40 -1.26 -1.02 2.37
N CYS A 41 -2.13 -0.19 2.87
CA CYS A 41 -1.92 1.27 2.73
C CYS A 41 -0.83 1.73 3.70
N ALA A 42 -0.77 1.12 4.86
CA ALA A 42 0.26 1.52 5.86
C ALA A 42 1.62 0.95 5.47
N THR A 43 1.64 -0.08 4.66
CA THR A 43 2.96 -0.65 4.25
C THR A 43 3.31 -0.18 2.85
N CYS A 44 2.39 -0.29 1.93
CA CYS A 44 2.65 0.14 0.54
C CYS A 44 3.02 1.63 0.52
N LYS A 45 2.47 2.40 1.42
CA LYS A 45 2.81 3.85 1.45
C LYS A 45 4.33 4.01 1.37
N MET A 46 5.05 3.24 2.14
CA MET A 46 6.53 3.32 2.11
C MET A 46 7.03 2.59 0.86
N ILE A 47 6.25 1.68 0.35
CA ILE A 47 6.67 0.93 -0.87
C ILE A 47 6.48 1.83 -2.09
N LEU A 48 5.52 2.72 -2.06
CA LEU A 48 5.30 3.62 -3.21
C LEU A 48 6.34 4.74 -3.19
N GLU A 49 6.82 5.09 -2.03
CA GLU A 49 7.84 6.17 -1.94
C GLU A 49 9.12 5.70 -2.62
N LYS A 50 9.45 4.44 -2.48
CA LYS A 50 10.69 3.92 -3.12
C LYS A 50 10.62 4.16 -4.63
N GLU A 51 9.45 4.07 -5.20
CA GLU A 51 9.32 4.30 -6.66
C GLU A 51 9.77 5.73 -6.99
N ALA A 52 9.55 6.65 -6.09
CA ALA A 52 9.95 8.06 -6.35
C ALA A 52 11.48 8.13 -6.51
N LYS A 53 12.18 7.23 -5.87
CA LYS A 53 13.67 7.24 -5.99
C LYS A 53 14.06 7.02 -7.45
N SER A 54 13.33 6.20 -8.16
CA SER A 54 13.66 5.95 -9.60
C SER A 54 13.48 7.24 -10.39
N GLN A 55 12.64 8.12 -9.93
CA GLN A 55 12.43 9.40 -10.67
C GLN A 55 13.62 10.32 -10.45
N LYS A 1 7.69 -11.92 1.34
CA LYS A 1 7.99 -10.49 1.57
C LYS A 1 7.54 -9.68 0.35
N ASN A 2 8.11 -9.94 -0.80
CA ASN A 2 7.73 -9.20 -2.02
C ASN A 2 6.20 -9.24 -2.18
N GLU A 3 5.57 -10.27 -1.69
CA GLU A 3 4.09 -10.35 -1.82
C GLU A 3 3.45 -9.07 -1.28
N ASP A 4 4.15 -8.35 -0.45
CA ASP A 4 3.58 -7.09 0.11
C ASP A 4 3.53 -6.03 -0.98
N GLN A 5 4.34 -6.16 -1.99
CA GLN A 5 4.33 -5.15 -3.09
C GLN A 5 3.01 -5.25 -3.86
N GLU A 6 2.43 -6.42 -3.92
CA GLU A 6 1.15 -6.57 -4.66
C GLU A 6 0.03 -5.83 -3.91
N MET A 7 -0.19 -6.18 -2.67
CA MET A 7 -1.26 -5.49 -1.90
C MET A 7 -1.17 -3.98 -2.13
N CYS A 8 -0.02 -3.48 -2.49
CA CYS A 8 0.14 -2.03 -2.73
C CYS A 8 -0.52 -1.64 -4.05
N HIS A 9 -0.54 -2.54 -5.01
CA HIS A 9 -1.17 -2.21 -6.32
C HIS A 9 -2.61 -1.75 -6.08
N GLU A 10 -3.24 -2.28 -5.06
CA GLU A 10 -4.65 -1.87 -4.76
C GLU A 10 -4.67 -0.43 -4.25
N PHE A 11 -3.62 0.00 -3.60
CA PHE A 11 -3.59 1.40 -3.09
C PHE A 11 -2.85 2.30 -4.08
N GLN A 12 -2.39 1.74 -5.17
CA GLN A 12 -1.66 2.56 -6.18
C GLN A 12 -2.62 3.55 -6.82
N ALA A 13 -3.84 3.14 -7.06
CA ALA A 13 -4.82 4.07 -7.69
C ALA A 13 -5.23 5.14 -6.67
N PHE A 14 -5.08 4.86 -5.40
CA PHE A 14 -5.47 5.85 -4.36
C PHE A 14 -4.24 6.69 -4.01
N MET A 15 -3.12 6.43 -4.60
CA MET A 15 -1.89 7.22 -4.29
C MET A 15 -1.95 8.55 -5.05
N LYS A 16 -1.67 9.64 -4.37
CA LYS A 16 -1.71 10.96 -5.06
C LYS A 16 -0.54 11.83 -4.57
N ASN A 17 0.03 12.62 -5.44
CA ASN A 17 1.18 13.48 -5.03
C ASN A 17 2.21 12.62 -4.28
N GLY A 18 2.30 11.37 -4.63
CA GLY A 18 3.29 10.49 -3.94
C GLY A 18 2.77 10.16 -2.54
N LYS A 19 1.50 10.34 -2.31
CA LYS A 19 0.91 10.05 -0.99
C LYS A 19 -0.15 8.96 -1.12
N LEU A 20 -0.30 8.13 -0.13
CA LEU A 20 -1.32 7.05 -0.21
C LEU A 20 -2.61 7.52 0.45
N PHE A 21 -3.62 7.81 -0.35
CA PHE A 21 -4.91 8.26 0.24
C PHE A 21 -5.80 7.04 0.46
N CYS A 22 -5.34 6.08 1.22
CA CYS A 22 -6.15 4.86 1.48
C CYS A 22 -7.51 5.25 2.07
N PRO A 23 -8.57 5.13 1.26
CA PRO A 23 -9.94 5.46 1.67
C PRO A 23 -10.64 4.24 2.27
N GLN A 24 -11.07 3.33 1.43
CA GLN A 24 -11.77 2.12 1.95
C GLN A 24 -11.21 0.88 1.25
N ASP A 25 -11.04 -0.20 1.98
CA ASP A 25 -10.49 -1.44 1.36
C ASP A 25 -11.64 -2.30 0.83
N LYS A 26 -11.82 -2.33 -0.46
CA LYS A 26 -12.91 -3.17 -1.04
C LYS A 26 -12.75 -4.61 -0.58
N LYS A 27 -11.52 -5.07 -0.47
CA LYS A 27 -11.29 -6.48 -0.04
C LYS A 27 -10.35 -6.47 1.18
N PRO A 28 -10.92 -6.65 2.37
CA PRO A 28 -10.15 -6.67 3.62
C PRO A 28 -9.24 -7.90 3.73
N ILE A 29 -7.98 -7.69 3.97
CA ILE A 29 -7.03 -8.84 4.07
C ILE A 29 -6.26 -8.73 5.40
N GLN A 30 -5.92 -9.84 6.00
CA GLN A 30 -5.17 -9.77 7.28
C GLN A 30 -3.70 -9.50 6.96
N SER A 31 -3.21 -8.37 7.39
CA SER A 31 -1.80 -8.00 7.09
C SER A 31 -0.85 -8.72 8.06
N LEU A 32 0.42 -8.64 7.81
CA LEU A 32 1.42 -9.31 8.69
C LEU A 32 2.22 -8.26 9.46
N ASP A 33 1.96 -7.01 9.22
CA ASP A 33 2.71 -5.94 9.93
C ASP A 33 2.08 -5.72 11.32
N GLY A 34 1.17 -6.56 11.71
CA GLY A 34 0.52 -6.39 13.04
C GLY A 34 -0.71 -5.49 12.90
N ILE A 35 -1.02 -5.09 11.69
CA ILE A 35 -2.21 -4.21 11.48
C ILE A 35 -3.36 -5.04 10.89
N MET A 36 -4.55 -4.52 10.92
CA MET A 36 -5.71 -5.27 10.38
C MET A 36 -6.10 -4.70 9.01
N PHE A 37 -5.70 -5.34 7.95
CA PHE A 37 -6.03 -4.85 6.57
C PHE A 37 -5.39 -3.48 6.32
N ILE A 38 -5.73 -2.51 7.11
CA ILE A 38 -5.17 -1.14 6.92
C ILE A 38 -3.69 -1.21 6.56
N ASN A 39 -3.01 -2.24 6.97
CA ASN A 39 -1.56 -2.34 6.64
C ASN A 39 -1.33 -1.96 5.18
N LYS A 40 -2.15 -2.44 4.29
CA LYS A 40 -1.97 -2.10 2.85
C LYS A 40 -1.65 -0.62 2.70
N CYS A 41 -2.27 0.21 3.49
CA CYS A 41 -1.99 1.67 3.39
C CYS A 41 -0.58 1.96 3.92
N ALA A 42 -0.33 1.61 5.15
CA ALA A 42 1.01 1.85 5.73
C ALA A 42 2.08 1.08 4.94
N THR A 43 1.70 0.03 4.28
CA THR A 43 2.71 -0.75 3.50
C THR A 43 2.77 -0.21 2.07
N CYS A 44 1.66 -0.19 1.38
CA CYS A 44 1.66 0.32 -0.02
C CYS A 44 2.35 1.68 -0.07
N LYS A 45 2.14 2.51 0.91
CA LYS A 45 2.79 3.85 0.91
C LYS A 45 4.31 3.67 0.83
N MET A 46 4.87 2.84 1.67
CA MET A 46 6.34 2.62 1.63
C MET A 46 6.72 1.95 0.30
N ILE A 47 5.87 1.11 -0.22
CA ILE A 47 6.17 0.43 -1.50
C ILE A 47 6.06 1.43 -2.65
N LEU A 48 5.18 2.39 -2.52
CA LEU A 48 5.02 3.39 -3.61
C LEU A 48 6.23 4.32 -3.63
N GLU A 49 6.83 4.55 -2.49
CA GLU A 49 8.03 5.44 -2.44
C GLU A 49 9.18 4.79 -3.20
N LYS A 50 9.27 3.49 -3.17
CA LYS A 50 10.37 2.80 -3.90
C LYS A 50 10.34 3.20 -5.37
N GLU A 51 9.18 3.40 -5.92
CA GLU A 51 9.08 3.80 -7.36
C GLU A 51 9.77 5.15 -7.55
N ALA A 52 9.71 6.01 -6.57
CA ALA A 52 10.36 7.34 -6.70
C ALA A 52 11.86 7.16 -6.86
N LYS A 53 12.41 6.09 -6.32
CA LYS A 53 13.87 5.87 -6.45
C LYS A 53 14.25 5.74 -7.92
N SER A 54 13.35 5.23 -8.73
CA SER A 54 13.66 5.07 -10.18
C SER A 54 13.96 6.44 -10.79
N GLN A 55 13.40 7.49 -10.24
CA GLN A 55 13.66 8.84 -10.78
C GLN A 55 14.08 9.78 -9.65
N LYS A 1 4.11 -11.64 2.47
CA LYS A 1 5.15 -10.57 2.48
C LYS A 1 5.38 -10.07 1.05
N ASN A 2 6.01 -10.85 0.23
CA ASN A 2 6.26 -10.42 -1.18
C ASN A 2 4.93 -10.15 -1.87
N GLU A 3 3.88 -10.81 -1.44
CA GLU A 3 2.55 -10.58 -2.08
C GLU A 3 2.07 -9.17 -1.77
N ASP A 4 2.45 -8.64 -0.64
CA ASP A 4 2.01 -7.27 -0.28
C ASP A 4 2.46 -6.29 -1.37
N GLN A 5 3.55 -6.58 -2.02
CA GLN A 5 4.04 -5.68 -3.10
C GLN A 5 3.01 -5.61 -4.22
N GLU A 6 2.38 -6.72 -4.54
CA GLU A 6 1.37 -6.72 -5.62
C GLU A 6 0.23 -5.75 -5.25
N MET A 7 -0.27 -5.84 -4.06
CA MET A 7 -1.37 -4.93 -3.63
C MET A 7 -0.90 -3.48 -3.73
N CYS A 8 0.37 -3.26 -3.53
CA CYS A 8 0.91 -1.87 -3.61
C CYS A 8 0.80 -1.35 -5.05
N HIS A 9 1.17 -2.16 -6.00
CA HIS A 9 1.08 -1.73 -7.42
C HIS A 9 -0.25 -0.99 -7.64
N GLU A 10 -1.35 -1.61 -7.32
CA GLU A 10 -2.66 -0.94 -7.51
C GLU A 10 -2.78 0.24 -6.55
N PHE A 11 -2.18 0.13 -5.39
CA PHE A 11 -2.27 1.26 -4.42
C PHE A 11 -1.35 2.40 -4.85
N GLN A 12 -0.69 2.24 -5.97
CA GLN A 12 0.21 3.32 -6.47
C GLN A 12 -0.64 4.37 -7.19
N ALA A 13 -1.61 3.93 -7.95
CA ALA A 13 -2.48 4.90 -8.68
C ALA A 13 -3.30 5.67 -7.65
N PHE A 14 -3.79 4.99 -6.64
CA PHE A 14 -4.59 5.69 -5.60
C PHE A 14 -3.70 6.75 -4.95
N MET A 15 -2.41 6.66 -5.15
CA MET A 15 -1.49 7.66 -4.54
C MET A 15 -1.49 8.94 -5.38
N LYS A 16 -1.55 10.07 -4.74
CA LYS A 16 -1.56 11.36 -5.51
C LYS A 16 -0.75 12.41 -4.76
N ASN A 17 0.10 13.13 -5.45
CA ASN A 17 0.92 14.18 -4.78
C ASN A 17 1.73 13.54 -3.64
N GLY A 18 2.16 12.33 -3.82
CA GLY A 18 2.95 11.66 -2.75
C GLY A 18 2.01 11.22 -1.62
N LYS A 19 0.73 11.39 -1.80
CA LYS A 19 -0.24 10.98 -0.74
C LYS A 19 -0.91 9.67 -1.15
N LEU A 20 -1.15 8.79 -0.21
CA LEU A 20 -1.80 7.50 -0.54
C LEU A 20 -3.27 7.56 -0.13
N PHE A 21 -4.17 7.33 -1.05
CA PHE A 21 -5.62 7.38 -0.71
C PHE A 21 -6.08 6.01 -0.24
N CYS A 22 -6.52 5.90 1.00
CA CYS A 22 -6.96 4.58 1.52
C CYS A 22 -8.49 4.56 1.61
N PRO A 23 -9.16 4.30 0.47
CA PRO A 23 -10.63 4.25 0.41
C PRO A 23 -11.18 3.01 1.13
N GLN A 24 -12.44 3.03 1.48
CA GLN A 24 -13.04 1.86 2.18
C GLN A 24 -12.97 0.63 1.26
N ASP A 25 -12.10 -0.30 1.56
CA ASP A 25 -11.99 -1.51 0.71
C ASP A 25 -12.92 -2.61 1.24
N LYS A 26 -13.84 -3.06 0.44
CA LYS A 26 -14.78 -4.13 0.90
C LYS A 26 -13.99 -5.39 1.23
N LYS A 27 -12.92 -5.63 0.52
CA LYS A 27 -12.10 -6.84 0.80
C LYS A 27 -11.36 -6.67 2.13
N PRO A 28 -11.29 -7.74 2.92
CA PRO A 28 -10.60 -7.72 4.23
C PRO A 28 -9.09 -7.64 4.06
N ILE A 29 -8.44 -6.86 4.88
CA ILE A 29 -6.95 -6.73 4.78
C ILE A 29 -6.32 -7.27 6.06
N GLN A 30 -5.03 -7.54 6.01
CA GLN A 30 -4.34 -8.06 7.21
C GLN A 30 -2.88 -7.59 7.16
N SER A 31 -2.45 -6.85 8.15
CA SER A 31 -1.05 -6.34 8.14
C SER A 31 -0.08 -7.44 8.57
N LEU A 32 1.08 -7.46 7.98
CA LEU A 32 2.09 -8.50 8.34
C LEU A 32 2.97 -7.98 9.48
N ASP A 33 2.98 -6.69 9.69
CA ASP A 33 3.82 -6.13 10.79
C ASP A 33 3.18 -6.44 12.14
N GLY A 34 2.04 -7.08 12.14
CA GLY A 34 1.37 -7.40 13.43
C GLY A 34 0.18 -6.47 13.62
N ILE A 35 -0.29 -5.87 12.56
CA ILE A 35 -1.45 -4.94 12.68
C ILE A 35 -2.64 -5.53 11.92
N MET A 36 -3.83 -5.32 12.41
CA MET A 36 -5.03 -5.87 11.71
C MET A 36 -5.70 -4.75 10.91
N PHE A 37 -4.94 -3.99 10.17
CA PHE A 37 -5.53 -2.89 9.37
C PHE A 37 -5.10 -3.02 7.91
N ILE A 38 -5.54 -2.12 7.06
CA ILE A 38 -5.15 -2.20 5.64
C ILE A 38 -3.64 -2.41 5.52
N ASN A 39 -3.22 -3.60 5.20
CA ASN A 39 -1.76 -3.87 5.08
C ASN A 39 -1.19 -3.06 3.93
N LYS A 40 -1.99 -2.77 2.94
CA LYS A 40 -1.48 -1.99 1.79
C LYS A 40 -1.05 -0.62 2.29
N CYS A 41 -1.97 0.18 2.73
CA CYS A 41 -1.62 1.53 3.24
C CYS A 41 -0.63 1.37 4.41
N ALA A 42 -0.57 0.21 4.99
CA ALA A 42 0.36 -0.02 6.12
C ALA A 42 1.78 -0.25 5.60
N THR A 43 1.93 -1.08 4.61
CA THR A 43 3.30 -1.36 4.07
C THR A 43 3.47 -0.71 2.70
N CYS A 44 2.45 -0.75 1.87
CA CYS A 44 2.59 -0.13 0.52
C CYS A 44 3.01 1.33 0.67
N LYS A 45 2.61 1.97 1.74
CA LYS A 45 3.00 3.39 1.93
C LYS A 45 4.53 3.51 1.84
N MET A 46 5.24 2.61 2.46
CA MET A 46 6.72 2.65 2.38
C MET A 46 7.15 2.07 1.04
N ILE A 47 6.44 1.09 0.56
CA ILE A 47 6.79 0.48 -0.74
C ILE A 47 6.48 1.49 -1.85
N LEU A 48 5.61 2.42 -1.58
CA LEU A 48 5.26 3.44 -2.61
C LEU A 48 6.48 4.33 -2.83
N GLU A 49 7.20 4.66 -1.80
CA GLU A 49 8.40 5.52 -1.95
C GLU A 49 9.40 4.84 -2.90
N LYS A 50 9.46 3.54 -2.87
CA LYS A 50 10.41 2.83 -3.77
C LYS A 50 10.16 3.24 -5.22
N GLU A 51 8.93 3.35 -5.62
CA GLU A 51 8.62 3.75 -7.03
C GLU A 51 9.26 5.10 -7.32
N ALA A 52 9.37 5.95 -6.33
CA ALA A 52 9.99 7.29 -6.57
C ALA A 52 11.45 7.12 -7.00
N LYS A 53 12.07 6.05 -6.57
CA LYS A 53 13.50 5.83 -6.95
C LYS A 53 13.61 5.77 -8.48
N SER A 54 12.61 5.24 -9.14
CA SER A 54 12.67 5.15 -10.62
C SER A 54 12.70 6.57 -11.21
N GLN A 55 12.17 7.53 -10.51
CA GLN A 55 12.17 8.92 -11.03
C GLN A 55 12.51 9.89 -9.90
N LYS A 1 6.88 -11.85 1.24
CA LYS A 1 7.69 -10.60 1.37
C LYS A 1 7.70 -9.86 0.03
N ASN A 2 8.54 -10.27 -0.88
CA ASN A 2 8.59 -9.58 -2.20
C ASN A 2 7.20 -9.58 -2.83
N GLU A 3 6.39 -10.55 -2.51
CA GLU A 3 5.02 -10.60 -3.09
C GLU A 3 4.20 -9.45 -2.53
N ASP A 4 4.37 -9.13 -1.28
CA ASP A 4 3.60 -8.00 -0.69
C ASP A 4 3.88 -6.73 -1.47
N GLN A 5 5.02 -6.64 -2.10
CA GLN A 5 5.35 -5.42 -2.88
C GLN A 5 4.31 -5.21 -3.98
N GLU A 6 3.90 -6.28 -4.61
CA GLU A 6 2.87 -6.16 -5.69
C GLU A 6 1.59 -5.56 -5.11
N MET A 7 1.24 -5.93 -3.91
CA MET A 7 0.01 -5.38 -3.29
C MET A 7 0.11 -3.86 -3.23
N CYS A 8 1.30 -3.34 -3.17
CA CYS A 8 1.47 -1.86 -3.12
C CYS A 8 1.19 -1.27 -4.50
N HIS A 9 1.60 -1.94 -5.53
CA HIS A 9 1.34 -1.42 -6.91
C HIS A 9 -0.13 -1.00 -7.02
N GLU A 10 -1.02 -1.87 -6.67
CA GLU A 10 -2.48 -1.51 -6.75
C GLU A 10 -2.75 -0.28 -5.88
N PHE A 11 -2.05 -0.15 -4.78
CA PHE A 11 -2.28 1.03 -3.90
C PHE A 11 -1.48 2.22 -4.43
N GLN A 12 -0.88 2.09 -5.58
CA GLN A 12 -0.10 3.23 -6.15
C GLN A 12 -1.05 4.12 -6.95
N ALA A 13 -2.09 3.54 -7.51
CA ALA A 13 -3.06 4.35 -8.29
C ALA A 13 -3.97 5.11 -7.32
N PHE A 14 -4.04 4.65 -6.10
CA PHE A 14 -4.91 5.33 -5.09
C PHE A 14 -4.18 6.56 -4.54
N MET A 15 -3.03 6.87 -5.09
CA MET A 15 -2.25 8.04 -4.59
C MET A 15 -2.84 9.32 -5.18
N LYS A 16 -2.97 10.35 -4.38
CA LYS A 16 -3.54 11.63 -4.90
C LYS A 16 -2.66 12.80 -4.46
N ASN A 17 -2.48 13.76 -5.31
CA ASN A 17 -1.63 14.94 -4.94
C ASN A 17 -0.29 14.45 -4.39
N GLY A 18 0.11 13.27 -4.74
CA GLY A 18 1.40 12.74 -4.24
C GLY A 18 1.19 12.19 -2.82
N LYS A 19 0.01 11.72 -2.53
CA LYS A 19 -0.26 11.18 -1.16
C LYS A 19 -1.08 9.90 -1.30
N LEU A 20 -0.80 8.91 -0.49
CA LEU A 20 -1.56 7.64 -0.56
C LEU A 20 -2.82 7.74 0.30
N PHE A 21 -3.95 7.92 -0.32
CA PHE A 21 -5.23 8.03 0.46
C PHE A 21 -5.84 6.64 0.62
N CYS A 22 -5.83 6.10 1.80
CA CYS A 22 -6.41 4.75 2.03
C CYS A 22 -7.87 4.74 1.59
N PRO A 23 -8.27 3.71 0.83
CA PRO A 23 -9.64 3.55 0.34
C PRO A 23 -10.62 3.22 1.47
N GLN A 24 -11.86 3.56 1.32
CA GLN A 24 -12.85 3.27 2.39
C GLN A 24 -13.62 1.99 2.04
N ASP A 25 -13.13 1.22 1.11
CA ASP A 25 -13.82 -0.04 0.73
C ASP A 25 -13.94 -0.94 1.95
N LYS A 26 -14.84 -1.89 1.92
CA LYS A 26 -15.00 -2.81 3.08
C LYS A 26 -14.25 -4.11 2.81
N LYS A 27 -13.46 -4.15 1.77
CA LYS A 27 -12.70 -5.39 1.46
C LYS A 27 -11.85 -5.79 2.66
N PRO A 28 -11.92 -7.07 3.06
CA PRO A 28 -11.17 -7.58 4.21
C PRO A 28 -9.67 -7.69 3.91
N ILE A 29 -8.86 -6.98 4.65
CA ILE A 29 -7.39 -7.05 4.42
C ILE A 29 -6.71 -7.59 5.67
N GLN A 30 -5.43 -7.82 5.61
CA GLN A 30 -4.70 -8.34 6.80
C GLN A 30 -3.27 -7.80 6.77
N SER A 31 -2.87 -7.08 7.77
CA SER A 31 -1.50 -6.51 7.78
C SER A 31 -0.48 -7.57 8.20
N LEU A 32 0.74 -7.42 7.75
CA LEU A 32 1.80 -8.38 8.11
C LEU A 32 2.54 -7.83 9.33
N ASP A 33 2.38 -6.57 9.60
CA ASP A 33 3.05 -5.96 10.78
C ASP A 33 2.41 -6.46 12.07
N GLY A 34 1.34 -7.21 11.95
CA GLY A 34 0.65 -7.73 13.17
C GLY A 34 -0.58 -6.87 13.45
N ILE A 35 -1.08 -6.18 12.46
CA ILE A 35 -2.28 -5.33 12.67
C ILE A 35 -3.36 -5.72 11.66
N MET A 36 -4.61 -5.63 12.03
CA MET A 36 -5.70 -6.01 11.10
C MET A 36 -6.13 -4.77 10.28
N PHE A 37 -5.22 -3.86 10.06
CA PHE A 37 -5.57 -2.64 9.29
C PHE A 37 -5.26 -2.86 7.82
N ILE A 38 -5.82 -2.06 6.95
CA ILE A 38 -5.55 -2.22 5.50
C ILE A 38 -4.04 -2.41 5.30
N ASN A 39 -3.61 -3.64 5.11
CA ASN A 39 -2.16 -3.88 4.91
C ASN A 39 -1.65 -3.09 3.71
N LYS A 40 -2.21 -3.31 2.56
CA LYS A 40 -1.75 -2.60 1.35
C LYS A 40 -1.48 -1.13 1.67
N CYS A 41 -2.49 -0.43 2.11
CA CYS A 41 -2.28 1.02 2.44
C CYS A 41 -1.23 1.17 3.53
N ALA A 42 -1.23 0.29 4.50
CA ALA A 42 -0.25 0.40 5.62
C ALA A 42 1.15 -0.04 5.18
N THR A 43 1.25 -0.97 4.27
CA THR A 43 2.61 -1.43 3.85
C THR A 43 2.98 -0.79 2.50
N CYS A 44 2.00 -0.56 1.66
CA CYS A 44 2.29 0.06 0.34
C CYS A 44 2.86 1.46 0.55
N LYS A 45 2.53 2.08 1.65
CA LYS A 45 3.06 3.45 1.91
C LYS A 45 4.59 3.42 1.84
N MET A 46 5.20 2.50 2.53
CA MET A 46 6.69 2.41 2.49
C MET A 46 7.10 1.89 1.12
N ILE A 47 6.41 0.90 0.62
CA ILE A 47 6.76 0.35 -0.72
C ILE A 47 6.49 1.43 -1.77
N LEU A 48 5.65 2.38 -1.47
CA LEU A 48 5.34 3.47 -2.44
C LEU A 48 6.61 4.31 -2.64
N GLU A 49 7.37 4.49 -1.61
CA GLU A 49 8.62 5.29 -1.73
C GLU A 49 9.62 4.54 -2.61
N LYS A 50 9.58 3.24 -2.60
CA LYS A 50 10.52 2.46 -3.44
C LYS A 50 10.31 2.80 -4.92
N GLU A 51 9.07 3.04 -5.30
CA GLU A 51 8.80 3.38 -6.72
C GLU A 51 9.61 4.61 -7.13
N ALA A 52 9.86 5.49 -6.20
CA ALA A 52 10.65 6.70 -6.53
C ALA A 52 12.06 6.29 -6.96
N LYS A 53 12.53 5.18 -6.47
CA LYS A 53 13.90 4.73 -6.84
C LYS A 53 13.95 4.42 -8.34
N SER A 54 12.86 3.97 -8.89
CA SER A 54 12.84 3.66 -10.35
C SER A 54 13.12 4.93 -11.15
N GLN A 55 12.79 6.07 -10.60
CA GLN A 55 13.04 7.34 -11.35
C GLN A 55 14.16 8.13 -10.65
N LYS A 1 7.22 -14.30 -1.25
CA LYS A 1 8.50 -13.58 -1.04
C LYS A 1 8.25 -12.07 -1.08
N ASN A 2 8.14 -11.45 0.07
CA ASN A 2 7.88 -9.99 0.10
C ASN A 2 6.56 -9.68 -0.59
N GLU A 3 5.56 -10.50 -0.39
CA GLU A 3 4.24 -10.25 -1.04
C GLU A 3 3.70 -8.90 -0.58
N ASP A 4 4.04 -8.48 0.60
CA ASP A 4 3.54 -7.16 1.11
C ASP A 4 3.98 -6.05 0.15
N GLN A 5 5.18 -6.13 -0.35
CA GLN A 5 5.66 -5.09 -1.29
C GLN A 5 4.74 -5.04 -2.51
N GLU A 6 4.28 -6.16 -2.96
CA GLU A 6 3.37 -6.18 -4.15
C GLU A 6 2.02 -5.58 -3.75
N MET A 7 1.60 -5.80 -2.54
CA MET A 7 0.30 -5.23 -2.09
C MET A 7 0.33 -3.71 -2.22
N CYS A 8 1.49 -3.12 -2.16
CA CYS A 8 1.59 -1.64 -2.27
C CYS A 8 1.23 -1.22 -3.70
N HIS A 9 1.71 -1.93 -4.69
CA HIS A 9 1.40 -1.57 -6.09
C HIS A 9 -0.09 -1.23 -6.20
N GLU A 10 -0.94 -2.07 -5.67
CA GLU A 10 -2.40 -1.80 -5.74
C GLU A 10 -2.72 -0.45 -5.08
N PHE A 11 -2.12 -0.17 -3.96
CA PHE A 11 -2.40 1.12 -3.27
C PHE A 11 -1.79 2.27 -4.09
N GLN A 12 -0.91 1.97 -5.00
CA GLN A 12 -0.29 3.04 -5.83
C GLN A 12 -1.36 3.67 -6.72
N ALA A 13 -2.33 2.89 -7.13
CA ALA A 13 -3.40 3.44 -8.01
C ALA A 13 -4.31 4.36 -7.19
N PHE A 14 -4.46 4.08 -5.92
CA PHE A 14 -5.33 4.94 -5.07
C PHE A 14 -4.56 6.21 -4.66
N MET A 15 -3.38 6.39 -5.18
CA MET A 15 -2.59 7.59 -4.81
C MET A 15 -3.09 8.79 -5.62
N LYS A 16 -3.41 9.88 -4.96
CA LYS A 16 -3.91 11.08 -5.69
C LYS A 16 -3.16 12.32 -5.23
N ASN A 17 -3.00 13.28 -6.08
CA ASN A 17 -2.26 14.51 -5.68
C ASN A 17 -0.99 14.12 -4.93
N GLY A 18 -0.38 13.03 -5.31
CA GLY A 18 0.86 12.60 -4.61
C GLY A 18 0.49 12.21 -3.18
N LYS A 19 -0.69 11.68 -2.99
CA LYS A 19 -1.12 11.29 -1.63
C LYS A 19 -1.76 9.90 -1.69
N LEU A 20 -1.66 9.13 -0.64
CA LEU A 20 -2.26 7.77 -0.65
C LEU A 20 -3.63 7.82 0.02
N PHE A 21 -4.68 7.55 -0.72
CA PHE A 21 -6.04 7.58 -0.12
C PHE A 21 -6.46 6.16 0.25
N CYS A 22 -6.47 5.84 1.52
CA CYS A 22 -6.87 4.48 1.95
C CYS A 22 -8.29 4.50 2.53
N PRO A 23 -9.30 4.65 1.66
CA PRO A 23 -10.71 4.69 2.08
C PRO A 23 -11.19 3.32 2.60
N GLN A 24 -12.19 3.32 3.43
CA GLN A 24 -12.71 2.03 3.96
C GLN A 24 -13.42 1.27 2.84
N ASP A 25 -13.96 1.96 1.88
CA ASP A 25 -14.67 1.27 0.76
C ASP A 25 -13.78 0.15 0.22
N LYS A 26 -12.50 0.38 0.12
CA LYS A 26 -11.59 -0.67 -0.39
C LYS A 26 -11.80 -1.96 0.40
N LYS A 27 -11.82 -3.08 -0.27
CA LYS A 27 -12.02 -4.38 0.44
C LYS A 27 -10.84 -4.62 1.39
N PRO A 28 -11.15 -4.91 2.67
CA PRO A 28 -10.13 -5.16 3.69
C PRO A 28 -9.41 -6.50 3.48
N ILE A 29 -8.10 -6.49 3.47
CA ILE A 29 -7.34 -7.75 3.28
C ILE A 29 -6.54 -8.05 4.55
N GLN A 30 -6.36 -9.30 4.88
CA GLN A 30 -5.58 -9.62 6.10
C GLN A 30 -4.09 -9.50 5.78
N SER A 31 -3.45 -8.51 6.33
CA SER A 31 -2.00 -8.31 6.05
C SER A 31 -1.16 -9.26 6.89
N LEU A 32 0.11 -9.38 6.58
CA LEU A 32 0.98 -10.32 7.35
C LEU A 32 2.04 -9.53 8.15
N ASP A 33 1.98 -8.23 8.11
CA ASP A 33 2.98 -7.42 8.87
C ASP A 33 2.51 -7.23 10.31
N GLY A 34 1.56 -8.02 10.73
CA GLY A 34 1.03 -7.87 12.12
C GLY A 34 -0.15 -6.91 12.09
N ILE A 35 -0.34 -6.23 11.00
CA ILE A 35 -1.49 -5.28 10.89
C ILE A 35 -2.62 -5.95 10.11
N MET A 36 -3.79 -5.39 10.13
CA MET A 36 -4.92 -6.02 9.40
C MET A 36 -5.44 -5.06 8.32
N PHE A 37 -5.38 -5.48 7.07
CA PHE A 37 -5.88 -4.61 5.96
C PHE A 37 -5.12 -3.29 5.94
N ILE A 38 -5.43 -2.38 6.83
CA ILE A 38 -4.74 -1.06 6.85
C ILE A 38 -3.25 -1.26 6.58
N ASN A 39 -2.71 -2.41 6.90
CA ASN A 39 -1.27 -2.67 6.65
C ASN A 39 -0.89 -2.14 5.26
N LYS A 40 -1.54 -2.63 4.23
CA LYS A 40 -1.20 -2.17 2.85
C LYS A 40 -1.04 -0.66 2.86
N CYS A 41 -1.90 0.04 3.54
CA CYS A 41 -1.78 1.52 3.58
C CYS A 41 -0.55 1.91 4.40
N ALA A 42 -0.47 1.43 5.61
CA ALA A 42 0.69 1.77 6.47
C ALA A 42 1.98 1.16 5.90
N THR A 43 1.86 0.17 5.04
CA THR A 43 3.08 -0.45 4.46
C THR A 43 3.31 0.10 3.06
N CYS A 44 2.29 0.15 2.25
CA CYS A 44 2.46 0.67 0.88
C CYS A 44 2.96 2.12 0.93
N LYS A 45 2.57 2.86 1.92
CA LYS A 45 3.04 4.28 2.00
C LYS A 45 4.56 4.31 2.02
N MET A 46 5.17 3.36 2.66
CA MET A 46 6.66 3.33 2.71
C MET A 46 7.16 2.61 1.46
N ILE A 47 6.42 1.64 0.99
CA ILE A 47 6.85 0.91 -0.23
C ILE A 47 6.53 1.78 -1.46
N LEU A 48 5.66 2.75 -1.30
CA LEU A 48 5.31 3.64 -2.44
C LEU A 48 6.54 4.48 -2.80
N GLU A 49 7.29 4.89 -1.82
CA GLU A 49 8.51 5.71 -2.10
C GLU A 49 9.54 4.85 -2.83
N LYS A 50 9.61 3.58 -2.52
CA LYS A 50 10.58 2.69 -3.20
C LYS A 50 10.31 2.68 -4.70
N GLU A 51 9.06 2.72 -5.09
CA GLU A 51 8.73 2.71 -6.54
C GLU A 51 9.32 3.96 -7.20
N ALA A 52 9.39 5.05 -6.48
CA ALA A 52 9.96 6.30 -7.07
C ALA A 52 11.42 6.06 -7.45
N LYS A 53 12.07 5.15 -6.80
CA LYS A 53 13.50 4.87 -7.12
C LYS A 53 13.61 4.46 -8.60
N SER A 54 12.59 3.83 -9.13
CA SER A 54 12.64 3.41 -10.56
C SER A 54 12.84 4.64 -11.44
N GLN A 55 12.40 5.78 -10.99
CA GLN A 55 12.55 7.02 -11.81
C GLN A 55 13.99 7.54 -11.67
N LYS A 1 9.77 -10.53 -5.55
CA LYS A 1 10.61 -10.63 -4.31
C LYS A 1 9.71 -10.58 -3.08
N ASN A 2 9.15 -9.43 -2.79
CA ASN A 2 8.24 -9.32 -1.60
C ASN A 2 6.80 -9.41 -2.05
N GLU A 3 6.04 -10.31 -1.47
CA GLU A 3 4.60 -10.44 -1.86
C GLU A 3 3.83 -9.22 -1.37
N ASP A 4 4.19 -8.68 -0.24
CA ASP A 4 3.47 -7.49 0.28
C ASP A 4 3.49 -6.38 -0.77
N GLN A 5 4.50 -6.35 -1.60
CA GLN A 5 4.58 -5.29 -2.65
C GLN A 5 3.45 -5.49 -3.66
N GLU A 6 3.11 -6.72 -3.93
CA GLU A 6 2.02 -6.99 -4.92
C GLU A 6 0.74 -6.31 -4.43
N MET A 7 0.36 -6.54 -3.21
CA MET A 7 -0.89 -5.91 -2.68
C MET A 7 -0.78 -4.39 -2.81
N CYS A 8 0.42 -3.87 -2.90
CA CYS A 8 0.58 -2.40 -3.02
C CYS A 8 0.13 -1.95 -4.41
N HIS A 9 0.36 -2.76 -5.41
CA HIS A 9 -0.06 -2.39 -6.78
C HIS A 9 -1.49 -1.84 -6.72
N GLU A 10 -2.34 -2.47 -5.94
CA GLU A 10 -3.74 -2.01 -5.83
C GLU A 10 -3.78 -0.68 -5.07
N PHE A 11 -2.84 -0.44 -4.20
CA PHE A 11 -2.85 0.85 -3.44
C PHE A 11 -2.17 1.93 -4.27
N GLN A 12 -1.35 1.55 -5.21
CA GLN A 12 -0.66 2.57 -6.05
C GLN A 12 -1.70 3.33 -6.87
N ALA A 13 -2.75 2.67 -7.28
CA ALA A 13 -3.81 3.36 -8.08
C ALA A 13 -4.44 4.46 -7.23
N PHE A 14 -4.66 4.19 -5.96
CA PHE A 14 -5.27 5.22 -5.09
C PHE A 14 -4.21 6.27 -4.72
N MET A 15 -2.98 6.03 -5.09
CA MET A 15 -1.90 7.01 -4.77
C MET A 15 -1.94 8.15 -5.78
N LYS A 16 -1.98 9.37 -5.30
CA LYS A 16 -2.02 10.53 -6.24
C LYS A 16 -1.07 11.62 -5.74
N ASN A 17 -0.45 12.34 -6.63
CA ASN A 17 0.48 13.42 -6.20
C ASN A 17 1.53 12.84 -5.26
N GLY A 18 1.83 11.57 -5.40
CA GLY A 18 2.84 10.94 -4.49
C GLY A 18 2.17 10.62 -3.15
N LYS A 19 0.91 10.97 -3.01
CA LYS A 19 0.20 10.69 -1.74
C LYS A 19 -0.55 9.37 -1.86
N LEU A 20 -0.78 8.70 -0.76
CA LEU A 20 -1.51 7.40 -0.82
C LEU A 20 -2.90 7.56 -0.21
N PHE A 21 -3.92 7.54 -1.03
CA PHE A 21 -5.31 7.68 -0.50
C PHE A 21 -5.81 6.33 0.01
N CYS A 22 -5.90 6.19 1.30
CA CYS A 22 -6.38 4.89 1.87
C CYS A 22 -7.80 5.04 2.43
N PRO A 23 -8.80 4.95 1.54
CA PRO A 23 -10.21 5.06 1.93
C PRO A 23 -10.69 3.82 2.69
N GLN A 24 -11.96 3.78 3.03
CA GLN A 24 -12.47 2.59 3.77
C GLN A 24 -12.80 1.48 2.78
N ASP A 25 -12.18 0.34 2.91
CA ASP A 25 -12.45 -0.79 1.97
C ASP A 25 -13.51 -1.71 2.57
N LYS A 26 -14.52 -2.04 1.82
CA LYS A 26 -15.59 -2.93 2.34
C LYS A 26 -15.02 -4.34 2.54
N LYS A 27 -14.08 -4.73 1.72
CA LYS A 27 -13.48 -6.08 1.87
C LYS A 27 -12.28 -6.00 2.83
N PRO A 28 -12.35 -6.76 3.93
CA PRO A 28 -11.28 -6.78 4.94
C PRO A 28 -10.01 -7.45 4.42
N ILE A 29 -8.86 -6.98 4.84
CA ILE A 29 -7.58 -7.59 4.38
C ILE A 29 -6.77 -8.02 5.61
N GLN A 30 -6.53 -9.29 5.77
CA GLN A 30 -5.74 -9.75 6.93
C GLN A 30 -4.25 -9.62 6.61
N SER A 31 -3.65 -8.54 7.00
CA SER A 31 -2.21 -8.34 6.70
C SER A 31 -1.36 -9.12 7.70
N LEU A 32 -0.07 -8.91 7.71
CA LEU A 32 0.81 -9.66 8.66
C LEU A 32 1.59 -8.70 9.56
N ASP A 33 1.47 -7.42 9.35
CA ASP A 33 2.22 -6.47 10.21
C ASP A 33 1.43 -6.20 11.49
N GLY A 34 0.40 -6.97 11.73
CA GLY A 34 -0.42 -6.75 12.96
C GLY A 34 -1.59 -5.82 12.64
N ILE A 35 -1.69 -5.39 11.41
CA ILE A 35 -2.81 -4.47 11.04
C ILE A 35 -3.65 -5.14 9.94
N MET A 36 -4.95 -4.98 10.01
CA MET A 36 -5.81 -5.61 8.97
C MET A 36 -6.07 -4.61 7.83
N PHE A 37 -5.64 -4.94 6.64
CA PHE A 37 -5.87 -4.02 5.49
C PHE A 37 -5.08 -2.73 5.69
N ILE A 38 -5.40 -1.98 6.70
CA ILE A 38 -4.68 -0.70 6.95
C ILE A 38 -3.18 -0.94 6.77
N ASN A 39 -2.73 -2.16 6.97
CA ASN A 39 -1.29 -2.45 6.80
C ASN A 39 -0.87 -2.10 5.37
N LYS A 40 -1.51 -2.66 4.37
CA LYS A 40 -1.12 -2.35 2.97
C LYS A 40 -0.91 -0.85 2.85
N CYS A 41 -1.78 -0.07 3.42
CA CYS A 41 -1.61 1.41 3.35
C CYS A 41 -0.39 1.81 4.18
N ALA A 42 -0.42 1.49 5.44
CA ALA A 42 0.72 1.84 6.34
C ALA A 42 2.02 1.21 5.83
N THR A 43 1.94 0.17 5.03
CA THR A 43 3.19 -0.47 4.53
C THR A 43 3.46 -0.05 3.09
N CYS A 44 2.44 -0.05 2.26
CA CYS A 44 2.66 0.36 0.85
C CYS A 44 3.09 1.82 0.79
N LYS A 45 2.65 2.63 1.71
CA LYS A 45 3.06 4.05 1.70
C LYS A 45 4.58 4.12 1.56
N MET A 46 5.28 3.23 2.20
CA MET A 46 6.76 3.22 2.11
C MET A 46 7.15 2.52 0.81
N ILE A 47 6.41 1.51 0.43
CA ILE A 47 6.72 0.78 -0.83
C ILE A 47 6.35 1.68 -2.01
N LEU A 48 5.51 2.66 -1.77
CA LEU A 48 5.11 3.59 -2.86
C LEU A 48 6.23 4.60 -3.10
N GLU A 49 6.80 5.11 -2.05
CA GLU A 49 7.90 6.11 -2.19
C GLU A 49 9.09 5.44 -2.89
N LYS A 50 9.32 4.17 -2.60
CA LYS A 50 10.46 3.47 -3.24
C LYS A 50 10.46 3.74 -4.75
N GLU A 51 9.32 3.80 -5.35
CA GLU A 51 9.26 4.06 -6.82
C GLU A 51 9.97 5.37 -7.13
N ALA A 52 9.95 6.31 -6.22
CA ALA A 52 10.64 7.61 -6.47
C ALA A 52 12.14 7.38 -6.59
N LYS A 53 12.64 6.35 -5.96
CA LYS A 53 14.11 6.07 -6.04
C LYS A 53 14.49 5.76 -7.49
N SER A 54 13.61 5.14 -8.23
CA SER A 54 13.94 4.81 -9.65
C SER A 54 14.22 6.10 -10.42
N GLN A 55 13.63 7.18 -10.01
CA GLN A 55 13.87 8.48 -10.72
C GLN A 55 14.74 9.38 -9.85
N LYS A 1 8.09 -11.83 1.99
CA LYS A 1 7.16 -10.66 2.00
C LYS A 1 7.14 -10.02 0.61
N ASN A 2 7.84 -10.58 -0.33
CA ASN A 2 7.86 -9.99 -1.70
C ASN A 2 6.43 -9.90 -2.22
N GLU A 3 5.58 -10.84 -1.88
CA GLU A 3 4.18 -10.81 -2.36
C GLU A 3 3.48 -9.55 -1.79
N ASP A 4 3.84 -9.15 -0.61
CA ASP A 4 3.21 -7.94 -0.02
C ASP A 4 3.43 -6.74 -0.93
N GLN A 5 4.51 -6.74 -1.67
CA GLN A 5 4.79 -5.59 -2.58
C GLN A 5 3.69 -5.50 -3.64
N GLU A 6 3.19 -6.61 -4.09
CA GLU A 6 2.12 -6.59 -5.12
C GLU A 6 0.88 -5.86 -4.57
N MET A 7 0.54 -6.11 -3.34
CA MET A 7 -0.65 -5.43 -2.74
C MET A 7 -0.41 -3.93 -2.72
N CYS A 8 0.83 -3.52 -2.80
CA CYS A 8 1.12 -2.04 -2.79
C CYS A 8 0.84 -1.45 -4.16
N HIS A 9 0.95 -2.24 -5.19
CA HIS A 9 0.68 -1.71 -6.56
C HIS A 9 -0.76 -1.16 -6.59
N GLU A 10 -1.67 -1.84 -5.97
CA GLU A 10 -3.09 -1.37 -5.97
C GLU A 10 -3.22 -0.10 -5.12
N PHE A 11 -2.57 -0.05 -3.99
CA PHE A 11 -2.69 1.16 -3.13
C PHE A 11 -2.10 2.37 -3.87
N GLN A 12 -1.25 2.14 -4.84
CA GLN A 12 -0.66 3.28 -5.59
C GLN A 12 -1.77 4.01 -6.35
N ALA A 13 -2.77 3.29 -6.79
CA ALA A 13 -3.89 3.95 -7.53
C ALA A 13 -4.56 4.97 -6.61
N PHE A 14 -4.65 4.66 -5.33
CA PHE A 14 -5.28 5.62 -4.38
C PHE A 14 -4.26 6.68 -3.97
N MET A 15 -3.07 6.61 -4.49
CA MET A 15 -2.03 7.61 -4.13
C MET A 15 -2.25 8.89 -4.95
N LYS A 16 -2.33 10.01 -4.29
CA LYS A 16 -2.56 11.28 -5.04
C LYS A 16 -1.62 12.37 -4.51
N ASN A 17 -1.20 13.26 -5.36
CA ASN A 17 -0.28 14.35 -4.90
C ASN A 17 0.91 13.74 -4.16
N GLY A 18 1.25 12.52 -4.46
CA GLY A 18 2.39 11.86 -3.76
C GLY A 18 1.93 11.42 -2.37
N LYS A 19 0.65 11.40 -2.15
CA LYS A 19 0.13 10.97 -0.82
C LYS A 19 -0.70 9.70 -0.98
N LEU A 20 -0.45 8.71 -0.16
CA LEU A 20 -1.23 7.45 -0.27
C LEU A 20 -2.54 7.60 0.50
N PHE A 21 -3.65 7.33 -0.13
CA PHE A 21 -4.96 7.45 0.56
C PHE A 21 -5.47 6.05 0.93
N CYS A 22 -5.86 5.86 2.16
CA CYS A 22 -6.37 4.52 2.58
C CYS A 22 -7.90 4.56 2.66
N PRO A 23 -8.58 4.57 1.50
CA PRO A 23 -10.05 4.57 1.45
C PRO A 23 -10.64 3.24 1.90
N GLN A 24 -11.93 3.17 2.08
CA GLN A 24 -12.56 1.90 2.51
C GLN A 24 -12.64 0.94 1.31
N ASP A 25 -11.87 -0.12 1.34
CA ASP A 25 -11.91 -1.10 0.21
C ASP A 25 -13.06 -2.08 0.41
N LYS A 26 -13.90 -2.23 -0.58
CA LYS A 26 -15.05 -3.16 -0.46
C LYS A 26 -14.53 -4.56 -0.10
N LYS A 27 -13.36 -4.91 -0.55
CA LYS A 27 -12.80 -6.25 -0.24
C LYS A 27 -11.77 -6.13 0.89
N PRO A 28 -11.92 -6.95 1.94
CA PRO A 28 -11.01 -6.93 3.09
C PRO A 28 -9.63 -7.49 2.74
N ILE A 29 -8.60 -6.72 2.97
CA ILE A 29 -7.22 -7.20 2.67
C ILE A 29 -6.56 -7.68 3.96
N GLN A 30 -5.70 -8.66 3.89
CA GLN A 30 -5.03 -9.16 5.12
C GLN A 30 -3.70 -8.43 5.31
N SER A 31 -3.42 -8.00 6.51
CA SER A 31 -2.14 -7.28 6.77
C SER A 31 -1.06 -8.27 7.19
N LEU A 32 0.07 -7.78 7.61
CA LEU A 32 1.16 -8.71 8.04
C LEU A 32 1.87 -8.15 9.27
N ASP A 33 1.98 -6.86 9.39
CA ASP A 33 2.65 -6.28 10.59
C ASP A 33 1.72 -6.49 11.79
N GLY A 34 1.60 -5.52 12.65
CA GLY A 34 0.69 -5.69 13.81
C GLY A 34 -0.70 -5.18 13.41
N ILE A 35 -1.11 -5.43 12.18
CA ILE A 35 -2.45 -4.95 11.76
C ILE A 35 -3.16 -6.04 10.97
N MET A 36 -4.38 -5.80 10.57
CA MET A 36 -5.14 -6.83 9.79
C MET A 36 -5.81 -6.18 8.59
N PHE A 37 -5.24 -5.11 8.07
CA PHE A 37 -5.88 -4.45 6.89
C PHE A 37 -5.08 -3.20 6.49
N ILE A 38 -5.24 -2.13 7.22
CA ILE A 38 -4.52 -0.86 6.87
C ILE A 38 -3.02 -1.10 6.70
N ASN A 39 -2.49 -2.18 7.21
CA ASN A 39 -1.02 -2.44 7.06
C ASN A 39 -0.59 -2.11 5.64
N LYS A 40 -1.30 -2.58 4.65
CA LYS A 40 -0.90 -2.29 3.25
C LYS A 40 -0.68 -0.78 3.11
N CYS A 41 -1.59 0.00 3.61
CA CYS A 41 -1.44 1.49 3.51
C CYS A 41 -0.30 1.94 4.42
N ALA A 42 -0.20 1.39 5.59
CA ALA A 42 0.87 1.81 6.53
C ALA A 42 2.22 1.27 6.04
N THR A 43 2.22 0.20 5.30
CA THR A 43 3.52 -0.36 4.81
C THR A 43 3.76 0.05 3.36
N CYS A 44 2.74 0.01 2.54
CA CYS A 44 2.92 0.37 1.11
C CYS A 44 3.31 1.85 1.00
N LYS A 45 3.01 2.65 1.99
CA LYS A 45 3.38 4.08 1.92
C LYS A 45 4.89 4.20 1.70
N MET A 46 5.67 3.45 2.43
CA MET A 46 7.14 3.51 2.24
C MET A 46 7.53 2.68 1.02
N ILE A 47 6.75 1.68 0.71
CA ILE A 47 7.06 0.83 -0.47
C ILE A 47 6.53 1.52 -1.73
N LEU A 48 5.65 2.47 -1.58
CA LEU A 48 5.09 3.18 -2.76
C LEU A 48 6.05 4.31 -3.16
N GLU A 49 6.87 4.76 -2.25
CA GLU A 49 7.83 5.85 -2.58
C GLU A 49 9.03 5.25 -3.31
N LYS A 50 9.34 4.01 -3.04
CA LYS A 50 10.51 3.36 -3.72
C LYS A 50 10.23 3.29 -5.22
N GLU A 51 8.98 3.14 -5.59
CA GLU A 51 8.66 3.06 -7.04
C GLU A 51 9.17 4.32 -7.75
N ALA A 52 9.18 5.44 -7.06
CA ALA A 52 9.67 6.69 -7.69
C ALA A 52 11.16 6.54 -8.03
N LYS A 53 11.87 5.72 -7.30
CA LYS A 53 13.31 5.52 -7.57
C LYS A 53 13.49 4.94 -8.97
N SER A 54 12.59 4.11 -9.40
CA SER A 54 12.69 3.51 -10.75
C SER A 54 12.68 4.62 -11.81
N GLN A 55 12.05 5.72 -11.51
CA GLN A 55 11.99 6.84 -12.49
C GLN A 55 11.40 6.33 -13.81
N LYS A 1 6.65 -9.50 3.46
CA LYS A 1 7.42 -10.37 2.53
C LYS A 1 7.37 -9.77 1.12
N ASN A 2 8.11 -10.33 0.20
CA ASN A 2 8.11 -9.78 -1.19
C ASN A 2 6.67 -9.76 -1.72
N GLU A 3 5.88 -10.71 -1.34
CA GLU A 3 4.46 -10.75 -1.83
C GLU A 3 3.74 -9.48 -1.37
N ASP A 4 4.13 -8.94 -0.24
CA ASP A 4 3.48 -7.70 0.27
C ASP A 4 3.64 -6.58 -0.76
N GLN A 5 4.70 -6.61 -1.53
CA GLN A 5 4.90 -5.55 -2.55
C GLN A 5 3.81 -5.64 -3.61
N GLU A 6 3.38 -6.83 -3.93
CA GLU A 6 2.32 -6.99 -4.97
C GLU A 6 1.03 -6.31 -4.48
N MET A 7 0.66 -6.51 -3.25
CA MET A 7 -0.58 -5.88 -2.73
C MET A 7 -0.45 -4.36 -2.82
N CYS A 8 0.76 -3.86 -2.81
CA CYS A 8 0.96 -2.39 -2.89
C CYS A 8 0.56 -1.89 -4.28
N HIS A 9 0.83 -2.64 -5.30
CA HIS A 9 0.46 -2.21 -6.68
C HIS A 9 -0.99 -1.68 -6.64
N GLU A 10 -1.84 -2.34 -5.91
CA GLU A 10 -3.26 -1.89 -5.82
C GLU A 10 -3.34 -0.59 -5.01
N PHE A 11 -2.56 -0.48 -3.97
CA PHE A 11 -2.61 0.77 -3.15
C PHE A 11 -2.12 1.95 -4.00
N GLN A 12 -1.56 1.68 -5.14
CA GLN A 12 -1.08 2.80 -6.02
C GLN A 12 -2.29 3.60 -6.49
N ALA A 13 -3.32 2.94 -6.94
CA ALA A 13 -4.53 3.68 -7.40
C ALA A 13 -4.91 4.71 -6.34
N PHE A 14 -5.00 4.30 -5.10
CA PHE A 14 -5.36 5.26 -4.03
C PHE A 14 -4.32 6.39 -4.02
N MET A 15 -3.16 6.14 -4.55
CA MET A 15 -2.11 7.19 -4.57
C MET A 15 -2.38 8.17 -5.71
N LYS A 16 -2.42 9.45 -5.42
CA LYS A 16 -2.69 10.44 -6.50
C LYS A 16 -1.70 11.60 -6.38
N ASN A 17 -1.25 12.12 -7.49
CA ASN A 17 -0.29 13.26 -7.45
C ASN A 17 0.93 12.87 -6.59
N GLY A 18 1.18 11.61 -6.45
CA GLY A 18 2.35 11.17 -5.64
C GLY A 18 1.92 11.06 -4.16
N LYS A 19 0.68 11.35 -3.87
CA LYS A 19 0.22 11.26 -2.47
C LYS A 19 -0.57 9.96 -2.27
N LEU A 20 -0.25 9.20 -1.26
CA LEU A 20 -0.99 7.92 -1.03
C LEU A 20 -2.25 8.20 -0.22
N PHE A 21 -3.39 8.10 -0.83
CA PHE A 21 -4.66 8.34 -0.08
C PHE A 21 -5.04 7.05 0.65
N CYS A 22 -5.25 7.12 1.93
CA CYS A 22 -5.61 5.89 2.69
C CYS A 22 -7.10 5.92 3.08
N PRO A 23 -8.00 5.89 2.08
CA PRO A 23 -9.45 5.89 2.33
C PRO A 23 -9.91 4.57 2.92
N GLN A 24 -11.18 4.27 2.83
CA GLN A 24 -11.68 2.99 3.39
C GLN A 24 -11.87 1.97 2.26
N ASP A 25 -11.18 0.88 2.29
CA ASP A 25 -11.32 -0.14 1.22
C ASP A 25 -12.56 -0.99 1.49
N LYS A 26 -13.37 -1.20 0.48
CA LYS A 26 -14.60 -2.02 0.69
C LYS A 26 -14.20 -3.49 0.87
N LYS A 27 -13.16 -3.92 0.21
CA LYS A 27 -12.72 -5.33 0.37
C LYS A 27 -11.52 -5.40 1.30
N PRO A 28 -11.76 -5.70 2.58
CA PRO A 28 -10.69 -5.79 3.59
C PRO A 28 -9.78 -7.00 3.37
N ILE A 29 -8.49 -6.80 3.48
CA ILE A 29 -7.55 -7.93 3.28
C ILE A 29 -6.83 -8.24 4.60
N GLN A 30 -6.37 -9.44 4.78
CA GLN A 30 -5.65 -9.78 6.04
C GLN A 30 -4.15 -9.62 5.84
N SER A 31 -3.51 -8.83 6.66
CA SER A 31 -2.04 -8.62 6.50
C SER A 31 -1.28 -9.55 7.45
N LEU A 32 0.01 -9.61 7.30
CA LEU A 32 0.82 -10.51 8.20
C LEU A 32 1.65 -9.64 9.14
N ASP A 33 1.62 -8.35 8.98
CA ASP A 33 2.42 -7.46 9.88
C ASP A 33 1.72 -7.33 11.23
N GLY A 34 0.60 -8.00 11.39
CA GLY A 34 -0.13 -7.91 12.69
C GLY A 34 -1.26 -6.89 12.56
N ILE A 35 -1.47 -6.34 11.39
CA ILE A 35 -2.56 -5.34 11.20
C ILE A 35 -3.63 -5.94 10.28
N MET A 36 -4.79 -5.33 10.24
CA MET A 36 -5.87 -5.85 9.36
C MET A 36 -6.03 -4.92 8.16
N PHE A 37 -5.54 -5.34 7.01
CA PHE A 37 -5.66 -4.49 5.78
C PHE A 37 -4.84 -3.22 5.95
N ILE A 38 -5.10 -2.44 6.96
CA ILE A 38 -4.32 -1.19 7.16
C ILE A 38 -2.84 -1.45 6.89
N ASN A 39 -2.39 -2.67 7.07
CA ASN A 39 -0.95 -2.98 6.82
C ASN A 39 -0.59 -2.52 5.40
N LYS A 40 -1.29 -2.98 4.41
CA LYS A 40 -0.96 -2.57 3.02
C LYS A 40 -0.71 -1.06 2.99
N CYS A 41 -1.60 -0.31 3.55
CA CYS A 41 -1.43 1.17 3.57
C CYS A 41 -0.24 1.53 4.46
N ALA A 42 -0.18 0.97 5.64
CA ALA A 42 0.94 1.28 6.57
C ALA A 42 2.26 0.71 6.03
N THR A 43 2.22 -0.26 5.16
CA THR A 43 3.48 -0.83 4.63
C THR A 43 3.72 -0.32 3.21
N CYS A 44 2.70 -0.22 2.43
CA CYS A 44 2.86 0.26 1.02
C CYS A 44 3.25 1.74 1.02
N LYS A 45 3.03 2.43 2.10
CA LYS A 45 3.40 3.88 2.13
C LYS A 45 4.91 3.99 1.97
N MET A 46 5.66 3.14 2.62
CA MET A 46 7.14 3.19 2.49
C MET A 46 7.55 2.43 1.24
N ILE A 47 6.76 1.47 0.84
CA ILE A 47 7.09 0.67 -0.38
C ILE A 47 6.59 1.44 -1.61
N LEU A 48 5.64 2.31 -1.44
CA LEU A 48 5.10 3.07 -2.60
C LEU A 48 5.97 4.31 -2.82
N GLU A 49 6.73 4.69 -1.83
CA GLU A 49 7.62 5.88 -1.99
C GLU A 49 8.86 5.49 -2.80
N LYS A 50 9.27 4.26 -2.70
CA LYS A 50 10.47 3.82 -3.46
C LYS A 50 10.20 3.95 -4.96
N GLU A 51 8.99 3.70 -5.37
CA GLU A 51 8.65 3.82 -6.82
C GLU A 51 9.03 5.22 -7.32
N ALA A 52 8.84 6.22 -6.50
CA ALA A 52 9.19 7.60 -6.93
C ALA A 52 10.70 7.69 -7.15
N LYS A 53 11.47 6.87 -6.48
CA LYS A 53 12.94 6.90 -6.65
C LYS A 53 13.29 6.50 -8.10
N SER A 54 12.51 5.64 -8.69
CA SER A 54 12.78 5.22 -10.09
C SER A 54 12.71 6.44 -11.01
N GLN A 55 11.92 7.41 -10.65
CA GLN A 55 11.80 8.63 -11.51
C GLN A 55 12.84 9.67 -11.07
N LYS A 1 9.85 -9.09 -4.82
CA LYS A 1 10.57 -9.90 -3.80
C LYS A 1 9.61 -10.26 -2.67
N ASN A 2 9.00 -9.29 -2.07
CA ASN A 2 8.05 -9.58 -0.95
C ASN A 2 6.61 -9.42 -1.46
N GLU A 3 5.76 -10.35 -1.14
CA GLU A 3 4.34 -10.25 -1.60
C GLU A 3 3.73 -8.95 -1.07
N ASP A 4 4.17 -8.50 0.07
CA ASP A 4 3.61 -7.24 0.64
C ASP A 4 3.79 -6.11 -0.37
N GLN A 5 4.88 -6.11 -1.08
CA GLN A 5 5.14 -5.03 -2.08
C GLN A 5 4.02 -5.04 -3.13
N GLU A 6 3.47 -6.19 -3.41
CA GLU A 6 2.39 -6.27 -4.42
C GLU A 6 1.15 -5.53 -3.89
N MET A 7 0.90 -5.62 -2.62
CA MET A 7 -0.28 -4.93 -2.04
C MET A 7 -0.12 -3.41 -2.20
N CYS A 8 1.11 -2.94 -2.18
CA CYS A 8 1.33 -1.48 -2.32
C CYS A 8 0.93 -1.03 -3.73
N HIS A 9 1.34 -1.76 -4.73
CA HIS A 9 0.97 -1.37 -6.12
C HIS A 9 -0.51 -0.97 -6.15
N GLU A 10 -1.36 -1.79 -5.60
CA GLU A 10 -2.81 -1.46 -5.60
C GLU A 10 -3.05 -0.10 -4.94
N PHE A 11 -2.29 0.22 -3.92
CA PHE A 11 -2.50 1.54 -3.24
C PHE A 11 -1.90 2.66 -4.11
N GLN A 12 -0.99 2.32 -4.98
CA GLN A 12 -0.39 3.37 -5.86
C GLN A 12 -1.50 4.03 -6.68
N ALA A 13 -2.46 3.26 -7.12
CA ALA A 13 -3.57 3.85 -7.91
C ALA A 13 -4.37 4.81 -7.02
N PHE A 14 -4.58 4.44 -5.79
CA PHE A 14 -5.34 5.32 -4.85
C PHE A 14 -4.43 6.48 -4.42
N MET A 15 -3.19 6.46 -4.83
CA MET A 15 -2.27 7.56 -4.44
C MET A 15 -2.51 8.77 -5.33
N LYS A 16 -2.73 9.92 -4.75
CA LYS A 16 -2.98 11.13 -5.57
C LYS A 16 -2.13 12.30 -5.07
N ASN A 17 -1.64 13.13 -5.95
CA ASN A 17 -0.81 14.28 -5.53
C ASN A 17 0.31 13.79 -4.61
N GLY A 18 0.81 12.60 -4.85
CA GLY A 18 1.90 12.07 -3.98
C GLY A 18 1.32 11.71 -2.61
N LYS A 19 0.02 11.67 -2.50
CA LYS A 19 -0.61 11.32 -1.20
C LYS A 19 -1.29 9.96 -1.32
N LEU A 20 -1.20 9.14 -0.31
CA LEU A 20 -1.84 7.80 -0.37
C LEU A 20 -3.24 7.86 0.24
N PHE A 21 -4.24 7.54 -0.52
CA PHE A 21 -5.63 7.58 0.03
C PHE A 21 -5.97 6.19 0.61
N CYS A 22 -6.31 6.13 1.87
CA CYS A 22 -6.65 4.82 2.48
C CYS A 22 -8.16 4.73 2.68
N PRO A 23 -8.91 4.57 1.58
CA PRO A 23 -10.38 4.47 1.63
C PRO A 23 -10.83 3.14 2.23
N GLN A 24 -12.08 3.04 2.58
CA GLN A 24 -12.59 1.77 3.18
C GLN A 24 -12.74 0.72 2.08
N ASP A 25 -12.07 -0.40 2.20
CA ASP A 25 -12.18 -1.46 1.16
C ASP A 25 -13.30 -2.43 1.53
N LYS A 26 -14.31 -2.50 0.72
CA LYS A 26 -15.44 -3.44 1.02
C LYS A 26 -14.87 -4.82 1.36
N LYS A 27 -13.79 -5.19 0.73
CA LYS A 27 -13.18 -6.52 1.02
C LYS A 27 -11.87 -6.32 1.78
N PRO A 28 -11.94 -6.36 3.12
CA PRO A 28 -10.77 -6.18 3.99
C PRO A 28 -9.80 -7.35 3.89
N ILE A 29 -8.53 -7.06 3.73
CA ILE A 29 -7.52 -8.15 3.64
C ILE A 29 -6.78 -8.29 4.97
N GLN A 30 -6.26 -9.45 5.25
CA GLN A 30 -5.52 -9.63 6.53
C GLN A 30 -4.05 -9.29 6.30
N SER A 31 -3.55 -8.27 6.93
CA SER A 31 -2.14 -7.87 6.73
C SER A 31 -1.20 -8.77 7.54
N LEU A 32 0.05 -8.40 7.62
CA LEU A 32 1.03 -9.22 8.39
C LEU A 32 1.63 -8.36 9.52
N ASP A 33 1.43 -7.08 9.46
CA ASP A 33 1.99 -6.20 10.52
C ASP A 33 1.07 -6.22 11.75
N GLY A 34 0.09 -7.09 11.76
CA GLY A 34 -0.82 -7.16 12.93
C GLY A 34 -1.99 -6.20 12.70
N ILE A 35 -2.15 -5.71 11.50
CA ILE A 35 -3.27 -4.77 11.21
C ILE A 35 -4.26 -5.44 10.26
N MET A 36 -5.38 -4.81 10.01
CA MET A 36 -6.38 -5.41 9.08
C MET A 36 -6.46 -4.55 7.82
N PHE A 37 -5.84 -4.98 6.75
CA PHE A 37 -5.89 -4.19 5.48
C PHE A 37 -5.14 -2.87 5.65
N ILE A 38 -5.54 -2.06 6.60
CA ILE A 38 -4.86 -0.76 6.82
C ILE A 38 -3.35 -0.92 6.65
N ASN A 39 -2.83 -2.09 6.91
CA ASN A 39 -1.36 -2.30 6.76
C ASN A 39 -0.96 -1.95 5.33
N LYS A 40 -1.81 -2.19 4.38
CA LYS A 40 -1.47 -1.86 2.97
C LYS A 40 -0.92 -0.43 2.93
N CYS A 41 -1.57 0.47 3.60
CA CYS A 41 -1.09 1.88 3.61
C CYS A 41 0.20 1.95 4.43
N ALA A 42 0.19 1.33 5.58
CA ALA A 42 1.40 1.36 6.46
C ALA A 42 2.56 0.63 5.76
N THR A 43 2.27 -0.29 4.91
CA THR A 43 3.35 -1.03 4.20
C THR A 43 3.56 -0.44 2.81
N CYS A 44 2.50 -0.04 2.17
CA CYS A 44 2.63 0.54 0.80
C CYS A 44 3.30 1.91 0.87
N LYS A 45 3.07 2.64 1.93
CA LYS A 45 3.71 3.99 2.03
C LYS A 45 5.22 3.86 1.92
N MET A 46 5.79 2.82 2.46
CA MET A 46 7.27 2.64 2.37
C MET A 46 7.60 1.98 1.03
N ILE A 47 6.71 1.15 0.54
CA ILE A 47 6.96 0.48 -0.76
C ILE A 47 6.60 1.45 -1.90
N LEU A 48 5.82 2.44 -1.61
CA LEU A 48 5.43 3.42 -2.67
C LEU A 48 6.66 4.24 -3.05
N GLU A 49 7.48 4.57 -2.08
CA GLU A 49 8.71 5.37 -2.38
C GLU A 49 9.66 4.53 -3.23
N LYS A 50 9.64 3.23 -3.06
CA LYS A 50 10.54 2.35 -3.86
C LYS A 50 10.30 2.61 -5.35
N GLU A 51 9.06 2.79 -5.74
CA GLU A 51 8.78 3.05 -7.18
C GLU A 51 9.56 4.29 -7.64
N ALA A 52 9.77 5.23 -6.75
CA ALA A 52 10.53 6.45 -7.15
C ALA A 52 11.96 6.06 -7.51
N LYS A 53 12.46 5.01 -6.93
CA LYS A 53 13.86 4.58 -7.24
C LYS A 53 13.97 4.28 -8.73
N SER A 54 12.93 3.79 -9.33
CA SER A 54 12.98 3.48 -10.80
C SER A 54 13.25 4.76 -11.57
N GLN A 55 12.85 5.89 -11.04
CA GLN A 55 13.08 7.17 -11.75
C GLN A 55 12.84 8.34 -10.79
N LYS A 1 7.99 -14.21 -3.67
CA LYS A 1 8.64 -13.33 -2.66
C LYS A 1 8.08 -11.91 -2.78
N ASN A 2 8.19 -11.12 -1.74
CA ASN A 2 7.66 -9.73 -1.81
C ASN A 2 6.17 -9.77 -2.10
N GLU A 3 5.43 -10.58 -1.39
CA GLU A 3 3.97 -10.66 -1.62
C GLU A 3 3.30 -9.36 -1.17
N ASP A 4 3.89 -8.68 -0.23
CA ASP A 4 3.29 -7.40 0.26
C ASP A 4 3.19 -6.42 -0.92
N GLN A 5 4.09 -6.50 -1.86
CA GLN A 5 4.03 -5.57 -3.02
C GLN A 5 2.72 -5.78 -3.78
N GLU A 6 2.21 -6.98 -3.80
CA GLU A 6 0.94 -7.25 -4.52
C GLU A 6 -0.17 -6.39 -3.91
N MET A 7 -0.26 -6.33 -2.60
CA MET A 7 -1.31 -5.51 -1.94
C MET A 7 -1.11 -4.04 -2.32
N CYS A 8 0.07 -3.70 -2.75
CA CYS A 8 0.34 -2.28 -3.14
C CYS A 8 -0.20 -2.02 -4.54
N HIS A 9 -0.39 -3.06 -5.31
CA HIS A 9 -0.93 -2.85 -6.70
C HIS A 9 -2.23 -2.04 -6.59
N GLU A 10 -3.15 -2.48 -5.78
CA GLU A 10 -4.43 -1.74 -5.63
C GLU A 10 -4.15 -0.44 -4.86
N PHE A 11 -3.25 -0.48 -3.93
CA PHE A 11 -2.92 0.74 -3.15
C PHE A 11 -2.02 1.65 -3.99
N GLN A 12 -1.72 1.23 -5.19
CA GLN A 12 -0.85 2.07 -6.08
C GLN A 12 -1.75 2.95 -6.94
N ALA A 13 -2.88 2.43 -7.36
CA ALA A 13 -3.80 3.23 -8.19
C ALA A 13 -4.52 4.25 -7.31
N PHE A 14 -4.55 4.03 -6.03
CA PHE A 14 -5.23 4.99 -5.12
C PHE A 14 -4.21 6.04 -4.68
N MET A 15 -3.11 6.15 -5.38
CA MET A 15 -2.07 7.14 -5.01
C MET A 15 -2.47 8.52 -5.51
N LYS A 16 -2.07 9.55 -4.82
CA LYS A 16 -2.43 10.93 -5.27
C LYS A 16 -1.29 11.90 -4.92
N ASN A 17 -0.94 12.76 -5.84
CA ASN A 17 0.16 13.74 -5.58
C ASN A 17 1.38 13.01 -5.05
N GLY A 18 1.64 11.83 -5.51
CA GLY A 18 2.83 11.07 -5.03
C GLY A 18 2.56 10.56 -3.61
N LYS A 19 1.31 10.36 -3.28
CA LYS A 19 0.96 9.88 -1.92
C LYS A 19 0.03 8.67 -2.04
N LEU A 20 0.04 7.80 -1.07
CA LEU A 20 -0.84 6.60 -1.14
C LEU A 20 -2.15 6.89 -0.41
N PHE A 21 -3.19 7.24 -1.12
CA PHE A 21 -4.48 7.53 -0.45
C PHE A 21 -5.25 6.22 -0.26
N CYS A 22 -4.77 5.38 0.62
CA CYS A 22 -5.45 4.09 0.87
C CYS A 22 -6.93 4.30 1.16
N PRO A 23 -7.80 3.86 0.23
CA PRO A 23 -9.25 3.99 0.38
C PRO A 23 -9.81 2.94 1.33
N GLN A 24 -11.07 3.03 1.67
CA GLN A 24 -11.66 2.02 2.60
C GLN A 24 -12.43 0.98 1.79
N ASP A 25 -11.98 -0.24 1.80
CA ASP A 25 -12.69 -1.31 1.03
C ASP A 25 -13.67 -2.04 1.94
N LYS A 26 -14.79 -2.47 1.41
CA LYS A 26 -15.79 -3.19 2.25
C LYS A 26 -15.18 -4.51 2.74
N LYS A 27 -14.30 -5.09 1.98
CA LYS A 27 -13.67 -6.38 2.40
C LYS A 27 -12.45 -6.09 3.27
N PRO A 28 -12.38 -6.74 4.44
CA PRO A 28 -11.24 -6.56 5.37
C PRO A 28 -9.96 -7.19 4.84
N ILE A 29 -8.84 -6.59 5.11
CA ILE A 29 -7.55 -7.15 4.63
C ILE A 29 -6.72 -7.60 5.84
N GLN A 30 -6.36 -8.85 5.89
CA GLN A 30 -5.54 -9.34 7.03
C GLN A 30 -4.07 -9.19 6.66
N SER A 31 -3.47 -8.09 7.04
CA SER A 31 -2.04 -7.86 6.69
C SER A 31 -1.15 -8.62 7.68
N LEU A 32 0.06 -8.93 7.27
CA LEU A 32 0.99 -9.69 8.16
C LEU A 32 1.84 -8.71 8.97
N ASP A 33 1.81 -7.45 8.63
CA ASP A 33 2.62 -6.45 9.39
C ASP A 33 2.05 -6.28 10.79
N GLY A 34 0.92 -6.89 11.06
CA GLY A 34 0.30 -6.76 12.41
C GLY A 34 -0.89 -5.80 12.33
N ILE A 35 -1.25 -5.39 11.14
CA ILE A 35 -2.40 -4.46 10.99
C ILE A 35 -3.38 -5.05 9.98
N MET A 36 -4.65 -4.75 10.13
CA MET A 36 -5.66 -5.29 9.17
C MET A 36 -5.93 -4.27 8.07
N PHE A 37 -5.55 -4.56 6.85
CA PHE A 37 -5.80 -3.61 5.73
C PHE A 37 -4.96 -2.35 5.93
N ILE A 38 -5.22 -1.62 6.98
CA ILE A 38 -4.44 -0.38 7.22
C ILE A 38 -2.96 -0.62 6.94
N ASN A 39 -2.51 -1.84 7.05
CA ASN A 39 -1.07 -2.12 6.78
C ASN A 39 -0.73 -1.67 5.36
N LYS A 40 -1.48 -2.11 4.39
CA LYS A 40 -1.20 -1.72 2.99
C LYS A 40 -0.87 -0.23 2.96
N CYS A 41 -1.59 0.55 3.70
CA CYS A 41 -1.33 2.02 3.73
C CYS A 41 -0.03 2.30 4.47
N ALA A 42 0.15 1.68 5.60
CA ALA A 42 1.40 1.93 6.38
C ALA A 42 2.58 1.18 5.74
N THR A 43 2.31 0.25 4.88
CA THR A 43 3.41 -0.52 4.24
C THR A 43 3.60 -0.05 2.80
N CYS A 44 2.53 0.01 2.03
CA CYS A 44 2.68 0.45 0.62
C CYS A 44 3.11 1.91 0.57
N LYS A 45 2.74 2.69 1.56
CA LYS A 45 3.15 4.12 1.54
C LYS A 45 4.67 4.18 1.44
N MET A 46 5.34 3.26 2.09
CA MET A 46 6.83 3.23 2.02
C MET A 46 7.25 2.49 0.76
N ILE A 47 6.37 1.68 0.22
CA ILE A 47 6.70 0.94 -1.03
C ILE A 47 6.46 1.84 -2.24
N LEU A 48 5.51 2.72 -2.15
CA LEU A 48 5.23 3.63 -3.31
C LEU A 48 6.25 4.78 -3.29
N GLU A 49 6.78 5.10 -2.13
CA GLU A 49 7.77 6.20 -2.06
C GLU A 49 9.11 5.68 -2.62
N LYS A 50 9.40 4.43 -2.42
CA LYS A 50 10.68 3.87 -2.94
C LYS A 50 10.75 4.09 -4.45
N GLU A 51 9.64 3.98 -5.13
CA GLU A 51 9.64 4.19 -6.60
C GLU A 51 10.11 5.62 -6.90
N ALA A 52 9.79 6.56 -6.06
CA ALA A 52 10.23 7.96 -6.31
C ALA A 52 11.75 8.03 -6.26
N LYS A 53 12.38 7.15 -5.53
CA LYS A 53 13.86 7.16 -5.45
C LYS A 53 14.45 6.95 -6.85
N SER A 54 13.80 6.17 -7.66
CA SER A 54 14.31 5.92 -9.04
C SER A 54 14.34 7.23 -9.82
N GLN A 55 13.49 8.16 -9.47
CA GLN A 55 13.46 9.46 -10.18
C GLN A 55 12.92 10.55 -9.26
N LYS A 1 7.11 -12.82 1.27
CA LYS A 1 7.12 -11.45 0.69
C LYS A 1 6.48 -10.47 1.66
N ASN A 2 7.06 -10.31 2.82
CA ASN A 2 6.48 -9.37 3.81
C ASN A 2 6.24 -8.01 3.15
N GLU A 3 7.13 -7.59 2.31
CA GLU A 3 6.95 -6.28 1.62
C GLU A 3 5.59 -6.24 0.92
N ASP A 4 5.11 -7.37 0.50
CA ASP A 4 3.78 -7.42 -0.18
C ASP A 4 3.75 -6.34 -1.28
N GLN A 5 4.82 -6.20 -2.01
CA GLN A 5 4.84 -5.17 -3.09
C GLN A 5 3.73 -5.47 -4.10
N GLU A 6 3.38 -6.71 -4.26
CA GLU A 6 2.31 -7.06 -5.23
C GLU A 6 1.00 -6.39 -4.81
N MET A 7 0.51 -6.69 -3.64
CA MET A 7 -0.75 -6.06 -3.17
C MET A 7 -0.74 -4.57 -3.50
N CYS A 8 0.41 -3.94 -3.44
CA CYS A 8 0.48 -2.49 -3.75
C CYS A 8 0.00 -2.23 -5.18
N HIS A 9 0.11 -3.20 -6.04
CA HIS A 9 -0.36 -3.00 -7.45
C HIS A 9 -1.82 -2.55 -7.43
N GLU A 10 -2.57 -2.99 -6.46
CA GLU A 10 -4.01 -2.61 -6.39
C GLU A 10 -4.13 -1.18 -5.86
N PHE A 11 -3.21 -0.75 -5.05
CA PHE A 11 -3.27 0.64 -4.50
C PHE A 11 -2.51 1.59 -5.43
N GLN A 12 -1.93 1.07 -6.48
CA GLN A 12 -1.18 1.95 -7.42
C GLN A 12 -2.14 2.93 -8.09
N ALA A 13 -3.35 2.52 -8.35
CA ALA A 13 -4.33 3.42 -8.99
C ALA A 13 -4.76 4.50 -7.99
N PHE A 14 -4.68 4.21 -6.73
CA PHE A 14 -5.09 5.21 -5.69
C PHE A 14 -3.88 6.08 -5.31
N MET A 15 -2.73 5.80 -5.88
CA MET A 15 -1.52 6.60 -5.54
C MET A 15 -1.56 7.91 -6.33
N LYS A 16 -1.36 9.02 -5.68
CA LYS A 16 -1.38 10.33 -6.40
C LYS A 16 -0.21 11.20 -5.90
N ASN A 17 0.31 12.04 -6.74
CA ASN A 17 1.43 12.92 -6.31
C ASN A 17 2.46 12.10 -5.53
N GLY A 18 2.53 10.82 -5.78
CA GLY A 18 3.51 9.97 -5.04
C GLY A 18 2.97 9.66 -3.64
N LYS A 19 1.68 9.68 -3.48
CA LYS A 19 1.08 9.40 -2.14
C LYS A 19 -0.04 8.37 -2.29
N LEU A 20 -0.17 7.48 -1.36
CA LEU A 20 -1.24 6.45 -1.45
C LEU A 20 -2.46 6.90 -0.64
N PHE A 21 -3.53 7.23 -1.30
CA PHE A 21 -4.75 7.68 -0.57
C PHE A 21 -5.63 6.46 -0.27
N CYS A 22 -5.75 6.10 0.97
CA CYS A 22 -6.60 4.92 1.32
C CYS A 22 -8.07 5.37 1.43
N PRO A 23 -8.95 4.73 0.64
CA PRO A 23 -10.38 5.06 0.64
C PRO A 23 -11.07 4.64 1.94
N GLN A 24 -12.37 4.73 1.98
CA GLN A 24 -13.11 4.34 3.22
C GLN A 24 -12.67 2.93 3.65
N ASP A 25 -12.31 2.11 2.71
CA ASP A 25 -11.87 0.72 3.06
C ASP A 25 -13.03 -0.01 3.74
N LYS A 26 -14.20 0.03 3.17
CA LYS A 26 -15.36 -0.68 3.78
C LYS A 26 -15.00 -2.15 4.01
N LYS A 27 -14.15 -2.69 3.18
CA LYS A 27 -13.75 -4.12 3.35
C LYS A 27 -12.23 -4.19 3.49
N PRO A 28 -11.73 -4.09 4.74
CA PRO A 28 -10.29 -4.15 5.03
C PRO A 28 -9.72 -5.55 4.78
N ILE A 29 -8.43 -5.67 4.68
CA ILE A 29 -7.81 -7.02 4.45
C ILE A 29 -6.90 -7.36 5.63
N GLN A 30 -6.53 -8.60 5.75
CA GLN A 30 -5.62 -9.00 6.87
C GLN A 30 -4.19 -8.68 6.46
N SER A 31 -3.42 -8.09 7.33
CA SER A 31 -2.02 -7.75 6.96
C SER A 31 -1.12 -8.98 7.06
N LEU A 32 0.01 -8.92 6.42
CA LEU A 32 0.98 -10.05 6.47
C LEU A 32 2.16 -9.64 7.34
N ASP A 33 2.28 -8.37 7.61
CA ASP A 33 3.41 -7.89 8.46
C ASP A 33 3.18 -8.34 9.90
N GLY A 34 2.02 -8.87 10.18
CA GLY A 34 1.73 -9.34 11.57
C GLY A 34 0.76 -8.35 12.23
N ILE A 35 0.00 -7.62 11.44
CA ILE A 35 -0.95 -6.65 12.03
C ILE A 35 -2.36 -6.91 11.49
N MET A 36 -3.36 -6.35 12.12
CA MET A 36 -4.76 -6.55 11.64
C MET A 36 -5.21 -5.27 10.95
N PHE A 37 -4.41 -4.77 10.03
CA PHE A 37 -4.77 -3.51 9.34
C PHE A 37 -4.68 -3.72 7.82
N ILE A 38 -5.31 -2.87 7.06
CA ILE A 38 -5.25 -3.03 5.57
C ILE A 38 -3.78 -2.87 5.13
N ASN A 39 -3.01 -3.91 5.27
CA ASN A 39 -1.57 -3.83 4.86
C ASN A 39 -1.45 -3.27 3.46
N LYS A 40 -2.40 -3.55 2.59
CA LYS A 40 -2.29 -3.03 1.20
C LYS A 40 -1.88 -1.56 1.25
N CYS A 41 -2.47 -0.82 2.14
CA CYS A 41 -2.10 0.62 2.25
C CYS A 41 -0.87 0.74 3.15
N ALA A 42 -0.66 -0.24 3.99
CA ALA A 42 0.51 -0.21 4.92
C ALA A 42 1.77 -0.65 4.16
N THR A 43 1.62 -1.44 3.12
CA THR A 43 2.82 -1.89 2.36
C THR A 43 2.89 -1.14 1.03
N CYS A 44 1.76 -0.85 0.45
CA CYS A 44 1.75 -0.11 -0.84
C CYS A 44 2.19 1.33 -0.61
N LYS A 45 1.87 1.88 0.53
CA LYS A 45 2.28 3.27 0.83
C LYS A 45 3.76 3.31 1.18
N MET A 46 4.27 2.27 1.77
CA MET A 46 5.72 2.24 2.14
C MET A 46 6.53 1.80 0.93
N ILE A 47 5.93 1.06 0.03
CA ILE A 47 6.68 0.61 -1.18
C ILE A 47 6.45 1.61 -2.31
N LEU A 48 5.49 2.48 -2.17
CA LEU A 48 5.21 3.47 -3.24
C LEU A 48 6.19 4.64 -3.10
N GLU A 49 6.62 4.93 -1.91
CA GLU A 49 7.58 6.05 -1.72
C GLU A 49 8.92 5.69 -2.36
N LYS A 50 9.25 4.43 -2.38
CA LYS A 50 10.54 4.01 -3.00
C LYS A 50 10.59 4.48 -4.45
N GLU A 51 9.47 4.45 -5.13
CA GLU A 51 9.45 4.90 -6.54
C GLU A 51 9.78 6.39 -6.61
N ALA A 52 9.39 7.14 -5.60
CA ALA A 52 9.68 8.60 -5.61
C ALA A 52 11.19 8.82 -5.58
N LYS A 53 11.92 7.90 -5.02
CA LYS A 53 13.40 8.06 -4.96
C LYS A 53 13.97 8.06 -6.37
N SER A 54 13.35 7.34 -7.26
CA SER A 54 13.87 7.30 -8.67
C SER A 54 13.82 8.71 -9.26
N GLN A 55 12.91 9.53 -8.81
CA GLN A 55 12.82 10.92 -9.35
C GLN A 55 12.90 10.88 -10.88
N LYS A 1 9.45 -12.92 0.38
CA LYS A 1 8.36 -12.23 1.12
C LYS A 1 8.10 -10.85 0.49
N ASN A 2 8.50 -10.67 -0.74
CA ASN A 2 8.27 -9.36 -1.40
C ASN A 2 6.88 -9.34 -2.05
N GLU A 3 6.09 -10.34 -1.81
CA GLU A 3 4.73 -10.38 -2.40
C GLU A 3 3.90 -9.22 -1.85
N ASP A 4 4.22 -8.76 -0.67
CA ASP A 4 3.45 -7.62 -0.08
C ASP A 4 3.59 -6.39 -0.98
N GLN A 5 4.67 -6.28 -1.70
CA GLN A 5 4.86 -5.10 -2.59
C GLN A 5 3.76 -5.08 -3.66
N GLU A 6 3.33 -6.23 -4.10
CA GLU A 6 2.27 -6.28 -5.14
C GLU A 6 0.97 -5.67 -4.58
N MET A 7 0.78 -5.77 -3.29
CA MET A 7 -0.46 -5.21 -2.68
C MET A 7 -0.43 -3.68 -2.80
N CYS A 8 0.73 -3.10 -2.90
CA CYS A 8 0.82 -1.62 -3.01
C CYS A 8 0.43 -1.19 -4.42
N HIS A 9 0.60 -2.05 -5.39
CA HIS A 9 0.22 -1.68 -6.79
C HIS A 9 -1.15 -1.00 -6.75
N GLU A 10 -2.07 -1.55 -6.03
CA GLU A 10 -3.43 -0.94 -5.95
C GLU A 10 -3.39 0.32 -5.08
N PHE A 11 -2.64 0.29 -4.00
CA PHE A 11 -2.58 1.49 -3.13
C PHE A 11 -1.73 2.57 -3.81
N GLN A 12 -0.98 2.20 -4.82
CA GLN A 12 -0.15 3.21 -5.54
C GLN A 12 -1.04 4.00 -6.50
N ALA A 13 -1.99 3.33 -7.12
CA ALA A 13 -2.90 4.04 -8.05
C ALA A 13 -3.76 5.03 -7.27
N PHE A 14 -3.92 4.79 -5.99
CA PHE A 14 -4.75 5.71 -5.16
C PHE A 14 -3.92 6.93 -4.76
N MET A 15 -2.71 7.02 -5.25
CA MET A 15 -1.86 8.19 -4.89
C MET A 15 -2.26 9.39 -5.74
N LYS A 16 -2.57 10.50 -5.12
CA LYS A 16 -2.97 11.71 -5.91
C LYS A 16 -2.18 12.93 -5.42
N ASN A 17 -1.74 13.76 -6.33
CA ASN A 17 -0.98 14.97 -5.92
C ASN A 17 0.17 14.59 -4.99
N GLY A 18 0.77 13.45 -5.21
CA GLY A 18 1.90 13.03 -4.33
C GLY A 18 1.33 12.63 -2.96
N LYS A 19 0.06 12.38 -2.89
CA LYS A 19 -0.56 12.00 -1.60
C LYS A 19 -1.14 10.58 -1.73
N LEU A 20 -1.17 9.84 -0.65
CA LEU A 20 -1.74 8.46 -0.73
C LEU A 20 -3.19 8.48 -0.26
N PHE A 21 -4.11 8.12 -1.12
CA PHE A 21 -5.54 8.10 -0.72
C PHE A 21 -5.82 6.80 0.03
N CYS A 22 -6.24 6.90 1.26
CA CYS A 22 -6.52 5.66 2.04
C CYS A 22 -8.04 5.43 2.14
N PRO A 23 -8.66 5.02 1.03
CA PRO A 23 -10.11 4.75 0.98
C PRO A 23 -10.47 3.49 1.75
N GLN A 24 -11.73 3.25 1.98
CA GLN A 24 -12.14 2.03 2.72
C GLN A 24 -12.29 0.86 1.75
N ASP A 25 -11.63 -0.23 2.00
CA ASP A 25 -11.73 -1.39 1.09
C ASP A 25 -12.98 -2.20 1.43
N LYS A 26 -13.86 -2.39 0.49
CA LYS A 26 -15.10 -3.17 0.75
C LYS A 26 -14.72 -4.55 1.28
N LYS A 27 -13.61 -5.08 0.85
CA LYS A 27 -13.19 -6.42 1.32
C LYS A 27 -11.91 -6.29 2.16
N PRO A 28 -11.99 -6.69 3.44
CA PRO A 28 -10.85 -6.61 4.36
C PRO A 28 -9.75 -7.62 3.99
N ILE A 29 -8.52 -7.23 4.06
CA ILE A 29 -7.42 -8.18 3.71
C ILE A 29 -6.53 -8.38 4.95
N GLN A 30 -6.24 -9.61 5.28
CA GLN A 30 -5.38 -9.87 6.47
C GLN A 30 -3.92 -9.67 6.08
N SER A 31 -3.21 -8.83 6.79
CA SER A 31 -1.79 -8.58 6.42
C SER A 31 -0.87 -9.47 7.28
N LEU A 32 0.42 -9.26 7.21
CA LEU A 32 1.36 -10.09 8.01
C LEU A 32 2.41 -9.21 8.66
N ASP A 33 2.38 -7.92 8.45
CA ASP A 33 3.39 -7.03 9.07
C ASP A 33 2.96 -6.65 10.48
N GLY A 34 1.92 -7.27 10.98
CA GLY A 34 1.44 -6.94 12.35
C GLY A 34 0.21 -6.04 12.27
N ILE A 35 -0.15 -5.61 11.09
CA ILE A 35 -1.34 -4.73 10.94
C ILE A 35 -2.47 -5.51 10.26
N MET A 36 -3.69 -5.16 10.53
CA MET A 36 -4.83 -5.89 9.90
C MET A 36 -5.42 -5.06 8.76
N PHE A 37 -5.32 -5.55 7.55
CA PHE A 37 -5.88 -4.81 6.39
C PHE A 37 -5.18 -3.47 6.23
N ILE A 38 -5.45 -2.53 7.11
CA ILE A 38 -4.80 -1.20 7.01
C ILE A 38 -3.33 -1.37 6.63
N ASN A 39 -2.75 -2.48 7.00
CA ASN A 39 -1.32 -2.73 6.66
C ASN A 39 -1.05 -2.33 5.21
N LYS A 40 -1.91 -2.69 4.29
CA LYS A 40 -1.66 -2.33 2.87
C LYS A 40 -1.56 -0.81 2.73
N CYS A 41 -2.32 -0.09 3.51
CA CYS A 41 -2.29 1.40 3.43
C CYS A 41 -1.11 1.92 4.25
N ALA A 42 -0.97 1.45 5.45
CA ALA A 42 0.14 1.92 6.32
C ALA A 42 1.45 1.22 5.95
N THR A 43 1.40 0.16 5.19
CA THR A 43 2.67 -0.54 4.83
C THR A 43 3.05 -0.19 3.39
N CYS A 44 2.18 0.46 2.68
CA CYS A 44 2.50 0.82 1.28
C CYS A 44 2.99 2.27 1.22
N LYS A 45 2.58 3.08 2.16
CA LYS A 45 3.03 4.49 2.14
C LYS A 45 4.56 4.52 2.05
N MET A 46 5.22 3.66 2.78
CA MET A 46 6.70 3.61 2.74
C MET A 46 7.12 2.88 1.47
N ILE A 47 6.43 1.81 1.13
CA ILE A 47 6.78 1.06 -0.10
C ILE A 47 6.46 1.92 -1.31
N LEU A 48 5.58 2.87 -1.16
CA LEU A 48 5.23 3.77 -2.30
C LEU A 48 6.45 4.60 -2.68
N GLU A 49 7.20 5.06 -1.70
CA GLU A 49 8.40 5.87 -2.00
C GLU A 49 9.45 4.98 -2.66
N LYS A 50 9.55 3.74 -2.25
CA LYS A 50 10.55 2.83 -2.87
C LYS A 50 10.27 2.71 -4.37
N GLU A 51 9.02 2.70 -4.75
CA GLU A 51 8.68 2.59 -6.19
C GLU A 51 9.28 3.78 -6.94
N ALA A 52 9.35 4.92 -6.32
CA ALA A 52 9.94 6.11 -6.99
C ALA A 52 11.42 5.83 -7.32
N LYS A 53 12.06 5.01 -6.53
CA LYS A 53 13.49 4.70 -6.78
C LYS A 53 13.62 4.01 -8.14
N SER A 54 12.62 3.27 -8.54
CA SER A 54 12.69 2.57 -9.85
C SER A 54 12.80 3.61 -10.97
N GLN A 55 12.29 4.79 -10.75
CA GLN A 55 12.37 5.85 -11.80
C GLN A 55 11.91 5.27 -13.14
N LYS A 1 8.18 -12.06 1.18
CA LYS A 1 8.10 -10.66 1.68
C LYS A 1 8.01 -9.70 0.50
N ASN A 2 8.92 -9.79 -0.43
CA ASN A 2 8.88 -8.88 -1.61
C ASN A 2 7.50 -8.95 -2.26
N GLU A 3 6.81 -10.05 -2.11
CA GLU A 3 5.46 -10.18 -2.72
C GLU A 3 4.58 -9.03 -2.23
N ASP A 4 4.87 -8.51 -1.07
CA ASP A 4 4.04 -7.38 -0.54
C ASP A 4 4.22 -6.16 -1.43
N GLN A 5 5.32 -6.07 -2.13
CA GLN A 5 5.54 -4.89 -3.01
C GLN A 5 4.61 -4.98 -4.23
N GLU A 6 4.23 -6.17 -4.62
CA GLU A 6 3.32 -6.32 -5.79
C GLU A 6 1.93 -5.82 -5.41
N MET A 7 1.63 -5.76 -4.14
CA MET A 7 0.28 -5.28 -3.71
C MET A 7 0.17 -3.78 -4.00
N CYS A 8 1.28 -3.10 -4.11
CA CYS A 8 1.23 -1.64 -4.38
C CYS A 8 0.67 -1.40 -5.78
N HIS A 9 0.99 -2.26 -6.72
CA HIS A 9 0.47 -2.07 -8.10
C HIS A 9 -1.01 -1.70 -8.04
N GLU A 10 -1.77 -2.42 -7.27
CA GLU A 10 -3.23 -2.11 -7.16
C GLU A 10 -3.41 -0.81 -6.36
N PHE A 11 -2.60 -0.60 -5.35
CA PHE A 11 -2.74 0.64 -4.54
C PHE A 11 -2.03 1.80 -5.25
N GLN A 12 -1.47 1.55 -6.41
CA GLN A 12 -0.80 2.65 -7.15
C GLN A 12 -1.86 3.47 -7.88
N ALA A 13 -3.01 2.90 -8.11
CA ALA A 13 -4.09 3.64 -8.80
C ALA A 13 -4.86 4.49 -7.79
N PHE A 14 -4.90 4.06 -6.56
CA PHE A 14 -5.61 4.84 -5.51
C PHE A 14 -4.66 5.88 -4.92
N MET A 15 -3.58 6.15 -5.59
CA MET A 15 -2.61 7.16 -5.07
C MET A 15 -3.10 8.57 -5.41
N LYS A 16 -2.90 9.50 -4.53
CA LYS A 16 -3.36 10.88 -4.80
C LYS A 16 -2.16 11.84 -4.76
N ASN A 17 -2.01 12.63 -5.78
CA ASN A 17 -0.85 13.58 -5.81
C ASN A 17 0.45 12.80 -5.62
N GLY A 18 0.53 11.62 -6.17
CA GLY A 18 1.77 10.81 -6.02
C GLY A 18 1.87 10.29 -4.59
N LYS A 19 0.77 10.21 -3.90
CA LYS A 19 0.80 9.72 -2.49
C LYS A 19 -0.23 8.61 -2.32
N LEU A 20 0.04 7.68 -1.43
CA LEU A 20 -0.94 6.57 -1.21
C LEU A 20 -2.04 7.04 -0.26
N PHE A 21 -3.27 6.84 -0.61
CA PHE A 21 -4.38 7.30 0.26
C PHE A 21 -4.92 6.13 1.09
N CYS A 22 -4.23 5.75 2.14
CA CYS A 22 -4.71 4.63 2.98
C CYS A 22 -6.23 4.75 3.18
N PRO A 23 -7.01 3.91 2.49
CA PRO A 23 -8.47 3.92 2.59
C PRO A 23 -8.97 3.50 3.96
N GLN A 24 -10.09 4.03 4.38
CA GLN A 24 -10.63 3.66 5.73
C GLN A 24 -10.97 2.17 5.75
N ASP A 25 -11.54 1.66 4.70
CA ASP A 25 -11.89 0.22 4.68
C ASP A 25 -12.47 -0.17 3.31
N LYS A 26 -12.04 0.48 2.27
CA LYS A 26 -12.58 0.15 0.92
C LYS A 26 -12.19 -1.29 0.57
N LYS A 27 -10.97 -1.65 0.84
CA LYS A 27 -10.51 -3.04 0.55
C LYS A 27 -9.87 -3.62 1.80
N PRO A 28 -10.69 -4.13 2.73
CA PRO A 28 -10.22 -4.71 3.99
C PRO A 28 -9.44 -6.01 3.78
N ILE A 29 -8.18 -6.00 4.12
CA ILE A 29 -7.36 -7.24 3.97
C ILE A 29 -6.81 -7.63 5.34
N GLN A 30 -6.12 -8.73 5.42
CA GLN A 30 -5.54 -9.15 6.72
C GLN A 30 -4.12 -8.61 6.83
N SER A 31 -3.84 -7.84 7.85
CA SER A 31 -2.46 -7.27 7.97
C SER A 31 -1.52 -8.32 8.55
N LEU A 32 -0.31 -8.38 8.04
CA LEU A 32 0.67 -9.38 8.55
C LEU A 32 1.65 -8.68 9.49
N ASP A 33 1.61 -7.37 9.54
CA ASP A 33 2.53 -6.63 10.44
C ASP A 33 1.97 -6.66 11.87
N GLY A 34 0.93 -7.41 12.10
CA GLY A 34 0.33 -7.47 13.46
C GLY A 34 -1.02 -6.77 13.46
N ILE A 35 -1.34 -6.08 12.41
CA ILE A 35 -2.66 -5.37 12.33
C ILE A 35 -3.66 -6.26 11.61
N MET A 36 -4.92 -5.89 11.62
CA MET A 36 -5.95 -6.70 10.92
C MET A 36 -6.84 -5.77 10.10
N PHE A 37 -6.41 -5.39 8.93
CA PHE A 37 -7.25 -4.47 8.11
C PHE A 37 -6.57 -4.19 6.76
N ILE A 38 -6.90 -3.09 6.14
CA ILE A 38 -6.29 -2.75 4.82
C ILE A 38 -4.78 -2.55 4.99
N ASN A 39 -4.06 -3.60 5.27
CA ASN A 39 -2.59 -3.46 5.45
C ASN A 39 -1.94 -3.06 4.13
N LYS A 40 -2.48 -3.51 3.03
CA LYS A 40 -1.87 -3.16 1.71
C LYS A 40 -1.53 -1.67 1.70
N CYS A 41 -2.45 -0.84 2.10
CA CYS A 41 -2.16 0.62 2.12
C CYS A 41 -1.22 0.90 3.30
N ALA A 42 -1.46 0.28 4.41
CA ALA A 42 -0.59 0.49 5.60
C ALA A 42 0.83 0.05 5.27
N THR A 43 0.98 -0.91 4.38
CA THR A 43 2.36 -1.37 4.03
C THR A 43 2.76 -0.76 2.68
N CYS A 44 1.81 -0.48 1.84
CA CYS A 44 2.13 0.10 0.51
C CYS A 44 2.53 1.57 0.68
N LYS A 45 1.96 2.26 1.63
CA LYS A 45 2.31 3.69 1.82
C LYS A 45 3.82 3.84 1.96
N MET A 46 4.45 2.96 2.69
CA MET A 46 5.93 3.04 2.85
C MET A 46 6.61 2.41 1.64
N ILE A 47 5.97 1.43 1.05
CA ILE A 47 6.58 0.78 -0.14
C ILE A 47 6.30 1.63 -1.38
N LEU A 48 5.34 2.50 -1.30
CA LEU A 48 5.03 3.37 -2.46
C LEU A 48 6.15 4.40 -2.64
N GLU A 49 6.69 4.89 -1.55
CA GLU A 49 7.79 5.88 -1.65
C GLU A 49 8.98 5.24 -2.36
N LYS A 50 9.17 3.96 -2.21
CA LYS A 50 10.32 3.29 -2.87
C LYS A 50 10.20 3.44 -4.38
N GLU A 51 9.01 3.33 -4.91
CA GLU A 51 8.83 3.47 -6.38
C GLU A 51 9.29 4.86 -6.83
N ALA A 52 9.12 5.84 -5.98
CA ALA A 52 9.54 7.22 -6.36
C ALA A 52 11.05 7.25 -6.58
N LYS A 53 11.78 6.40 -5.91
CA LYS A 53 13.26 6.38 -6.08
C LYS A 53 13.59 6.03 -7.53
N SER A 54 12.83 5.17 -8.13
CA SER A 54 13.11 4.79 -9.54
C SER A 54 12.85 6.00 -10.45
N GLN A 55 12.02 6.91 -10.02
CA GLN A 55 11.72 8.10 -10.86
C GLN A 55 12.39 9.34 -10.24
N LYS A 1 11.25 -8.82 -1.56
CA LYS A 1 10.35 -9.81 -2.22
C LYS A 1 9.12 -10.05 -1.35
N ASN A 2 8.30 -9.03 -1.20
CA ASN A 2 7.07 -9.20 -0.37
C ASN A 2 5.84 -9.28 -1.27
N GLU A 3 5.01 -10.26 -1.08
CA GLU A 3 3.79 -10.39 -1.93
C GLU A 3 2.94 -9.14 -1.78
N ASP A 4 3.02 -8.49 -0.65
CA ASP A 4 2.21 -7.26 -0.44
C ASP A 4 2.61 -6.21 -1.46
N GLN A 5 3.84 -6.24 -1.91
CA GLN A 5 4.29 -5.24 -2.91
C GLN A 5 3.48 -5.40 -4.21
N GLU A 6 3.26 -6.62 -4.62
CA GLU A 6 2.48 -6.85 -5.86
C GLU A 6 1.09 -6.24 -5.72
N MET A 7 0.43 -6.49 -4.62
CA MET A 7 -0.93 -5.92 -4.42
C MET A 7 -0.84 -4.39 -4.39
N CYS A 8 0.27 -3.86 -3.98
CA CYS A 8 0.41 -2.37 -3.94
C CYS A 8 0.17 -1.79 -5.33
N HIS A 9 0.67 -2.44 -6.35
CA HIS A 9 0.48 -1.92 -7.73
C HIS A 9 -0.99 -1.50 -7.92
N GLU A 10 -1.91 -2.40 -7.64
CA GLU A 10 -3.35 -2.05 -7.81
C GLU A 10 -3.69 -0.81 -6.99
N PHE A 11 -3.08 -0.65 -5.84
CA PHE A 11 -3.39 0.55 -5.00
C PHE A 11 -2.71 1.78 -5.59
N GLN A 12 -1.91 1.61 -6.62
CA GLN A 12 -1.24 2.77 -7.24
C GLN A 12 -2.29 3.72 -7.81
N ALA A 13 -3.36 3.19 -8.34
CA ALA A 13 -4.42 4.05 -8.92
C ALA A 13 -4.95 5.01 -7.84
N PHE A 14 -4.96 4.58 -6.61
CA PHE A 14 -5.46 5.46 -5.51
C PHE A 14 -4.31 6.31 -4.98
N MET A 15 -3.12 6.09 -5.45
CA MET A 15 -1.96 6.89 -4.96
C MET A 15 -1.95 8.25 -5.67
N LYS A 16 -1.97 9.31 -4.92
CA LYS A 16 -1.97 10.67 -5.55
C LYS A 16 -0.74 11.44 -5.09
N ASN A 17 -0.27 12.36 -5.88
CA ASN A 17 0.93 13.14 -5.47
C ASN A 17 2.02 12.19 -4.97
N GLY A 18 2.15 11.05 -5.58
CA GLY A 18 3.20 10.08 -5.13
C GLY A 18 2.92 9.69 -3.67
N LYS A 19 1.68 9.60 -3.30
CA LYS A 19 1.34 9.22 -1.89
C LYS A 19 0.12 8.32 -1.88
N LEU A 20 0.20 7.20 -1.22
CA LEU A 20 -0.97 6.27 -1.18
C LEU A 20 -1.97 6.77 -0.14
N PHE A 21 -3.19 6.99 -0.54
CA PHE A 21 -4.21 7.48 0.44
C PHE A 21 -4.96 6.29 1.04
N CYS A 22 -4.39 5.65 2.02
CA CYS A 22 -5.06 4.48 2.66
C CYS A 22 -6.56 4.76 2.80
N PRO A 23 -7.37 4.19 1.90
CA PRO A 23 -8.81 4.36 1.91
C PRO A 23 -9.50 3.30 2.77
N GLN A 24 -10.66 3.59 3.29
CA GLN A 24 -11.37 2.60 4.13
C GLN A 24 -12.31 1.76 3.26
N ASP A 25 -12.01 1.65 1.99
CA ASP A 25 -12.88 0.85 1.09
C ASP A 25 -12.73 -0.64 1.42
N LYS A 26 -11.54 -1.06 1.75
CA LYS A 26 -11.33 -2.50 2.08
C LYS A 26 -11.78 -2.77 3.51
N LYS A 27 -12.07 -4.00 3.83
CA LYS A 27 -12.52 -4.33 5.21
C LYS A 27 -11.82 -5.61 5.69
N PRO A 28 -12.17 -6.77 5.12
CA PRO A 28 -11.57 -8.05 5.49
C PRO A 28 -10.09 -8.14 5.09
N ILE A 29 -9.26 -7.33 5.69
CA ILE A 29 -7.81 -7.36 5.34
C ILE A 29 -6.99 -7.56 6.62
N GLN A 30 -5.71 -7.80 6.48
CA GLN A 30 -4.84 -7.98 7.66
C GLN A 30 -3.43 -7.51 7.29
N SER A 31 -2.86 -6.63 8.07
CA SER A 31 -1.50 -6.12 7.73
C SER A 31 -0.44 -7.12 8.16
N LEU A 32 0.59 -7.25 7.37
CA LEU A 32 1.68 -8.21 7.70
C LEU A 32 2.71 -7.54 8.61
N ASP A 33 2.70 -6.23 8.65
CA ASP A 33 3.68 -5.51 9.51
C ASP A 33 3.26 -5.62 10.98
N GLY A 34 2.19 -6.30 11.26
CA GLY A 34 1.73 -6.44 12.67
C GLY A 34 0.58 -5.46 12.91
N ILE A 35 -0.11 -5.07 11.88
CA ILE A 35 -1.24 -4.12 12.05
C ILE A 35 -2.54 -4.77 11.58
N MET A 36 -3.64 -4.40 12.18
CA MET A 36 -4.95 -5.00 11.76
C MET A 36 -5.69 -4.00 10.87
N PHE A 37 -4.97 -3.27 10.07
CA PHE A 37 -5.63 -2.27 9.18
C PHE A 37 -5.49 -2.72 7.72
N ILE A 38 -6.21 -2.09 6.83
CA ILE A 38 -6.11 -2.48 5.39
C ILE A 38 -4.63 -2.67 5.03
N ASN A 39 -4.21 -3.89 4.86
CA ASN A 39 -2.79 -4.15 4.53
C ASN A 39 -2.43 -3.55 3.18
N LYS A 40 -3.10 -3.94 2.14
CA LYS A 40 -2.78 -3.41 0.79
C LYS A 40 -2.46 -1.93 0.86
N CYS A 41 -3.39 -1.13 1.30
CA CYS A 41 -3.13 0.34 1.38
C CYS A 41 -2.08 0.59 2.46
N ALA A 42 -2.14 -0.15 3.53
CA ALA A 42 -1.17 0.04 4.65
C ALA A 42 0.25 -0.35 4.20
N THR A 43 0.37 -1.30 3.32
CA THR A 43 1.74 -1.69 2.87
C THR A 43 2.05 -1.01 1.54
N CYS A 44 1.06 -0.91 0.68
CA CYS A 44 1.30 -0.24 -0.63
C CYS A 44 1.81 1.17 -0.37
N LYS A 45 1.25 1.85 0.59
CA LYS A 45 1.72 3.24 0.89
C LYS A 45 3.24 3.22 1.09
N MET A 46 3.73 2.26 1.83
CA MET A 46 5.21 2.18 2.05
C MET A 46 5.87 1.63 0.78
N ILE A 47 5.18 0.80 0.06
CA ILE A 47 5.76 0.22 -1.18
C ILE A 47 5.73 1.28 -2.29
N LEU A 48 4.82 2.21 -2.21
CA LEU A 48 4.75 3.27 -3.25
C LEU A 48 5.84 4.32 -2.98
N GLU A 49 6.22 4.49 -1.74
CA GLU A 49 7.27 5.49 -1.40
C GLU A 49 8.61 5.00 -1.95
N LYS A 50 8.81 3.71 -1.98
CA LYS A 50 10.11 3.16 -2.49
C LYS A 50 10.32 3.64 -3.94
N GLU A 51 9.26 3.72 -4.69
CA GLU A 51 9.40 4.18 -6.11
C GLU A 51 10.01 5.58 -6.14
N ALA A 52 9.68 6.40 -5.16
CA ALA A 52 10.24 7.78 -5.13
C ALA A 52 11.76 7.71 -4.98
N LYS A 53 12.26 6.66 -4.37
CA LYS A 53 13.73 6.54 -4.19
C LYS A 53 14.42 6.51 -5.56
N SER A 54 13.76 5.97 -6.54
CA SER A 54 14.37 5.92 -7.90
C SER A 54 14.65 7.34 -8.39
N GLN A 55 13.89 8.29 -7.94
CA GLN A 55 14.12 9.70 -8.38
C GLN A 55 14.37 10.57 -7.15
#